data_6U6L
# 
_entry.id   6U6L 
# 
_audit_conform.dict_name       mmcif_pdbx.dic 
_audit_conform.dict_version    5.381 
_audit_conform.dict_location   http://mmcif.pdb.org/dictionaries/ascii/mmcif_pdbx.dic 
# 
loop_
_database_2.database_id 
_database_2.database_code 
_database_2.pdbx_database_accession 
_database_2.pdbx_DOI 
PDB   6U6L         pdb_00006u6l 10.2210/pdb6u6l/pdb 
WWPDB D_1000243900 ?            ?                   
# 
_pdbx_database_status.status_code                     REL 
_pdbx_database_status.status_code_sf                  REL 
_pdbx_database_status.status_code_mr                  ? 
_pdbx_database_status.entry_id                        6U6L 
_pdbx_database_status.recvd_initial_deposition_date   2019-08-30 
_pdbx_database_status.SG_entry                        N 
_pdbx_database_status.deposit_site                    RCSB 
_pdbx_database_status.process_site                    RCSB 
_pdbx_database_status.status_code_cs                  ? 
_pdbx_database_status.methods_development_category    ? 
_pdbx_database_status.pdb_format_compatible           Y 
_pdbx_database_status.status_code_nmr_data            ? 
# 
loop_
_audit_author.name 
_audit_author.pdbx_ordinal 
_audit_author.identifier_ORCID 
'Patel, K.'     1 0000-0003-3034-3840 
'Walshe, J.L.'  2 0000-0001-7220-3120 
'Walport, L.J.' 3 0000-0002-3795-8365 
'Mackay, J.P.'  4 0000-0001-7508-8033 
# 
_citation.abstract                  ? 
_citation.abstract_id_CAS           ? 
_citation.book_id_ISBN              ? 
_citation.book_publisher            ? 
_citation.book_publisher_city       ? 
_citation.book_title                ? 
_citation.coordinate_linkage        ? 
_citation.country                   US 
_citation.database_id_Medline       ? 
_citation.details                   ? 
_citation.id                        primary 
_citation.journal_abbrev            Proc.Natl.Acad.Sci.USA 
_citation.journal_id_ASTM           PNASA6 
_citation.journal_id_CSD            0040 
_citation.journal_id_ISSN           1091-6490 
_citation.journal_full              ? 
_citation.journal_issue             ? 
_citation.journal_volume            117 
_citation.language                  ? 
_citation.page_first                26728 
_citation.page_last                 26738 
_citation.title                     'Cyclic peptides can engage a single binding pocket through highly divergent modes.' 
_citation.year                      2020 
_citation.database_id_CSD           ? 
_citation.pdbx_database_id_DOI      10.1073/pnas.2003086117 
_citation.pdbx_database_id_PubMed   33046654 
_citation.unpublished_flag          ? 
# 
loop_
_citation_author.citation_id 
_citation_author.name 
_citation_author.ordinal 
_citation_author.identifier_ORCID 
primary 'Patel, K.'           1  0000-0003-3034-3840 
primary 'Walport, L.J.'       2  0000-0002-3795-8365 
primary 'Walshe, J.L.'        3  0000-0001-7220-3120 
primary 'Solomon, P.D.'       4  ?                   
primary 'Low, J.K.K.'         5  0000-0003-0862-0012 
primary 'Tran, D.H.'          6  0000-0002-2327-9468 
primary 'Mouradian, K.S.'     7  ?                   
primary 'Silva, A.P.G.'       8  0000-0001-7922-264X 
primary 'Wilkinson-White, L.' 9  ?                   
primary 'Norman, A.'          10 ?                   
primary 'Franck, C.'          11 ?                   
primary 'Matthews, J.M.'      12 ?                   
primary 'Guss, J.M.'          13 0000-0003-4259-6079 
primary 'Payne, R.J.'         14 0000-0002-3618-9226 
primary 'Passioura, T.'       15 0000-0002-6089-5067 
primary 'Suga, H.'            16 0000-0002-5298-9186 
primary 'Mackay, J.P.'        17 0000-0001-7508-8033 
# 
_cell.angle_alpha                  90.000 
_cell.angle_alpha_esd              ? 
_cell.angle_beta                   90.000 
_cell.angle_beta_esd               ? 
_cell.angle_gamma                  90.000 
_cell.angle_gamma_esd              ? 
_cell.entry_id                     6U6L 
_cell.details                      ? 
_cell.formula_units_Z              ? 
_cell.length_a                     32.399 
_cell.length_a_esd                 ? 
_cell.length_b                     56.514 
_cell.length_b_esd                 ? 
_cell.length_c                     73.336 
_cell.length_c_esd                 ? 
_cell.volume                       134278.002 
_cell.volume_esd                   ? 
_cell.Z_PDB                        4 
_cell.reciprocal_angle_alpha       ? 
_cell.reciprocal_angle_beta        ? 
_cell.reciprocal_angle_gamma       ? 
_cell.reciprocal_angle_alpha_esd   ? 
_cell.reciprocal_angle_beta_esd    ? 
_cell.reciprocal_angle_gamma_esd   ? 
_cell.reciprocal_length_a          ? 
_cell.reciprocal_length_b          ? 
_cell.reciprocal_length_c          ? 
_cell.reciprocal_length_a_esd      ? 
_cell.reciprocal_length_b_esd      ? 
_cell.reciprocal_length_c_esd      ? 
_cell.pdbx_unique_axis             ? 
# 
_symmetry.entry_id                         6U6L 
_symmetry.cell_setting                     ? 
_symmetry.Int_Tables_number                18 
_symmetry.space_group_name_Hall            'P 2 2ab (z,x,y)' 
_symmetry.space_group_name_H-M             'P 2 21 21' 
_symmetry.pdbx_full_space_group_name_H-M   ? 
# 
loop_
_entity.id 
_entity.type 
_entity.src_method 
_entity.pdbx_description 
_entity.formula_weight 
_entity.pdbx_number_of_molecules 
_entity.pdbx_ec 
_entity.pdbx_mutation 
_entity.pdbx_fragment 
_entity.details 
1 polymer     man 'Bromodomain-containing protein 4' 14186.333 1  ? ? ? ? 
2 polymer     syn 'Cyclic peptide 3.1_2'             1918.265  1  ? ? ? ? 
3 non-polymer syn 'AMINO GROUP'                      16.023    1  ? ? ? ? 
4 non-polymer syn GLYCEROL                           92.094    1  ? ? ? ? 
5 water       nat water                              18.015    16 ? ? ? ? 
# 
_entity_name_com.entity_id   1 
_entity_name_com.name        'Protein HUNK1' 
# 
loop_
_entity_poly.entity_id 
_entity_poly.type 
_entity_poly.nstd_linkage 
_entity_poly.nstd_monomer 
_entity_poly.pdbx_seq_one_letter_code 
_entity_poly.pdbx_seq_one_letter_code_can 
_entity_poly.pdbx_strand_id 
_entity_poly.pdbx_target_identifier 
1 'polypeptide(L)' no no  
;QGPLGSSKVSEQLKCCSGILKEMFAKKHAAYAWPFYKPVDVEALGLHDYCDIIKHPMDMSTIKSKLEAREYRDAQEFGAD
VRLMFSNCYKYNPPDHEVVAMARKLQDVFEMRFAKMPDEPEEP
;
;QGPLGSSKVSEQLKCCSGILKEMFAKKHAAYAWPFYKPVDVEALGLHDYCDIIKHPMDMSTIKSKLEAREYRDAQEFGAD
VRLMFSNCYKYNPPDHEVVAMARKLQDVFEMRFAKMPDEPEEP
;
A ? 
2 'polypeptide(L)' no yes '(ACE)WKTI(ALY)G(ALY)TWRT(ALY)QC' XWKTIKGKTWRTKQC B ? 
# 
loop_
_entity_poly_seq.entity_id 
_entity_poly_seq.num 
_entity_poly_seq.mon_id 
_entity_poly_seq.hetero 
1 1   GLN n 
1 2   GLY n 
1 3   PRO n 
1 4   LEU n 
1 5   GLY n 
1 6   SER n 
1 7   SER n 
1 8   LYS n 
1 9   VAL n 
1 10  SER n 
1 11  GLU n 
1 12  GLN n 
1 13  LEU n 
1 14  LYS n 
1 15  CYS n 
1 16  CYS n 
1 17  SER n 
1 18  GLY n 
1 19  ILE n 
1 20  LEU n 
1 21  LYS n 
1 22  GLU n 
1 23  MET n 
1 24  PHE n 
1 25  ALA n 
1 26  LYS n 
1 27  LYS n 
1 28  HIS n 
1 29  ALA n 
1 30  ALA n 
1 31  TYR n 
1 32  ALA n 
1 33  TRP n 
1 34  PRO n 
1 35  PHE n 
1 36  TYR n 
1 37  LYS n 
1 38  PRO n 
1 39  VAL n 
1 40  ASP n 
1 41  VAL n 
1 42  GLU n 
1 43  ALA n 
1 44  LEU n 
1 45  GLY n 
1 46  LEU n 
1 47  HIS n 
1 48  ASP n 
1 49  TYR n 
1 50  CYS n 
1 51  ASP n 
1 52  ILE n 
1 53  ILE n 
1 54  LYS n 
1 55  HIS n 
1 56  PRO n 
1 57  MET n 
1 58  ASP n 
1 59  MET n 
1 60  SER n 
1 61  THR n 
1 62  ILE n 
1 63  LYS n 
1 64  SER n 
1 65  LYS n 
1 66  LEU n 
1 67  GLU n 
1 68  ALA n 
1 69  ARG n 
1 70  GLU n 
1 71  TYR n 
1 72  ARG n 
1 73  ASP n 
1 74  ALA n 
1 75  GLN n 
1 76  GLU n 
1 77  PHE n 
1 78  GLY n 
1 79  ALA n 
1 80  ASP n 
1 81  VAL n 
1 82  ARG n 
1 83  LEU n 
1 84  MET n 
1 85  PHE n 
1 86  SER n 
1 87  ASN n 
1 88  CYS n 
1 89  TYR n 
1 90  LYS n 
1 91  TYR n 
1 92  ASN n 
1 93  PRO n 
1 94  PRO n 
1 95  ASP n 
1 96  HIS n 
1 97  GLU n 
1 98  VAL n 
1 99  VAL n 
1 100 ALA n 
1 101 MET n 
1 102 ALA n 
1 103 ARG n 
1 104 LYS n 
1 105 LEU n 
1 106 GLN n 
1 107 ASP n 
1 108 VAL n 
1 109 PHE n 
1 110 GLU n 
1 111 MET n 
1 112 ARG n 
1 113 PHE n 
1 114 ALA n 
1 115 LYS n 
1 116 MET n 
1 117 PRO n 
1 118 ASP n 
1 119 GLU n 
1 120 PRO n 
1 121 GLU n 
1 122 GLU n 
1 123 PRO n 
2 1   ACE n 
2 2   TRP n 
2 3   LYS n 
2 4   THR n 
2 5   ILE n 
2 6   ALY n 
2 7   GLY n 
2 8   ALY n 
2 9   THR n 
2 10  TRP n 
2 11  ARG n 
2 12  THR n 
2 13  ALY n 
2 14  GLN n 
2 15  CYS n 
# 
_entity_src_gen.entity_id                          1 
_entity_src_gen.pdbx_src_id                        1 
_entity_src_gen.pdbx_alt_source_flag               sample 
_entity_src_gen.pdbx_seq_type                      'Biological sequence' 
_entity_src_gen.pdbx_beg_seq_num                   1 
_entity_src_gen.pdbx_end_seq_num                   123 
_entity_src_gen.gene_src_common_name               Human 
_entity_src_gen.gene_src_genus                     ? 
_entity_src_gen.pdbx_gene_src_gene                 'BRD4, HUNK1' 
_entity_src_gen.gene_src_species                   ? 
_entity_src_gen.gene_src_strain                    ? 
_entity_src_gen.gene_src_tissue                    ? 
_entity_src_gen.gene_src_tissue_fraction           ? 
_entity_src_gen.gene_src_details                   ? 
_entity_src_gen.pdbx_gene_src_fragment             ? 
_entity_src_gen.pdbx_gene_src_scientific_name      'Homo sapiens' 
_entity_src_gen.pdbx_gene_src_ncbi_taxonomy_id     9606 
_entity_src_gen.pdbx_gene_src_variant              ? 
_entity_src_gen.pdbx_gene_src_cell_line            ? 
_entity_src_gen.pdbx_gene_src_atcc                 ? 
_entity_src_gen.pdbx_gene_src_organ                ? 
_entity_src_gen.pdbx_gene_src_organelle            ? 
_entity_src_gen.pdbx_gene_src_cell                 ? 
_entity_src_gen.pdbx_gene_src_cellular_location    ? 
_entity_src_gen.host_org_common_name               ? 
_entity_src_gen.pdbx_host_org_scientific_name      'Escherichia coli' 
_entity_src_gen.pdbx_host_org_ncbi_taxonomy_id     562 
_entity_src_gen.host_org_genus                     ? 
_entity_src_gen.pdbx_host_org_gene                 ? 
_entity_src_gen.pdbx_host_org_organ                ? 
_entity_src_gen.host_org_species                   ? 
_entity_src_gen.pdbx_host_org_tissue               ? 
_entity_src_gen.pdbx_host_org_tissue_fraction      ? 
_entity_src_gen.pdbx_host_org_strain               ? 
_entity_src_gen.pdbx_host_org_variant              ? 
_entity_src_gen.pdbx_host_org_cell_line            ? 
_entity_src_gen.pdbx_host_org_atcc                 ? 
_entity_src_gen.pdbx_host_org_culture_collection   ? 
_entity_src_gen.pdbx_host_org_cell                 ? 
_entity_src_gen.pdbx_host_org_organelle            ? 
_entity_src_gen.pdbx_host_org_cellular_location    ? 
_entity_src_gen.pdbx_host_org_vector_type          ? 
_entity_src_gen.pdbx_host_org_vector               ? 
_entity_src_gen.host_org_details                   ? 
_entity_src_gen.expression_system_id               ? 
_entity_src_gen.plasmid_name                       ? 
_entity_src_gen.plasmid_details                    ? 
_entity_src_gen.pdbx_description                   ? 
# 
_pdbx_entity_src_syn.entity_id              2 
_pdbx_entity_src_syn.pdbx_src_id            1 
_pdbx_entity_src_syn.pdbx_alt_source_flag   sample 
_pdbx_entity_src_syn.pdbx_beg_seq_num       1 
_pdbx_entity_src_syn.pdbx_end_seq_num       15 
_pdbx_entity_src_syn.organism_scientific    'synthetic construct' 
_pdbx_entity_src_syn.organism_common_name   ? 
_pdbx_entity_src_syn.ncbi_taxonomy_id       32630 
_pdbx_entity_src_syn.details                ? 
# 
loop_
_struct_ref.id 
_struct_ref.db_name 
_struct_ref.db_code 
_struct_ref.pdbx_db_accession 
_struct_ref.pdbx_db_isoform 
_struct_ref.entity_id 
_struct_ref.pdbx_seq_one_letter_code 
_struct_ref.pdbx_align_begin 
1 UNP BRD4_HUMAN O60885 ? 1 
;SSKVSEQLKCCSGILKEMFAKKHAAYAWPFYKPVDVEALGLHDYCDIIKHPMDMSTIKSKLEAREYRDAQEFGADVRLMF
SNCYKYNPPDHEVVAMARKLQDVFEMRFAKMPDEPEEP
;
347 
2 PDB 6U6L       6U6L   ? 2 ? 1   
# 
loop_
_struct_ref_seq.align_id 
_struct_ref_seq.ref_id 
_struct_ref_seq.pdbx_PDB_id_code 
_struct_ref_seq.pdbx_strand_id 
_struct_ref_seq.seq_align_beg 
_struct_ref_seq.pdbx_seq_align_beg_ins_code 
_struct_ref_seq.seq_align_end 
_struct_ref_seq.pdbx_seq_align_end_ins_code 
_struct_ref_seq.pdbx_db_accession 
_struct_ref_seq.db_align_beg 
_struct_ref_seq.pdbx_db_align_beg_ins_code 
_struct_ref_seq.db_align_end 
_struct_ref_seq.pdbx_db_align_end_ins_code 
_struct_ref_seq.pdbx_auth_seq_align_beg 
_struct_ref_seq.pdbx_auth_seq_align_end 
1 1 6U6L A 6 ? 123 ? O60885 347 ? 464 ? 347 464 
2 2 6U6L B 1 ? 15  ? 6U6L   0   ? 14  ? 0   14  
# 
loop_
_struct_ref_seq_dif.align_id 
_struct_ref_seq_dif.pdbx_pdb_id_code 
_struct_ref_seq_dif.mon_id 
_struct_ref_seq_dif.pdbx_pdb_strand_id 
_struct_ref_seq_dif.seq_num 
_struct_ref_seq_dif.pdbx_pdb_ins_code 
_struct_ref_seq_dif.pdbx_seq_db_name 
_struct_ref_seq_dif.pdbx_seq_db_accession_code 
_struct_ref_seq_dif.db_mon_id 
_struct_ref_seq_dif.pdbx_seq_db_seq_num 
_struct_ref_seq_dif.details 
_struct_ref_seq_dif.pdbx_auth_seq_num 
_struct_ref_seq_dif.pdbx_ordinal 
1 6U6L GLN A 1 ? UNP O60885 ? ? 'expression tag' 342 1 
1 6U6L GLY A 2 ? UNP O60885 ? ? 'expression tag' 343 2 
1 6U6L PRO A 3 ? UNP O60885 ? ? 'expression tag' 344 3 
1 6U6L LEU A 4 ? UNP O60885 ? ? 'expression tag' 345 4 
1 6U6L GLY A 5 ? UNP O60885 ? ? 'expression tag' 346 5 
# 
loop_
_chem_comp.id 
_chem_comp.type 
_chem_comp.mon_nstd_flag 
_chem_comp.name 
_chem_comp.pdbx_synonyms 
_chem_comp.formula 
_chem_comp.formula_weight 
ACE non-polymer         . 'ACETYL GROUP'      ?                               'C2 H4 O'        44.053  
ALA 'L-peptide linking' y ALANINE             ?                               'C3 H7 N O2'     89.093  
ALY 'L-peptide linking' n 'N(6)-ACETYLLYSINE' ?                               'C8 H16 N2 O3'   188.224 
ARG 'L-peptide linking' y ARGININE            ?                               'C6 H15 N4 O2 1' 175.209 
ASN 'L-peptide linking' y ASPARAGINE          ?                               'C4 H8 N2 O3'    132.118 
ASP 'L-peptide linking' y 'ASPARTIC ACID'     ?                               'C4 H7 N O4'     133.103 
CYS 'L-peptide linking' y CYSTEINE            ?                               'C3 H7 N O2 S'   121.158 
GLN 'L-peptide linking' y GLUTAMINE           ?                               'C5 H10 N2 O3'   146.144 
GLU 'L-peptide linking' y 'GLUTAMIC ACID'     ?                               'C5 H9 N O4'     147.129 
GLY 'peptide linking'   y GLYCINE             ?                               'C2 H5 N O2'     75.067  
GOL non-polymer         . GLYCEROL            'GLYCERIN; PROPANE-1,2,3-TRIOL' 'C3 H8 O3'       92.094  
HIS 'L-peptide linking' y HISTIDINE           ?                               'C6 H10 N3 O2 1' 156.162 
HOH non-polymer         . WATER               ?                               'H2 O'           18.015  
ILE 'L-peptide linking' y ISOLEUCINE          ?                               'C6 H13 N O2'    131.173 
LEU 'L-peptide linking' y LEUCINE             ?                               'C6 H13 N O2'    131.173 
LYS 'L-peptide linking' y LYSINE              ?                               'C6 H15 N2 O2 1' 147.195 
MET 'L-peptide linking' y METHIONINE          ?                               'C5 H11 N O2 S'  149.211 
NH2 non-polymer         . 'AMINO GROUP'       ?                               'H2 N'           16.023  
PHE 'L-peptide linking' y PHENYLALANINE       ?                               'C9 H11 N O2'    165.189 
PRO 'L-peptide linking' y PROLINE             ?                               'C5 H9 N O2'     115.130 
SER 'L-peptide linking' y SERINE              ?                               'C3 H7 N O3'     105.093 
THR 'L-peptide linking' y THREONINE           ?                               'C4 H9 N O3'     119.119 
TRP 'L-peptide linking' y TRYPTOPHAN          ?                               'C11 H12 N2 O2'  204.225 
TYR 'L-peptide linking' y TYROSINE            ?                               'C9 H11 N O3'    181.189 
VAL 'L-peptide linking' y VALINE              ?                               'C5 H11 N O2'    117.146 
# 
_exptl.absorpt_coefficient_mu     ? 
_exptl.absorpt_correction_T_max   ? 
_exptl.absorpt_correction_T_min   ? 
_exptl.absorpt_correction_type    ? 
_exptl.absorpt_process_details    ? 
_exptl.entry_id                   6U6L 
_exptl.crystals_number            1 
_exptl.details                    ? 
_exptl.method                     'X-RAY DIFFRACTION' 
_exptl.method_details             ? 
# 
_exptl_crystal.colour                      ? 
_exptl_crystal.density_diffrn              ? 
_exptl_crystal.density_Matthews            2.24 
_exptl_crystal.density_method              ? 
_exptl_crystal.density_percent_sol         45.10 
_exptl_crystal.description                 ? 
_exptl_crystal.F_000                       ? 
_exptl_crystal.id                          1 
_exptl_crystal.preparation                 ? 
_exptl_crystal.size_max                    ? 
_exptl_crystal.size_mid                    ? 
_exptl_crystal.size_min                    ? 
_exptl_crystal.size_rad                    ? 
_exptl_crystal.colour_lustre               ? 
_exptl_crystal.colour_modifier             ? 
_exptl_crystal.colour_primary              ? 
_exptl_crystal.density_meas                ? 
_exptl_crystal.density_meas_esd            ? 
_exptl_crystal.density_meas_gt             ? 
_exptl_crystal.density_meas_lt             ? 
_exptl_crystal.density_meas_temp           ? 
_exptl_crystal.density_meas_temp_esd       ? 
_exptl_crystal.density_meas_temp_gt        ? 
_exptl_crystal.density_meas_temp_lt        ? 
_exptl_crystal.pdbx_crystal_image_url      ? 
_exptl_crystal.pdbx_crystal_image_format   ? 
_exptl_crystal.pdbx_mosaicity              ? 
_exptl_crystal.pdbx_mosaicity_esd          ? 
# 
_exptl_crystal_grow.apparatus       ? 
_exptl_crystal_grow.atmosphere      ? 
_exptl_crystal_grow.crystal_id      1 
_exptl_crystal_grow.details         ? 
_exptl_crystal_grow.method          'VAPOR DIFFUSION, SITTING DROP' 
_exptl_crystal_grow.method_ref      ? 
_exptl_crystal_grow.pH              ? 
_exptl_crystal_grow.pressure        ? 
_exptl_crystal_grow.pressure_esd    ? 
_exptl_crystal_grow.seeding         ? 
_exptl_crystal_grow.seeding_ref     ? 
_exptl_crystal_grow.temp            291 
_exptl_crystal_grow.temp_details    ? 
_exptl_crystal_grow.temp_esd        ? 
_exptl_crystal_grow.time            ? 
_exptl_crystal_grow.pdbx_details    '0.2 M sodium chloride, 0.1 M HEPES pH 7.5, 25% w/v PEG3350' 
_exptl_crystal_grow.pdbx_pH_range   ? 
# 
_diffrn.ambient_environment              ? 
_diffrn.ambient_temp                     100 
_diffrn.ambient_temp_details             ? 
_diffrn.ambient_temp_esd                 ? 
_diffrn.crystal_id                       1 
_diffrn.crystal_support                  ? 
_diffrn.crystal_treatment                ? 
_diffrn.details                          ? 
_diffrn.id                               1 
_diffrn.ambient_pressure                 ? 
_diffrn.ambient_pressure_esd             ? 
_diffrn.ambient_pressure_gt              ? 
_diffrn.ambient_pressure_lt              ? 
_diffrn.ambient_temp_gt                  ? 
_diffrn.ambient_temp_lt                  ? 
_diffrn.pdbx_serial_crystal_experiment   N 
# 
_diffrn_detector.details                      ? 
_diffrn_detector.detector                     CCD 
_diffrn_detector.diffrn_id                    1 
_diffrn_detector.type                         'ADSC QUANTUM 210r' 
_diffrn_detector.area_resol_mean              ? 
_diffrn_detector.dtime                        ? 
_diffrn_detector.pdbx_frames_total            ? 
_diffrn_detector.pdbx_collection_time_total   ? 
_diffrn_detector.pdbx_collection_date         2018-03-22 
_diffrn_detector.pdbx_frequency               ? 
# 
_diffrn_radiation.collimation                      ? 
_diffrn_radiation.diffrn_id                        1 
_diffrn_radiation.filter_edge                      ? 
_diffrn_radiation.inhomogeneity                    ? 
_diffrn_radiation.monochromator                    ? 
_diffrn_radiation.polarisn_norm                    ? 
_diffrn_radiation.polarisn_ratio                   ? 
_diffrn_radiation.probe                            ? 
_diffrn_radiation.type                             ? 
_diffrn_radiation.xray_symbol                      ? 
_diffrn_radiation.wavelength_id                    1 
_diffrn_radiation.pdbx_monochromatic_or_laue_m_l   M 
_diffrn_radiation.pdbx_wavelength_list             ? 
_diffrn_radiation.pdbx_wavelength                  ? 
_diffrn_radiation.pdbx_diffrn_protocol             'SINGLE WAVELENGTH' 
_diffrn_radiation.pdbx_analyzer                    ? 
_diffrn_radiation.pdbx_scattering_type             x-ray 
# 
_diffrn_radiation_wavelength.id           1 
_diffrn_radiation_wavelength.wavelength   0.9537 
_diffrn_radiation_wavelength.wt           1.0 
# 
_diffrn_source.current                     ? 
_diffrn_source.details                     ? 
_diffrn_source.diffrn_id                   1 
_diffrn_source.power                       ? 
_diffrn_source.size                        ? 
_diffrn_source.source                      SYNCHROTRON 
_diffrn_source.target                      ? 
_diffrn_source.type                        'AUSTRALIAN SYNCHROTRON BEAMLINE MX1' 
_diffrn_source.voltage                     ? 
_diffrn_source.take-off_angle              ? 
_diffrn_source.pdbx_wavelength_list        0.9537 
_diffrn_source.pdbx_wavelength             ? 
_diffrn_source.pdbx_synchrotron_beamline   MX1 
_diffrn_source.pdbx_synchrotron_site       'Australian Synchrotron' 
# 
_reflns.B_iso_Wilson_estimate            37.68 
_reflns.entry_id                         6U6L 
_reflns.data_reduction_details           ? 
_reflns.data_reduction_method            ? 
_reflns.d_resolution_high                2.6 
_reflns.d_resolution_low                 44.76 
_reflns.details                          ? 
_reflns.limit_h_max                      ? 
_reflns.limit_h_min                      ? 
_reflns.limit_k_max                      ? 
_reflns.limit_k_min                      ? 
_reflns.limit_l_max                      ? 
_reflns.limit_l_min                      ? 
_reflns.number_all                       ? 
_reflns.number_obs                       4501 
_reflns.observed_criterion               ? 
_reflns.observed_criterion_F_max         ? 
_reflns.observed_criterion_F_min         ? 
_reflns.observed_criterion_I_max         ? 
_reflns.observed_criterion_I_min         ? 
_reflns.observed_criterion_sigma_F       ? 
_reflns.observed_criterion_sigma_I       ? 
_reflns.percent_possible_obs             100 
_reflns.R_free_details                   ? 
_reflns.Rmerge_F_all                     ? 
_reflns.Rmerge_F_obs                     ? 
_reflns.Friedel_coverage                 ? 
_reflns.number_gt                        ? 
_reflns.threshold_expression             ? 
_reflns.pdbx_redundancy                  13.8 
_reflns.pdbx_Rmerge_I_obs                ? 
_reflns.pdbx_Rmerge_I_all                ? 
_reflns.pdbx_Rsym_value                  ? 
_reflns.pdbx_netI_over_av_sigmaI         ? 
_reflns.pdbx_netI_over_sigmaI            17.2 
_reflns.pdbx_res_netI_over_av_sigmaI_2   ? 
_reflns.pdbx_res_netI_over_sigmaI_2      ? 
_reflns.pdbx_chi_squared                 ? 
_reflns.pdbx_scaling_rejects             ? 
_reflns.pdbx_d_res_high_opt              ? 
_reflns.pdbx_d_res_low_opt               ? 
_reflns.pdbx_d_res_opt_method            ? 
_reflns.phase_calculation_details        ? 
_reflns.pdbx_Rrim_I_all                  ? 
_reflns.pdbx_Rpim_I_all                  ? 
_reflns.pdbx_d_opt                       ? 
_reflns.pdbx_number_measured_all         ? 
_reflns.pdbx_diffrn_id                   1 
_reflns.pdbx_ordinal                     1 
_reflns.pdbx_CC_half                     0.999 
_reflns.pdbx_R_split                     ? 
# 
_reflns_shell.d_res_high                  2.6 
_reflns_shell.d_res_low                   2.72 
_reflns_shell.meanI_over_sigI_all         ? 
_reflns_shell.meanI_over_sigI_obs         ? 
_reflns_shell.number_measured_all         ? 
_reflns_shell.number_measured_obs         ? 
_reflns_shell.number_possible             ? 
_reflns_shell.number_unique_all           ? 
_reflns_shell.number_unique_obs           548 
_reflns_shell.percent_possible_all        ? 
_reflns_shell.percent_possible_obs        ? 
_reflns_shell.Rmerge_F_all                ? 
_reflns_shell.Rmerge_F_obs                ? 
_reflns_shell.Rmerge_I_all                ? 
_reflns_shell.Rmerge_I_obs                ? 
_reflns_shell.meanI_over_sigI_gt          ? 
_reflns_shell.meanI_over_uI_all           ? 
_reflns_shell.meanI_over_uI_gt            ? 
_reflns_shell.number_measured_gt          ? 
_reflns_shell.number_unique_gt            ? 
_reflns_shell.percent_possible_gt         ? 
_reflns_shell.Rmerge_F_gt                 ? 
_reflns_shell.Rmerge_I_gt                 ? 
_reflns_shell.pdbx_redundancy             ? 
_reflns_shell.pdbx_Rsym_value             ? 
_reflns_shell.pdbx_chi_squared            ? 
_reflns_shell.pdbx_netI_over_sigmaI_all   ? 
_reflns_shell.pdbx_netI_over_sigmaI_obs   ? 
_reflns_shell.pdbx_Rrim_I_all             ? 
_reflns_shell.pdbx_Rpim_I_all             ? 
_reflns_shell.pdbx_rejects                ? 
_reflns_shell.pdbx_ordinal                1 
_reflns_shell.pdbx_diffrn_id              1 
_reflns_shell.pdbx_CC_half                0.966 
_reflns_shell.pdbx_R_split                ? 
# 
_refine.aniso_B[1][1]                            ? 
_refine.aniso_B[1][2]                            ? 
_refine.aniso_B[1][3]                            ? 
_refine.aniso_B[2][2]                            ? 
_refine.aniso_B[2][3]                            ? 
_refine.aniso_B[3][3]                            ? 
_refine.B_iso_max                                ? 
_refine.B_iso_mean                               42.86 
_refine.B_iso_min                                ? 
_refine.correlation_coeff_Fo_to_Fc               ? 
_refine.correlation_coeff_Fo_to_Fc_free          ? 
_refine.details                                  ? 
_refine.diff_density_max                         ? 
_refine.diff_density_max_esd                     ? 
_refine.diff_density_min                         ? 
_refine.diff_density_min_esd                     ? 
_refine.diff_density_rms                         ? 
_refine.diff_density_rms_esd                     ? 
_refine.entry_id                                 6U6L 
_refine.pdbx_refine_id                           'X-RAY DIFFRACTION' 
_refine.ls_abs_structure_details                 ? 
_refine.ls_abs_structure_Flack                   ? 
_refine.ls_abs_structure_Flack_esd               ? 
_refine.ls_abs_structure_Rogers                  ? 
_refine.ls_abs_structure_Rogers_esd              ? 
_refine.ls_d_res_high                            2.60 
_refine.ls_d_res_low                             44.76 
_refine.ls_extinction_coef                       ? 
_refine.ls_extinction_coef_esd                   ? 
_refine.ls_extinction_expression                 ? 
_refine.ls_extinction_method                     ? 
_refine.ls_goodness_of_fit_all                   ? 
_refine.ls_goodness_of_fit_all_esd               ? 
_refine.ls_goodness_of_fit_obs                   ? 
_refine.ls_goodness_of_fit_obs_esd               ? 
_refine.ls_hydrogen_treatment                    ? 
_refine.ls_matrix_type                           ? 
_refine.ls_number_constraints                    ? 
_refine.ls_number_parameters                     ? 
_refine.ls_number_reflns_all                     ? 
_refine.ls_number_reflns_obs                     4472 
_refine.ls_number_reflns_R_free                  235 
_refine.ls_number_reflns_R_work                  ? 
_refine.ls_number_restraints                     ? 
_refine.ls_percent_reflns_obs                    99.87 
_refine.ls_percent_reflns_R_free                 5.25 
_refine.ls_R_factor_all                          ? 
_refine.ls_R_factor_obs                          0.2173 
_refine.ls_R_factor_R_free                       0.2425 
_refine.ls_R_factor_R_free_error                 ? 
_refine.ls_R_factor_R_free_error_details         ? 
_refine.ls_R_factor_R_work                       0.2160 
_refine.ls_R_Fsqd_factor_obs                     ? 
_refine.ls_R_I_factor_obs                        ? 
_refine.ls_redundancy_reflns_all                 ? 
_refine.ls_redundancy_reflns_obs                 ? 
_refine.ls_restrained_S_all                      ? 
_refine.ls_restrained_S_obs                      ? 
_refine.ls_shift_over_esd_max                    ? 
_refine.ls_shift_over_esd_mean                   ? 
_refine.ls_structure_factor_coef                 ? 
_refine.ls_weighting_details                     ? 
_refine.ls_weighting_scheme                      ? 
_refine.ls_wR_factor_all                         ? 
_refine.ls_wR_factor_obs                         ? 
_refine.ls_wR_factor_R_free                      ? 
_refine.ls_wR_factor_R_work                      ? 
_refine.occupancy_max                            ? 
_refine.occupancy_min                            ? 
_refine.solvent_model_details                    ? 
_refine.solvent_model_param_bsol                 ? 
_refine.solvent_model_param_ksol                 ? 
_refine.ls_R_factor_gt                           ? 
_refine.ls_goodness_of_fit_gt                    ? 
_refine.ls_goodness_of_fit_ref                   ? 
_refine.ls_shift_over_su_max                     ? 
_refine.ls_shift_over_su_max_lt                  ? 
_refine.ls_shift_over_su_mean                    ? 
_refine.ls_shift_over_su_mean_lt                 ? 
_refine.pdbx_ls_sigma_I                          ? 
_refine.pdbx_ls_sigma_F                          1.37 
_refine.pdbx_ls_sigma_Fsqd                       ? 
_refine.pdbx_data_cutoff_high_absF               ? 
_refine.pdbx_data_cutoff_high_rms_absF           ? 
_refine.pdbx_data_cutoff_low_absF                ? 
_refine.pdbx_isotropic_thermal_model             ? 
_refine.pdbx_ls_cross_valid_method               'FREE R-VALUE' 
_refine.pdbx_method_to_determine_struct          'MOLECULAR REPLACEMENT' 
_refine.pdbx_starting_model                      5UVV 
_refine.pdbx_stereochemistry_target_values       ? 
_refine.pdbx_R_Free_selection_details            ? 
_refine.pdbx_stereochem_target_val_spec_case     ? 
_refine.pdbx_overall_ESU_R                       ? 
_refine.pdbx_overall_ESU_R_Free                  ? 
_refine.pdbx_solvent_vdw_probe_radii             1.1100 
_refine.pdbx_solvent_ion_probe_radii             ? 
_refine.pdbx_solvent_shrinkage_radii             0.9000 
_refine.pdbx_real_space_R                        ? 
_refine.pdbx_density_correlation                 ? 
_refine.pdbx_pd_number_of_powder_patterns        ? 
_refine.pdbx_pd_number_of_points                 ? 
_refine.pdbx_pd_meas_number_of_points            ? 
_refine.pdbx_pd_proc_ls_prof_R_factor            ? 
_refine.pdbx_pd_proc_ls_prof_wR_factor           ? 
_refine.pdbx_pd_Marquardt_correlation_coeff      ? 
_refine.pdbx_pd_Fsqrd_R_factor                   ? 
_refine.pdbx_pd_ls_matrix_band_width             ? 
_refine.pdbx_overall_phase_error                 19.5171 
_refine.pdbx_overall_SU_R_free_Cruickshank_DPI   ? 
_refine.pdbx_overall_SU_R_free_Blow_DPI          ? 
_refine.pdbx_overall_SU_R_Blow_DPI               ? 
_refine.pdbx_TLS_residual_ADP_flag               ? 
_refine.pdbx_diffrn_id                           1 
_refine.overall_SU_B                             ? 
_refine.overall_SU_ML                            0.2985 
_refine.overall_SU_R_Cruickshank_DPI             ? 
_refine.overall_SU_R_free                        ? 
_refine.overall_FOM_free_R_set                   ? 
_refine.overall_FOM_work_R_set                   ? 
_refine.pdbx_average_fsc_overall                 ? 
_refine.pdbx_average_fsc_work                    ? 
_refine.pdbx_average_fsc_free                    ? 
# 
_refine_hist.pdbx_refine_id                   'X-RAY DIFFRACTION' 
_refine_hist.cycle_id                         LAST 
_refine_hist.details                          ? 
_refine_hist.d_res_high                       2.60 
_refine_hist.d_res_low                        44.76 
_refine_hist.number_atoms_solvent             16 
_refine_hist.number_atoms_total               1069 
_refine_hist.number_reflns_all                ? 
_refine_hist.number_reflns_obs                ? 
_refine_hist.number_reflns_R_free             ? 
_refine_hist.number_reflns_R_work             ? 
_refine_hist.R_factor_all                     ? 
_refine_hist.R_factor_obs                     ? 
_refine_hist.R_factor_R_free                  ? 
_refine_hist.R_factor_R_work                  ? 
_refine_hist.pdbx_number_residues_total       ? 
_refine_hist.pdbx_B_iso_mean_ligand           ? 
_refine_hist.pdbx_B_iso_mean_solvent          ? 
_refine_hist.pdbx_number_atoms_protein        1046 
_refine_hist.pdbx_number_atoms_nucleic_acid   0 
_refine_hist.pdbx_number_atoms_ligand         7 
_refine_hist.pdbx_number_atoms_lipid          ? 
_refine_hist.pdbx_number_atoms_carb           ? 
_refine_hist.pdbx_pseudo_atom_details         ? 
# 
loop_
_refine_ls_restr.pdbx_refine_id 
_refine_ls_restr.criterion 
_refine_ls_restr.dev_ideal 
_refine_ls_restr.dev_ideal_target 
_refine_ls_restr.number 
_refine_ls_restr.rejects 
_refine_ls_restr.type 
_refine_ls_restr.weight 
_refine_ls_restr.pdbx_restraint_function 
'X-RAY DIFFRACTION' ? 0.0017 ? 1079 ? f_bond_d           ? ? 
'X-RAY DIFFRACTION' ? 0.5254 ? 1442 ? f_angle_d          ? ? 
'X-RAY DIFFRACTION' ? 0.0337 ? 145  ? f_chiral_restr     ? ? 
'X-RAY DIFFRACTION' ? 0.0032 ? 182  ? f_plane_restr      ? ? 
'X-RAY DIFFRACTION' ? 9.4619 ? 656  ? f_dihedral_angle_d ? ? 
# 
loop_
_refine_ls_shell.pdbx_refine_id 
_refine_ls_shell.d_res_high 
_refine_ls_shell.d_res_low 
_refine_ls_shell.number_reflns_all 
_refine_ls_shell.number_reflns_obs 
_refine_ls_shell.number_reflns_R_free 
_refine_ls_shell.number_reflns_R_work 
_refine_ls_shell.percent_reflns_obs 
_refine_ls_shell.percent_reflns_R_free 
_refine_ls_shell.R_factor_all 
_refine_ls_shell.R_factor_obs 
_refine_ls_shell.R_factor_R_free 
_refine_ls_shell.R_factor_R_free_error 
_refine_ls_shell.R_factor_R_work 
_refine_ls_shell.redundancy_reflns_all 
_refine_ls_shell.redundancy_reflns_obs 
_refine_ls_shell.wR_factor_all 
_refine_ls_shell.wR_factor_obs 
_refine_ls_shell.wR_factor_R_free 
_refine_ls_shell.wR_factor_R_work 
_refine_ls_shell.pdbx_total_number_of_bins_used 
_refine_ls_shell.pdbx_phase_error 
_refine_ls_shell.pdbx_fsc_work 
_refine_ls_shell.pdbx_fsc_free 
'X-RAY DIFFRACTION' 2.60 3.28  . . 119 2061 99.91 . . . 0.3045 . 0.2388 . . . . . . . . . . 
'X-RAY DIFFRACTION' 3.28 44.76 . . 116 2176 99.83 . . . 0.2134 . 0.2066 . . . . . . . . . . 
# 
_struct.entry_id                     6U6L 
_struct.title                        'BRD4-BD2 in complex with the cyclic peptide 3.1_2' 
_struct.pdbx_model_details           ? 
_struct.pdbx_formula_weight          ? 
_struct.pdbx_formula_weight_method   ? 
_struct.pdbx_model_type_details      ? 
_struct.pdbx_CASP_flag               N 
# 
_struct_keywords.entry_id        6U6L 
_struct_keywords.text            'BET, bromodomain, macrocyclic peptide, BRD4, inhibitor, RaPID, Transcription-Inhibitor complex' 
_struct_keywords.pdbx_keywords   Transcription/Inhibitor 
# 
loop_
_struct_asym.id 
_struct_asym.pdbx_blank_PDB_chainid_flag 
_struct_asym.pdbx_modified 
_struct_asym.entity_id 
_struct_asym.details 
A N N 1 ? 
B N N 2 ? 
C N N 3 ? 
D N N 4 ? 
E N N 5 ? 
F N N 5 ? 
# 
loop_
_struct_conf.conf_type_id 
_struct_conf.id 
_struct_conf.pdbx_PDB_helix_id 
_struct_conf.beg_label_comp_id 
_struct_conf.beg_label_asym_id 
_struct_conf.beg_label_seq_id 
_struct_conf.pdbx_beg_PDB_ins_code 
_struct_conf.end_label_comp_id 
_struct_conf.end_label_asym_id 
_struct_conf.end_label_seq_id 
_struct_conf.pdbx_end_PDB_ins_code 
_struct_conf.beg_auth_comp_id 
_struct_conf.beg_auth_asym_id 
_struct_conf.beg_auth_seq_id 
_struct_conf.end_auth_comp_id 
_struct_conf.end_auth_asym_id 
_struct_conf.end_auth_seq_id 
_struct_conf.pdbx_PDB_helix_class 
_struct_conf.details 
_struct_conf.pdbx_PDB_helix_length 
HELX_P HELX_P1 AA1 SER A 7  ? ALA A 25  ? SER A 348 ALA A 366 1 ? 19 
HELX_P HELX_P2 AA2 HIS A 28 ? TRP A 33  ? HIS A 369 TRP A 374 1 ? 6  
HELX_P HELX_P3 AA3 PRO A 34 ? TYR A 36  ? PRO A 375 TYR A 377 5 ? 3  
HELX_P HELX_P4 AA4 ASP A 48 ? ILE A 53  ? ASP A 389 ILE A 394 1 ? 6  
HELX_P HELX_P5 AA5 ASP A 58 ? ALA A 68  ? ASP A 399 ALA A 409 1 ? 11 
HELX_P HELX_P6 AA6 ASP A 73 ? ASN A 92  ? ASP A 414 ASN A 433 1 ? 20 
HELX_P HELX_P7 AA7 HIS A 96 ? LYS A 115 ? HIS A 437 LYS A 456 1 ? 20 
# 
_struct_conf_type.id          HELX_P 
_struct_conf_type.criteria    ? 
_struct_conf_type.reference   ? 
# 
loop_
_struct_conn.id 
_struct_conn.conn_type_id 
_struct_conn.pdbx_leaving_atom_flag 
_struct_conn.pdbx_PDB_id 
_struct_conn.ptnr1_label_asym_id 
_struct_conn.ptnr1_label_comp_id 
_struct_conn.ptnr1_label_seq_id 
_struct_conn.ptnr1_label_atom_id 
_struct_conn.pdbx_ptnr1_label_alt_id 
_struct_conn.pdbx_ptnr1_PDB_ins_code 
_struct_conn.pdbx_ptnr1_standard_comp_id 
_struct_conn.ptnr1_symmetry 
_struct_conn.ptnr2_label_asym_id 
_struct_conn.ptnr2_label_comp_id 
_struct_conn.ptnr2_label_seq_id 
_struct_conn.ptnr2_label_atom_id 
_struct_conn.pdbx_ptnr2_label_alt_id 
_struct_conn.pdbx_ptnr2_PDB_ins_code 
_struct_conn.ptnr1_auth_asym_id 
_struct_conn.ptnr1_auth_comp_id 
_struct_conn.ptnr1_auth_seq_id 
_struct_conn.ptnr2_auth_asym_id 
_struct_conn.ptnr2_auth_comp_id 
_struct_conn.ptnr2_auth_seq_id 
_struct_conn.ptnr2_symmetry 
_struct_conn.pdbx_ptnr3_label_atom_id 
_struct_conn.pdbx_ptnr3_label_seq_id 
_struct_conn.pdbx_ptnr3_label_comp_id 
_struct_conn.pdbx_ptnr3_label_asym_id 
_struct_conn.pdbx_ptnr3_label_alt_id 
_struct_conn.pdbx_ptnr3_PDB_ins_code 
_struct_conn.details 
_struct_conn.pdbx_dist_value 
_struct_conn.pdbx_value_order 
_struct_conn.pdbx_role 
covale1 covale both ? B ACE 1  C   ? ? ? 1_555 B TRP 2  N  ? ? B ACE 0  B TRP 1   1_555 ? ? ? ? ? ? ? 1.327 ? ? 
covale2 covale none ? B ACE 1  CH3 ? ? ? 1_555 B CYS 15 SG ? ? B ACE 0  B CYS 14  1_555 ? ? ? ? ? ? ? 1.766 ? ? 
covale3 covale both ? B ILE 5  C   ? ? ? 1_555 B ALY 6  N  ? ? B ILE 4  B ALY 5   1_555 ? ? ? ? ? ? ? 1.331 ? ? 
covale4 covale both ? B ALY 6  C   ? ? ? 1_555 B GLY 7  N  ? ? B ALY 5  B GLY 6   1_555 ? ? ? ? ? ? ? 1.329 ? ? 
covale5 covale both ? B GLY 7  C   ? ? ? 1_555 B ALY 8  N  ? ? B GLY 6  B ALY 7   1_555 ? ? ? ? ? ? ? 1.329 ? ? 
covale6 covale both ? B ALY 8  C   ? ? ? 1_555 B THR 9  N  ? ? B ALY 7  B THR 8   1_555 ? ? ? ? ? ? ? 1.329 ? ? 
covale7 covale both ? B THR 12 C   ? ? ? 1_555 B ALY 13 N  ? ? B THR 11 B ALY 12  1_555 ? ? ? ? ? ? ? 1.330 ? ? 
covale8 covale both ? B ALY 13 C   ? ? ? 1_555 B GLN 14 N  ? ? B ALY 12 B GLN 13  1_555 ? ? ? ? ? ? ? 1.330 ? ? 
covale9 covale both ? B CYS 15 C   ? ? ? 1_555 C NH2 .  N  ? ? B CYS 14 B NH2 101 1_555 ? ? ? ? ? ? ? 1.430 ? ? 
# 
_struct_conn_type.id          covale 
_struct_conn_type.criteria    ? 
_struct_conn_type.reference   ? 
# 
_struct_sheet.id               AA1 
_struct_sheet.type             ? 
_struct_sheet.number_strands   2 
_struct_sheet.details          ? 
# 
_struct_sheet_order.sheet_id     AA1 
_struct_sheet_order.range_id_1   1 
_struct_sheet_order.range_id_2   2 
_struct_sheet_order.offset       ? 
_struct_sheet_order.sense        anti-parallel 
# 
loop_
_struct_sheet_range.sheet_id 
_struct_sheet_range.id 
_struct_sheet_range.beg_label_comp_id 
_struct_sheet_range.beg_label_asym_id 
_struct_sheet_range.beg_label_seq_id 
_struct_sheet_range.pdbx_beg_PDB_ins_code 
_struct_sheet_range.end_label_comp_id 
_struct_sheet_range.end_label_asym_id 
_struct_sheet_range.end_label_seq_id 
_struct_sheet_range.pdbx_end_PDB_ins_code 
_struct_sheet_range.beg_auth_comp_id 
_struct_sheet_range.beg_auth_asym_id 
_struct_sheet_range.beg_auth_seq_id 
_struct_sheet_range.end_auth_comp_id 
_struct_sheet_range.end_auth_asym_id 
_struct_sheet_range.end_auth_seq_id 
AA1 1 LYS B 3 ? ILE B 5  ? LYS B 2 ILE B 4 
AA1 2 ALY B 8 ? TRP B 10 ? ALY B 7 TRP B 9 
# 
_pdbx_struct_sheet_hbond.sheet_id                AA1 
_pdbx_struct_sheet_hbond.range_id_1              1 
_pdbx_struct_sheet_hbond.range_id_2              2 
_pdbx_struct_sheet_hbond.range_1_label_atom_id   N 
_pdbx_struct_sheet_hbond.range_1_label_comp_id   LYS 
_pdbx_struct_sheet_hbond.range_1_label_asym_id   B 
_pdbx_struct_sheet_hbond.range_1_label_seq_id    3 
_pdbx_struct_sheet_hbond.range_1_PDB_ins_code    ? 
_pdbx_struct_sheet_hbond.range_1_auth_atom_id    N 
_pdbx_struct_sheet_hbond.range_1_auth_comp_id    LYS 
_pdbx_struct_sheet_hbond.range_1_auth_asym_id    B 
_pdbx_struct_sheet_hbond.range_1_auth_seq_id     2 
_pdbx_struct_sheet_hbond.range_2_label_atom_id   O 
_pdbx_struct_sheet_hbond.range_2_label_comp_id   TRP 
_pdbx_struct_sheet_hbond.range_2_label_asym_id   B 
_pdbx_struct_sheet_hbond.range_2_label_seq_id    10 
_pdbx_struct_sheet_hbond.range_2_PDB_ins_code    ? 
_pdbx_struct_sheet_hbond.range_2_auth_atom_id    O 
_pdbx_struct_sheet_hbond.range_2_auth_comp_id    TRP 
_pdbx_struct_sheet_hbond.range_2_auth_asym_id    B 
_pdbx_struct_sheet_hbond.range_2_auth_seq_id     9 
# 
loop_
_struct_site.id 
_struct_site.pdbx_evidence_code 
_struct_site.pdbx_auth_asym_id 
_struct_site.pdbx_auth_comp_id 
_struct_site.pdbx_auth_seq_id 
_struct_site.pdbx_auth_ins_code 
_struct_site.pdbx_num_residues 
_struct_site.details 
AC1 Software B NH2 101 ? 4 'binding site for residue NH2 B 101'                                           
AC2 Software B GOL 102 ? 1 'binding site for residue GOL B 102'                                           
AC3 Software B ALY 12  ? 5 'binding site for Ligand residues ALY B 12 through GLN B 13 bound to THR B 11' 
# 
loop_
_struct_site_gen.id 
_struct_site_gen.site_id 
_struct_site_gen.pdbx_num_res 
_struct_site_gen.label_comp_id 
_struct_site_gen.label_asym_id 
_struct_site_gen.label_seq_id 
_struct_site_gen.pdbx_auth_ins_code 
_struct_site_gen.auth_comp_id 
_struct_site_gen.auth_asym_id 
_struct_site_gen.auth_seq_id 
_struct_site_gen.label_atom_id 
_struct_site_gen.label_alt_id 
_struct_site_gen.symmetry 
_struct_site_gen.details 
1  AC1 4 THR B 12 ? THR B 11  . ? 1_555 ? 
2  AC1 4 ALY B 13 ? ALY B 12  . ? 1_555 ? 
3  AC1 4 GLN B 14 ? GLN B 13  . ? 1_555 ? 
4  AC1 4 CYS B 15 ? CYS B 14  . ? 1_555 ? 
5  AC2 1 ALY B 8  ? ALY B 7   . ? 1_555 ? 
6  AC3 5 LYS A 37 ? LYS A 378 . ? 1_455 ? 
7  AC3 5 SER A 64 ? SER A 405 . ? 1_455 ? 
8  AC3 5 THR B 12 ? THR B 11  . ? 1_555 ? 
9  AC3 5 CYS B 15 ? CYS B 14  . ? 1_555 ? 
10 AC3 5 NH2 C .  ? NH2 B 101 . ? 1_555 ? 
# 
_atom_sites.entry_id                    6U6L 
_atom_sites.Cartn_transf_matrix[1][1]   ? 
_atom_sites.Cartn_transf_matrix[1][2]   ? 
_atom_sites.Cartn_transf_matrix[1][3]   ? 
_atom_sites.Cartn_transf_matrix[2][1]   ? 
_atom_sites.Cartn_transf_matrix[2][2]   ? 
_atom_sites.Cartn_transf_matrix[2][3]   ? 
_atom_sites.Cartn_transf_matrix[3][1]   ? 
_atom_sites.Cartn_transf_matrix[3][2]   ? 
_atom_sites.Cartn_transf_matrix[3][3]   ? 
_atom_sites.Cartn_transf_vector[1]      ? 
_atom_sites.Cartn_transf_vector[2]      ? 
_atom_sites.Cartn_transf_vector[3]      ? 
_atom_sites.fract_transf_matrix[1][1]   0.00242237 
_atom_sites.fract_transf_matrix[1][2]   0.01999112 
_atom_sites.fract_transf_matrix[1][3]   0.02339093 
_atom_sites.fract_transf_matrix[2][1]   -0.01461991 
_atom_sites.fract_transf_matrix[2][2]   -0.00677952 
_atom_sites.fract_transf_matrix[2][3]   0.00730818 
_atom_sites.fract_transf_matrix[3][1]   0.00760696 
_atom_sites.fract_transf_matrix[3][2]   -0.00898012 
_atom_sites.fract_transf_matrix[3][3]   0.00688710 
_atom_sites.fract_transf_vector[1]      -0.391725 
_atom_sites.fract_transf_vector[2]      -0.301121 
_atom_sites.fract_transf_vector[3]      0.040834 
_atom_sites.solution_primary            ? 
_atom_sites.solution_secondary          ? 
_atom_sites.solution_hydrogens          ? 
_atom_sites.special_details             ? 
# 
loop_
_atom_type.symbol 
_atom_type.scat_dispersion_real 
_atom_type.scat_dispersion_imag 
_atom_type.scat_Cromer_Mann_a1 
_atom_type.scat_Cromer_Mann_a2 
_atom_type.scat_Cromer_Mann_a3 
_atom_type.scat_Cromer_Mann_a4 
_atom_type.scat_Cromer_Mann_b1 
_atom_type.scat_Cromer_Mann_b2 
_atom_type.scat_Cromer_Mann_b3 
_atom_type.scat_Cromer_Mann_b4 
_atom_type.scat_Cromer_Mann_c 
_atom_type.scat_source 
_atom_type.scat_dispersion_source 
C ? ? 3.54356 2.42580 ? ? 25.62398 1.50364  ? ? 0.0 
;2-Gaussian fit: Grosse-Kunstleve RW, Sauter NK, Adams PD: Newsletter of the IUCr Commission on Crystallographic Computing 2004, 3, 22-31.
;
? 
N ? ? 4.01032 2.96436 ? ? 19.97189 1.75589  ? ? 0.0 
;2-Gaussian fit: Grosse-Kunstleve RW, Sauter NK, Adams PD: Newsletter of the IUCr Commission on Crystallographic Computing 2004, 3, 22-31.
;
? 
O ? ? 4.49882 3.47563 ? ? 15.80542 1.70748  ? ? 0.0 
;2-Gaussian fit: Grosse-Kunstleve RW, Sauter NK, Adams PD: Newsletter of the IUCr Commission on Crystallographic Computing 2004, 3, 22-31.
;
? 
S ? ? 9.55732 6.39887 ? ? 1.23737  29.19336 ? ? 0.0 
;2-Gaussian fit: Grosse-Kunstleve RW, Sauter NK, Adams PD: Newsletter of the IUCr Commission on Crystallographic Computing 2004, 3, 22-31.
;
? 
# 
loop_
_atom_site.group_PDB 
_atom_site.id 
_atom_site.type_symbol 
_atom_site.label_atom_id 
_atom_site.label_alt_id 
_atom_site.label_comp_id 
_atom_site.label_asym_id 
_atom_site.label_entity_id 
_atom_site.label_seq_id 
_atom_site.pdbx_PDB_ins_code 
_atom_site.Cartn_x 
_atom_site.Cartn_y 
_atom_site.Cartn_z 
_atom_site.occupancy 
_atom_site.B_iso_or_equiv 
_atom_site.pdbx_formal_charge 
_atom_site.auth_seq_id 
_atom_site.auth_comp_id 
_atom_site.auth_asym_id 
_atom_site.auth_atom_id 
_atom_site.pdbx_PDB_model_num 
ATOM   1    N N   . SER A 1 7   ? -5.85668  26.87977  2.67390   1.000 54.30854 ? 348 SER A N   1 
ATOM   2    C CA  . SER A 1 7   ? -6.95217  26.03623  2.21250   1.000 60.27227 ? 348 SER A CA  1 
ATOM   3    C C   . SER A 1 7   ? -6.52229  25.19820  1.01346   1.000 63.69383 ? 348 SER A C   1 
ATOM   4    O O   . SER A 1 7   ? -7.18170  24.21829  0.66342   1.000 62.83841 ? 348 SER A O   1 
ATOM   5    C CB  . SER A 1 7   ? -8.17440  26.88473  1.85706   1.000 68.80920 ? 348 SER A CB  1 
ATOM   6    O OG  . SER A 1 7   ? -7.86528  27.83016  0.84847   1.000 74.70596 ? 348 SER A OG  1 
ATOM   7    N N   . LYS A 1 8   ? -5.41701  25.59765  0.37774   1.000 57.95038 ? 349 LYS A N   1 
ATOM   8    C CA  . LYS A 1 8   ? -4.82823  24.76136  -0.66302  1.000 50.27005 ? 349 LYS A CA  1 
ATOM   9    C C   . LYS A 1 8   ? -4.42988  23.40516  -0.10013  1.000 58.24211 ? 349 LYS A C   1 
ATOM   10   O O   . LYS A 1 8   ? -4.58776  22.37334  -0.76398  1.000 56.18658 ? 349 LYS A O   1 
ATOM   11   C CB  . LYS A 1 8   ? -3.61516  25.45732  -1.28103  1.000 50.13881 ? 349 LYS A CB  1 
ATOM   12   C CG  . LYS A 1 8   ? -2.93840  24.65073  -2.38162  1.000 52.20390 ? 349 LYS A CG  1 
ATOM   13   C CD  . LYS A 1 8   ? -1.42431  24.79389  -2.33866  1.000 57.22250 ? 349 LYS A CD  1 
ATOM   14   C CE  . LYS A 1 8   ? -0.98764  26.23289  -2.55832  1.000 68.58759 ? 349 LYS A CE  1 
ATOM   15   N NZ  . LYS A 1 8   ? 0.49668   26.36667  -2.51692  1.000 63.61342 ? 349 LYS A NZ  1 
ATOM   16   N N   . VAL A 1 9   ? -3.91792  23.39090  1.13136   1.000 53.01550 ? 350 VAL A N   1 
ATOM   17   C CA  . VAL A 1 9   ? -3.56226  22.13614  1.78194   1.000 55.48786 ? 350 VAL A CA  1 
ATOM   18   C C   . VAL A 1 9   ? -4.81031  21.30821  2.06269   1.000 58.55556 ? 350 VAL A C   1 
ATOM   19   O O   . VAL A 1 9   ? -4.79754  20.07748  1.93734   1.000 56.19212 ? 350 VAL A O   1 
ATOM   20   C CB  . VAL A 1 9   ? -2.76607  22.42125  3.06765   1.000 56.84341 ? 350 VAL A CB  1 
ATOM   21   C CG1 . VAL A 1 9   ? -2.22254  21.13522  3.64992   1.000 57.06133 ? 350 VAL A CG1 1 
ATOM   22   C CG2 . VAL A 1 9   ? -1.64135  23.40811  2.78560   1.000 57.00314 ? 350 VAL A CG2 1 
ATOM   23   N N   . SER A 1 10  ? -5.90876  21.96827  2.43910   1.000 63.55399 ? 351 SER A N   1 
ATOM   24   C CA  . SER A 1 10  ? -7.14409  21.24833  2.73236   1.000 60.63394 ? 351 SER A CA  1 
ATOM   25   C C   . SER A 1 10  ? -7.69991  20.57141  1.48593   1.000 49.84798 ? 351 SER A C   1 
ATOM   26   O O   . SER A 1 10  ? -8.19255  19.43927  1.55501   1.000 59.50567 ? 351 SER A O   1 
ATOM   27   C CB  . SER A 1 10  ? -8.17644  22.20324  3.33284   1.000 53.55676 ? 351 SER A CB  1 
ATOM   28   O OG  . SER A 1 10  ? -9.40121  21.53889  3.59176   1.000 50.61607 ? 351 SER A OG  1 
ATOM   29   N N   . GLU A 1 11  ? -7.62556  21.24526  0.33609   1.000 55.51721 ? 352 GLU A N   1 
ATOM   30   C CA  . GLU A 1 11  ? -8.11934  20.64624  -0.89872  1.000 54.14486 ? 352 GLU A CA  1 
ATOM   31   C C   . GLU A 1 11  ? -7.19486  19.53917  -1.39157  1.000 49.46542 ? 352 GLU A C   1 
ATOM   32   O O   . GLU A 1 11  ? -7.65848  18.58184  -2.02182  1.000 51.47303 ? 352 GLU A O   1 
ATOM   33   C CB  . GLU A 1 11  ? -8.29166  21.72233  -1.97177  1.000 46.71930 ? 352 GLU A CB  1 
ATOM   34   C CG  . GLU A 1 11  ? -9.19321  21.31667  -3.12895  1.000 51.98426 ? 352 GLU A CG  1 
ATOM   35   C CD  . GLU A 1 11  ? -10.66957 21.34772  -2.77024  1.000 54.51593 ? 352 GLU A CD  1 
ATOM   36   O OE1 . GLU A 1 11  ? -11.00583 21.77359  -1.64500  1.000 49.89555 ? 352 GLU A OE1 1 
ATOM   37   O OE2 . GLU A 1 11  ? -11.49626 20.94866  -3.61815  1.000 53.62966 ? 352 GLU A OE2 1 
ATOM   38   N N   . GLN A 1 12  ? -5.89226  19.64808  -1.11537  1.000 49.88716 ? 353 GLN A N   1 
ATOM   39   C CA  . GLN A 1 12  ? -4.97293  18.56596  -1.45468  1.000 48.62870 ? 353 GLN A CA  1 
ATOM   40   C C   . GLN A 1 12  ? -5.26261  17.31718  -0.63128  1.000 53.23039 ? 353 GLN A C   1 
ATOM   41   O O   . GLN A 1 12  ? -5.25422  16.20009  -1.16255  1.000 53.56910 ? 353 GLN A O   1 
ATOM   42   C CB  . GLN A 1 12  ? -3.52600  19.01391  -1.24701  1.000 45.62174 ? 353 GLN A CB  1 
ATOM   43   C CG  . GLN A 1 12  ? -3.01167  19.99309  -2.28676  1.000 41.51292 ? 353 GLN A CG  1 
ATOM   44   C CD  . GLN A 1 12  ? -1.52968  20.27386  -2.12991  1.000 51.72712 ? 353 GLN A CD  1 
ATOM   45   O OE1 . GLN A 1 12  ? -0.92752  19.93913  -1.10931  1.000 57.16261 ? 353 GLN A OE1 1 
ATOM   46   N NE2 . GLN A 1 12  ? -0.93188  20.88501  -3.14558  1.000 52.15082 ? 353 GLN A NE2 1 
ATOM   47   N N   . LEU A 1 13  ? -5.51835  17.48599  0.66895   1.000 48.22071 ? 354 LEU A N   1 
ATOM   48   C CA  . LEU A 1 13  ? -5.81541  16.33810  1.51908   1.000 42.22177 ? 354 LEU A CA  1 
ATOM   49   C C   . LEU A 1 13  ? -7.13247  15.67942  1.13492   1.000 48.61738 ? 354 LEU A C   1 
ATOM   50   O O   . LEU A 1 13  ? -7.31239  14.47818  1.36626   1.000 47.05980 ? 354 LEU A O   1 
ATOM   51   C CB  . LEU A 1 13  ? -5.84316  16.76040  2.98753   1.000 48.21275 ? 354 LEU A CB  1 
ATOM   52   C CG  . LEU A 1 13  ? -4.48879  17.08567  3.61774   1.000 49.74169 ? 354 LEU A CG  1 
ATOM   53   C CD1 . LEU A 1 13  ? -4.67128  17.64825  5.01578   1.000 46.11879 ? 354 LEU A CD1 1 
ATOM   54   C CD2 . LEU A 1 13  ? -3.60403  15.84743  3.64531   1.000 42.67771 ? 354 LEU A CD2 1 
ATOM   55   N N   . LYS A 1 14  ? -8.06409  16.44348  0.55958   1.000 41.08329 ? 355 LYS A N   1 
ATOM   56   C CA  . LYS A 1 14  ? -9.28893  15.84099  0.04631   1.000 46.20229 ? 355 LYS A CA  1 
ATOM   57   C C   . LYS A 1 14  ? -8.99923  14.96066  -1.16233  1.000 47.71603 ? 355 LYS A C   1 
ATOM   58   O O   . LYS A 1 14  ? -9.62268  13.90640  -1.33408  1.000 49.15615 ? 355 LYS A O   1 
ATOM   59   C CB  . LYS A 1 14  ? -10.30518 16.92604  -0.31008  1.000 54.50656 ? 355 LYS A CB  1 
ATOM   60   C CG  . LYS A 1 14  ? -10.91241 17.63726  0.88946   1.000 65.41003 ? 355 LYS A CG  1 
ATOM   61   C CD  . LYS A 1 14  ? -12.03007 18.57611  0.45683   1.000 74.04078 ? 355 LYS A CD  1 
ATOM   62   C CE  . LYS A 1 14  ? -12.68421 19.25827  1.64795   1.000 70.16632 ? 355 LYS A CE  1 
ATOM   63   N NZ  . LYS A 1 14  ? -11.72196 20.11683  2.39005   1.000 77.50177 ? 355 LYS A NZ  1 
ATOM   64   N N   . CYS A 1 15  ? -8.05597  15.37669  -2.01149  1.000 42.85489 ? 356 CYS A N   1 
ATOM   65   C CA  . CYS A 1 15  ? -7.67815  14.55028  -3.15195  1.000 47.78275 ? 356 CYS A CA  1 
ATOM   66   C C   . CYS A 1 15  ? -6.93664  13.29577  -2.71027  1.000 44.02783 ? 356 CYS A C   1 
ATOM   67   O O   . CYS A 1 15  ? -7.07920  12.24174  -3.34057  1.000 48.24498 ? 356 CYS A O   1 
ATOM   68   C CB  . CYS A 1 15  ? -6.82859  15.35960  -4.13244  1.000 50.34983 ? 356 CYS A CB  1 
ATOM   69   S SG  . CYS A 1 15  ? -7.71210  16.72107  -4.93391  1.000 63.22019 ? 356 CYS A SG  1 
ATOM   70   N N   . CYS A 1 16  ? -6.15025  13.38691  -1.63325  1.000 41.70312 ? 357 CYS A N   1 
ATOM   71   C CA  . CYS A 1 16  ? -5.48378  12.20335  -1.09789  1.000 44.32679 ? 357 CYS A CA  1 
ATOM   72   C C   . CYS A 1 16  ? -6.49103  11.13299  -0.69554  1.000 44.26564 ? 357 CYS A C   1 
ATOM   73   O O   . CYS A 1 16  ? -6.23897  9.93640   -0.87783  1.000 44.66289 ? 357 CYS A O   1 
ATOM   74   C CB  . CYS A 1 16  ? -4.60802  12.58142  0.09760   1.000 43.10315 ? 357 CYS A CB  1 
ATOM   75   S SG  . CYS A 1 16  ? -3.24288  13.70065  -0.27551  1.000 38.15627 ? 357 CYS A SG  1 
ATOM   76   N N   . SER A 1 17  ? -7.63485  11.54102  -0.13853  1.000 38.98491 ? 358 SER A N   1 
ATOM   77   C CA  . SER A 1 17  ? -8.66033  10.56901  0.22864   1.000 40.89147 ? 358 SER A CA  1 
ATOM   78   C C   . SER A 1 17  ? -9.22994  9.87548   -1.00194  1.000 38.21122 ? 358 SER A C   1 
ATOM   79   O O   . SER A 1 17  ? -9.47366  8.66325   -0.97961  1.000 38.87727 ? 358 SER A O   1 
ATOM   80   C CB  . SER A 1 17  ? -9.77319  11.25026  1.02323   1.000 40.16172 ? 358 SER A CB  1 
ATOM   81   O OG  . SER A 1 17  ? -9.26589  11.82390  2.21422   1.000 58.07565 ? 358 SER A OG  1 
ATOM   82   N N   . GLY A 1 18  ? -9.44788  10.62689  -2.08335  1.000 35.65423 ? 359 GLY A N   1 
ATOM   83   C CA  . GLY A 1 18  ? -9.94208  10.01838  -3.30712  1.000 33.41919 ? 359 GLY A CA  1 
ATOM   84   C C   . GLY A 1 18  ? -8.92361  9.10254   -3.95628  1.000 35.37608 ? 359 GLY A C   1 
ATOM   85   O O   . GLY A 1 18  ? -9.28015  8.06047   -4.51291  1.000 38.99849 ? 359 GLY A O   1 
ATOM   86   N N   . ILE A 1 19  ? -7.64472  9.47893   -3.89802  1.000 35.18246 ? 360 ILE A N   1 
ATOM   87   C CA  . ILE A 1 19  ? -6.59069  8.61602   -4.41991  1.000 37.90392 ? 360 ILE A CA  1 
ATOM   88   C C   . ILE A 1 19  ? -6.54885  7.30077   -3.64943  1.000 39.03398 ? 360 ILE A C   1 
ATOM   89   O O   . ILE A 1 19  ? -6.45919  6.22081   -4.24372  1.000 32.92942 ? 360 ILE A O   1 
ATOM   90   C CB  . ILE A 1 19  ? -5.23627  9.34797   -4.37831  1.000 38.30603 ? 360 ILE A CB  1 
ATOM   91   C CG1 . ILE A 1 19  ? -5.24909  10.55442  -5.32463  1.000 33.94084 ? 360 ILE A CG1 1 
ATOM   92   C CG2 . ILE A 1 19  ? -4.10520  8.40122   -4.74112  1.000 24.60193 ? 360 ILE A CG2 1 
ATOM   93   C CD1 . ILE A 1 19  ? -3.97041  11.36389  -5.30196  1.000 38.42218 ? 360 ILE A CD1 1 
ATOM   94   N N   . LEU A 1 20  ? -6.62434  7.36741   -2.31676  1.000 35.51116 ? 361 LEU A N   1 
ATOM   95   C CA  . LEU A 1 20  ? -6.63636  6.14117   -1.52455  1.000 34.48980 ? 361 LEU A CA  1 
ATOM   96   C C   . LEU A 1 20  ? -7.93368  5.36623   -1.71459  1.000 31.82801 ? 361 LEU A C   1 
ATOM   97   O O   . LEU A 1 20  ? -7.94365  4.13586   -1.59123  1.000 35.86910 ? 361 LEU A O   1 
ATOM   98   C CB  . LEU A 1 20  ? -6.41829  6.46616   -0.04761  1.000 30.24115 ? 361 LEU A CB  1 
ATOM   99   C CG  . LEU A 1 20  ? -6.22134  5.28145   0.90032   1.000 30.47115 ? 361 LEU A CG  1 
ATOM   100  C CD1 . LEU A 1 20  ? -5.00654  4.45178   0.50308   1.000 28.31549 ? 361 LEU A CD1 1 
ATOM   101  C CD2 . LEU A 1 20  ? -6.08798  5.77019   2.32932   1.000 34.57819 ? 361 LEU A CD2 1 
ATOM   102  N N   . LYS A 1 21  ? -9.03135  6.06205   -2.01954  1.000 35.49760 ? 362 LYS A N   1 
ATOM   103  C CA  . LYS A 1 21  ? -10.28334 5.37235   -2.31150  1.000 37.94173 ? 362 LYS A CA  1 
ATOM   104  C C   . LYS A 1 21  ? -10.16876 4.54488   -3.58586  1.000 39.71900 ? 362 LYS A C   1 
ATOM   105  O O   . LYS A 1 21  ? -10.65029 3.40684   -3.63942  1.000 37.55502 ? 362 LYS A O   1 
ATOM   106  C CB  . LYS A 1 21  ? -11.42455 6.38264   -2.42357  1.000 40.09137 ? 362 LYS A CB  1 
ATOM   107  C CG  . LYS A 1 21  ? -12.78011 5.75933   -2.70328  1.000 43.28370 ? 362 LYS A CG  1 
ATOM   108  C CD  . LYS A 1 21  ? -13.86129 6.82137   -2.80605  1.000 54.47137 ? 362 LYS A CD  1 
ATOM   109  C CE  . LYS A 1 21  ? -15.21062 6.19979   -3.12632  1.000 72.67546 ? 362 LYS A CE  1 
ATOM   110  N NZ  . LYS A 1 21  ? -16.28325 7.22613   -3.24155  1.000 70.11946 ? 362 LYS A NZ  1 
ATOM   111  N N   . GLU A 1 22  ? -9.52965  5.09754   -4.62062  1.000 35.55420 ? 363 GLU A N   1 
ATOM   112  C CA  . GLU A 1 22  ? -9.31513  4.33542   -5.84609  1.000 39.25081 ? 363 GLU A CA  1 
ATOM   113  C C   . GLU A 1 22  ? -8.37626  3.16000   -5.60489  1.000 36.27763 ? 363 GLU A C   1 
ATOM   114  O O   . GLU A 1 22  ? -8.55218  2.08719   -6.19409  1.000 33.75114 ? 363 GLU A O   1 
ATOM   115  C CB  . GLU A 1 22  ? -8.76615  5.24607   -6.94401  1.000 33.51481 ? 363 GLU A CB  1 
ATOM   116  C CG  . GLU A 1 22  ? -8.49657  4.53094   -8.26016  1.000 35.40555 ? 363 GLU A CG  1 
ATOM   117  C CD  . GLU A 1 22  ? -7.91439  5.44701   -9.31865  1.000 39.15339 ? 363 GLU A CD  1 
ATOM   118  O OE1 . GLU A 1 22  ? -7.96906  6.68124   -9.13747  1.000 42.01361 ? 363 GLU A OE1 1 
ATOM   119  O OE2 . GLU A 1 22  ? -7.39883  4.93051   -10.33208 1.000 42.77295 ? 363 GLU A OE2 1 
ATOM   120  N N   . MET A 1 23  ? -7.37500  3.34097   -4.73876  1.000 32.91672 ? 364 MET A N   1 
ATOM   121  C CA  . MET A 1 23  ? -6.47812  2.23837   -4.40743  1.000 29.09046 ? 364 MET A CA  1 
ATOM   122  C C   . MET A 1 23  ? -7.21850  1.11299   -3.69544  1.000 30.65572 ? 364 MET A C   1 
ATOM   123  O O   . MET A 1 23  ? -6.82760  -0.05476  -3.80618  1.000 40.61873 ? 364 MET A O   1 
ATOM   124  C CB  . MET A 1 23  ? -5.31596  2.74727   -3.55234  1.000 35.50535 ? 364 MET A CB  1 
ATOM   125  C CG  . MET A 1 23  ? -4.40864  3.74319   -4.26508  1.000 28.13672 ? 364 MET A CG  1 
ATOM   126  S SD  . MET A 1 23  ? -3.20615  4.52998   -3.17170  1.000 31.75332 ? 364 MET A SD  1 
ATOM   127  C CE  . MET A 1 23  ? -2.25171  3.11117   -2.63468  1.000 26.93145 ? 364 MET A CE  1 
ATOM   128  N N   . PHE A 1 24  ? -8.28609  1.44129   -2.96505  1.000 36.29695 ? 365 PHE A N   1 
ATOM   129  C CA  . PHE A 1 24  ? -9.13928  0.43789   -2.34083  1.000 32.76177 ? 365 PHE A CA  1 
ATOM   130  C C   . PHE A 1 24  ? -10.19086 -0.12193  -3.28937  1.000 31.73005 ? 365 PHE A C   1 
ATOM   131  O O   . PHE A 1 24  ? -10.85445 -1.10380  -2.93861  1.000 39.25396 ? 365 PHE A O   1 
ATOM   132  C CB  . PHE A 1 24  ? -9.84647  1.02468   -1.11378  1.000 34.11044 ? 365 PHE A CB  1 
ATOM   133  C CG  . PHE A 1 24  ? -9.06033  0.91207   0.16263   1.000 28.63152 ? 365 PHE A CG  1 
ATOM   134  C CD1 . PHE A 1 24  ? -8.84634  -0.32287  0.75341   1.000 32.03766 ? 365 PHE A CD1 1 
ATOM   135  C CD2 . PHE A 1 24  ? -8.56202  2.04385   0.78816   1.000 30.21552 ? 365 PHE A CD2 1 
ATOM   136  C CE1 . PHE A 1 24  ? -8.13241  -0.42991  1.93297   1.000 31.82672 ? 365 PHE A CE1 1 
ATOM   137  C CE2 . PHE A 1 24  ? -7.84739  1.94360   1.96880   1.000 34.78264 ? 365 PHE A CE2 1 
ATOM   138  C CZ  . PHE A 1 24  ? -7.63451  0.70497   2.54228   1.000 32.84724 ? 365 PHE A CZ  1 
ATOM   139  N N   . ALA A 1 25  ? -10.36071 0.47149   -4.46812  1.000 33.22631 ? 366 ALA A N   1 
ATOM   140  C CA  . ALA A 1 25  ? -11.43813 0.07747   -5.36227  1.000 33.16339 ? 366 ALA A CA  1 
ATOM   141  C C   . ALA A 1 25  ? -11.19274 -1.31369  -5.94090  1.000 31.99381 ? 366 ALA A C   1 
ATOM   142  O O   . ALA A 1 25  ? -10.06468 -1.81213  -5.98839  1.000 38.65096 ? 366 ALA A O   1 
ATOM   143  C CB  . ALA A 1 25  ? -11.59669 1.09414   -6.49259  1.000 30.04578 ? 366 ALA A CB  1 
ATOM   144  N N   . LYS A 1 26  ? -12.28405 -1.94122  -6.38837  1.000 42.31498 ? 367 LYS A N   1 
ATOM   145  C CA  . LYS A 1 26  ? -12.20875 -3.27385  -6.97630  1.000 44.17276 ? 367 LYS A CA  1 
ATOM   146  C C   . LYS A 1 26  ? -11.43930 -3.28275  -8.29142  1.000 40.00887 ? 367 LYS A C   1 
ATOM   147  O O   . LYS A 1 26  ? -10.95866 -4.34248  -8.70787  1.000 41.48848 ? 367 LYS A O   1 
ATOM   148  C CB  . LYS A 1 26  ? -13.62097 -3.82563  -7.18663  1.000 44.93872 ? 367 LYS A CB  1 
ATOM   149  C CG  . LYS A 1 26  ? -13.67925 -5.30467  -7.52954  1.000 46.98536 ? 367 LYS A CG  1 
ATOM   150  C CD  . LYS A 1 26  ? -15.11111 -5.76395  -7.74084  0.000 43.37177 ? 367 LYS A CD  1 
ATOM   151  C CE  . LYS A 1 26  ? -15.16974 -7.24055  -8.09374  0.000 42.61326 ? 367 LYS A CE  1 
ATOM   152  N NZ  . LYS A 1 26  ? -16.56787 -7.70119  -8.31535  0.000 42.00539 ? 367 LYS A NZ  1 
ATOM   153  N N   . LYS A 1 27  ? -11.30917 -2.12576  -8.94625  1.000 37.41992 ? 368 LYS A N   1 
ATOM   154  C CA  . LYS A 1 27  ? -10.55190 -2.04280  -10.19141 1.000 36.41600 ? 368 LYS A CA  1 
ATOM   155  C C   . LYS A 1 27  ? -9.10773  -2.49693  -10.00697 1.000 40.04003 ? 368 LYS A C   1 
ATOM   156  O O   . LYS A 1 27  ? -8.50980  -3.05679  -10.93320 1.000 35.26831 ? 368 LYS A O   1 
ATOM   157  C CB  . LYS A 1 27  ? -10.60183 -0.60855  -10.72323 1.000 34.98743 ? 368 LYS A CB  1 
ATOM   158  C CG  . LYS A 1 27  ? -10.03673 -0.40852  -12.11847 1.000 40.54881 ? 368 LYS A CG  1 
ATOM   159  C CD  . LYS A 1 27  ? -10.25792 1.02863   -12.57552 1.000 52.53574 ? 368 LYS A CD  1 
ATOM   160  C CE  . LYS A 1 27  ? -9.78629  1.24776   -14.00335 1.000 66.53107 ? 368 LYS A CE  1 
ATOM   161  N NZ  . LYS A 1 27  ? -10.07300 2.63388   -14.47262 1.000 60.06984 ? 368 LYS A NZ  1 
ATOM   162  N N   . HIS A 1 28  ? -8.53477  -2.27808  -8.82259  1.000 33.71054 ? 369 HIS A N   1 
ATOM   163  C CA  . HIS A 1 28  ? -7.14837  -2.63728  -8.55074  1.000 33.75039 ? 369 HIS A CA  1 
ATOM   164  C C   . HIS A 1 28  ? -7.01761  -3.72990  -7.49725  1.000 28.98388 ? 369 HIS A C   1 
ATOM   165  O O   . HIS A 1 28  ? -5.90037  -4.00489  -7.04594  1.000 36.92932 ? 369 HIS A O   1 
ATOM   166  C CB  . HIS A 1 28  ? -6.35531  -1.40244  -8.11117  1.000 34.45963 ? 369 HIS A CB  1 
ATOM   167  C CG  . HIS A 1 28  ? -6.56126  -0.20599  -8.98713  1.000 36.12026 ? 369 HIS A CG  1 
ATOM   168  N ND1 . HIS A 1 28  ? -5.93339  -0.05677  -10.20501 1.000 33.50122 ? 369 HIS A ND1 1 
ATOM   169  C CD2 . HIS A 1 28  ? -7.32036  0.90224   -8.81727  1.000 31.14946 ? 369 HIS A CD2 1 
ATOM   170  C CE1 . HIS A 1 28  ? -6.30019  1.08955   -10.74969 1.000 36.17992 ? 369 HIS A CE1 1 
ATOM   171  N NE2 . HIS A 1 28  ? -7.14093  1.69115   -9.92755  1.000 42.22304 ? 369 HIS A NE2 1 
ATOM   172  N N   . ALA A 1 29  ? -8.12257  -4.36764  -7.10163  1.000 28.97964 ? 370 ALA A N   1 
ATOM   173  C CA  . ALA A 1 29  ? -8.08184  -5.32898  -6.00421  1.000 32.42307 ? 370 ALA A CA  1 
ATOM   174  C C   . ALA A 1 29  ? -7.21138  -6.54128  -6.31136  1.000 36.61336 ? 370 ALA A C   1 
ATOM   175  O O   . ALA A 1 29  ? -6.72636  -7.19181  -5.37899  1.000 32.65145 ? 370 ALA A O   1 
ATOM   176  C CB  . ALA A 1 29  ? -9.49884  -5.78493  -5.65400  1.000 29.53324 ? 370 ALA A CB  1 
ATOM   177  N N   . ALA A 1 30  ? -6.99913  -6.86050  -7.59010  1.000 37.39675 ? 371 ALA A N   1 
ATOM   178  C CA  . ALA A 1 30  ? -6.19761  -8.02737  -7.93839  1.000 30.88220 ? 371 ALA A CA  1 
ATOM   179  C C   . ALA A 1 30  ? -4.73478  -7.86687  -7.54905  1.000 39.91900 ? 371 ALA A C   1 
ATOM   180  O O   . ALA A 1 30  ? -4.04297  -8.87425  -7.36448  1.000 40.13786 ? 371 ALA A O   1 
ATOM   181  C CB  . ALA A 1 30  ? -6.30648  -8.31718  -9.43556  1.000 31.22766 ? 371 ALA A CB  1 
ATOM   182  N N   . TYR A 1 31  ? -4.24798  -6.63151  -7.41760  1.000 33.33270 ? 372 TYR A N   1 
ATOM   183  C CA  . TYR A 1 31  ? -2.86317  -6.39417  -7.04077  1.000 37.17893 ? 372 TYR A CA  1 
ATOM   184  C C   . TYR A 1 31  ? -2.69845  -5.44347  -5.86336  1.000 33.70717 ? 372 TYR A C   1 
ATOM   185  O O   . TYR A 1 31  ? -1.55952  -5.16305  -5.47610  1.000 30.80883 ? 372 TYR A O   1 
ATOM   186  C CB  . TYR A 1 31  ? -2.06051  -5.86007  -8.23857  1.000 34.12465 ? 372 TYR A CB  1 
ATOM   187  C CG  . TYR A 1 31  ? -2.76700  -4.79621  -9.04835  1.000 36.81103 ? 372 TYR A CG  1 
ATOM   188  C CD1 . TYR A 1 31  ? -2.64285  -3.45088  -8.72709  1.000 36.93856 ? 372 TYR A CD1 1 
ATOM   189  C CD2 . TYR A 1 31  ? -3.54849  -5.13835  -10.14391 1.000 36.50993 ? 372 TYR A CD2 1 
ATOM   190  C CE1 . TYR A 1 31  ? -3.28429  -2.47706  -9.47224  1.000 37.08028 ? 372 TYR A CE1 1 
ATOM   191  C CE2 . TYR A 1 31  ? -4.19290  -4.17439  -10.89225 1.000 34.35506 ? 372 TYR A CE2 1 
ATOM   192  C CZ  . TYR A 1 31  ? -4.05844  -2.84627  -10.55334 1.000 40.61652 ? 372 TYR A CZ  1 
ATOM   193  O OH  . TYR A 1 31  ? -4.70121  -1.88636  -11.30060 1.000 44.15285 ? 372 TYR A OH  1 
ATOM   194  N N   . ALA A 1 32  ? -3.78911  -4.94981  -5.27745  1.000 34.06414 ? 373 ALA A N   1 
ATOM   195  C CA  . ALA A 1 32  ? -3.71198  -4.03568  -4.14838  1.000 38.54456 ? 373 ALA A CA  1 
ATOM   196  C C   . ALA A 1 32  ? -4.07265  -4.68544  -2.82072  1.000 32.90674 ? 373 ALA A C   1 
ATOM   197  O O   . ALA A 1 32  ? -3.91151  -4.04696  -1.77467  1.000 41.48695 ? 373 ALA A O   1 
ATOM   198  C CB  . ALA A 1 32  ? -4.62153  -2.82026  -4.38469  1.000 33.31265 ? 373 ALA A CB  1 
ATOM   199  N N   . TRP A 1 33  ? -4.53968  -5.93265  -2.82877  1.000 33.48208 ? 374 TRP A N   1 
ATOM   200  C CA  . TRP A 1 33  ? -4.96855  -6.58582  -1.59700  1.000 33.71325 ? 374 TRP A CA  1 
ATOM   201  C C   . TRP A 1 33  ? -3.83691  -6.84696  -0.59852  1.000 36.79905 ? 374 TRP A C   1 
ATOM   202  O O   . TRP A 1 33  ? -4.10168  -6.81929  0.61012   1.000 35.20553 ? 374 TRP A O   1 
ATOM   203  C CB  . TRP A 1 33  ? -5.71131  -7.89242  -1.90921  1.000 34.28108 ? 374 TRP A CB  1 
ATOM   204  C CG  . TRP A 1 33  ? -4.87991  -8.98607  -2.51112  1.000 39.95438 ? 374 TRP A CG  1 
ATOM   205  C CD1 . TRP A 1 33  ? -4.72242  -9.26065  -3.83880  1.000 40.39309 ? 374 TRP A CD1 1 
ATOM   206  C CD2 . TRP A 1 33  ? -4.10265  -9.96159  -1.80538  1.000 41.10737 ? 374 TRP A CD2 1 
ATOM   207  N NE1 . TRP A 1 33  ? -3.89046  -10.34177 -4.00359  1.000 37.76546 ? 374 TRP A NE1 1 
ATOM   208  C CE2 . TRP A 1 33  ? -3.49476  -10.78927 -2.77077  1.000 44.09269 ? 374 TRP A CE2 1 
ATOM   209  C CE3 . TRP A 1 33  ? -3.85503  -10.21010 -0.45175  1.000 40.43611 ? 374 TRP A CE3 1 
ATOM   210  C CZ2 . TRP A 1 33  ? -2.65821  -11.84942 -2.42546  1.000 46.22316 ? 374 TRP A CZ2 1 
ATOM   211  C CZ3 . TRP A 1 33  ? -3.02452  -11.26253 -0.11113  1.000 43.04353 ? 374 TRP A CZ3 1 
ATOM   212  C CH2 . TRP A 1 33  ? -2.43594  -12.06902 -1.09394  1.000 39.58595 ? 374 TRP A CH2 1 
ATOM   213  N N   . PRO A 1 34  ? -2.58310  -7.09960  -1.01051  1.000 37.54624 ? 375 PRO A N   1 
ATOM   214  C CA  . PRO A 1 34  ? -1.52766  -7.28716  0.00119   1.000 33.91810 ? 375 PRO A CA  1 
ATOM   215  C C   . PRO A 1 34  ? -1.22668  -6.04056  0.81692   1.000 44.69134 ? 375 PRO A C   1 
ATOM   216  O O   . PRO A 1 34  ? -0.46830  -6.13243  1.79172   1.000 36.48845 ? 375 PRO A O   1 
ATOM   217  C CB  . PRO A 1 34  ? -0.30657  -7.70422  -0.83036  1.000 35.58650 ? 375 PRO A CB  1 
ATOM   218  C CG  . PRO A 1 34  ? -0.86518  -8.22448  -2.09004  1.000 35.77678 ? 375 PRO A CG  1 
ATOM   219  C CD  . PRO A 1 34  ? -2.04843  -7.36384  -2.36045  1.000 31.89771 ? 375 PRO A CD  1 
ATOM   220  N N   . PHE A 1 35  ? -1.79285  -4.88911  0.45976   1.000 43.23991 ? 376 PHE A N   1 
ATOM   221  C CA  . PHE A 1 35  ? -1.52576  -3.63724  1.15054   1.000 37.25384 ? 376 PHE A CA  1 
ATOM   222  C C   . PHE A 1 35  ? -2.74333  -3.08928  1.88071   1.000 34.69867 ? 376 PHE A C   1 
ATOM   223  O O   . PHE A 1 35  ? -2.66219  -1.99990  2.45697   1.000 35.88774 ? 376 PHE A O   1 
ATOM   224  C CB  . PHE A 1 35  ? -1.00261  -2.59524  0.15557   1.000 34.62893 ? 376 PHE A CB  1 
ATOM   225  C CG  . PHE A 1 35  ? 0.06890   -3.11879  -0.75683  1.000 28.66261 ? 376 PHE A CG  1 
ATOM   226  C CD1 . PHE A 1 35  ? 1.39664   -3.10790  -0.36543  1.000 30.56993 ? 376 PHE A CD1 1 
ATOM   227  C CD2 . PHE A 1 35  ? -0.25278  -3.62635  -2.00570  1.000 33.28395 ? 376 PHE A CD2 1 
ATOM   228  C CE1 . PHE A 1 35  ? 2.38486   -3.59330  -1.20221  1.000 32.77872 ? 376 PHE A CE1 1 
ATOM   229  C CE2 . PHE A 1 35  ? 0.73026   -4.11330  -2.84714  1.000 38.96797 ? 376 PHE A CE2 1 
ATOM   230  C CZ  . PHE A 1 35  ? 2.05134   -4.09698  -2.44426  1.000 35.27144 ? 376 PHE A CZ  1 
ATOM   231  N N   . TYR A 1 36  ? -3.86444  -3.81358  1.87630   1.000 39.34602 ? 377 TYR A N   1 
ATOM   232  C CA  . TYR A 1 36  ? -5.06512  -3.34440  2.56134   1.000 36.22618 ? 377 TYR A CA  1 
ATOM   233  C C   . TYR A 1 36  ? -4.83588  -3.24510  4.06560   1.000 38.63485 ? 377 TYR A C   1 
ATOM   234  O O   . TYR A 1 36  ? -4.93214  -2.16278  4.65509   1.000 43.52055 ? 377 TYR A O   1 
ATOM   235  C CB  . TYR A 1 36  ? -6.23844  -4.27894  2.25799   1.000 27.24629 ? 377 TYR A CB  1 
ATOM   236  C CG  . TYR A 1 36  ? -6.78185  -4.17614  0.84950   1.000 39.79372 ? 377 TYR A CG  1 
ATOM   237  C CD1 . TYR A 1 36  ? -6.44088  -3.11145  0.02389   1.000 40.06683 ? 377 TYR A CD1 1 
ATOM   238  C CD2 . TYR A 1 36  ? -7.64946  -5.13970  0.35017   1.000 31.74670 ? 377 TYR A CD2 1 
ATOM   239  C CE1 . TYR A 1 36  ? -6.94291  -3.01546  -1.26390  1.000 31.00880 ? 377 TYR A CE1 1 
ATOM   240  C CE2 . TYR A 1 36  ? -8.15605  -5.05141  -0.93370  1.000 29.41612 ? 377 TYR A CE2 1 
ATOM   241  C CZ  . TYR A 1 36  ? -7.79942  -3.98909  -1.73603  1.000 31.66017 ? 377 TYR A CZ  1 
ATOM   242  O OH  . TYR A 1 36  ? -8.30497  -3.90050  -3.01357  1.000 44.98013 ? 377 TYR A OH  1 
ATOM   243  N N   . LYS A 1 37  ? -4.53278  -4.36713  4.69800   1.000 42.89349 ? 378 LYS A N   1 
ATOM   244  C CA  . LYS A 1 37  ? -4.33179  -4.48586  6.13327   1.000 39.71946 ? 378 LYS A CA  1 
ATOM   245  C C   . LYS A 1 37  ? -2.84557  -4.52218  6.45876   1.000 39.45611 ? 378 LYS A C   1 
ATOM   246  O O   . LYS A 1 37  ? -2.00493  -4.71407  5.57493   1.000 38.91848 ? 378 LYS A O   1 
ATOM   247  C CB  . LYS A 1 37  ? -5.02367  -5.75280  6.64634   1.000 44.35580 ? 378 LYS A CB  1 
ATOM   248  C CG  . LYS A 1 37  ? -6.50120  -5.84496  6.29163   1.000 50.78047 ? 378 LYS A CG  1 
ATOM   249  C CD  . LYS A 1 37  ? -7.37762  -5.14710  7.32204   1.000 56.55199 ? 378 LYS A CD  1 
ATOM   250  C CE  . LYS A 1 37  ? -7.44029  -5.94263  8.61807   1.000 57.99735 ? 378 LYS A CE  1 
ATOM   251  N NZ  . LYS A 1 37  ? -8.39219  -5.35478  9.60211   1.000 51.35503 ? 378 LYS A NZ  1 
ATOM   252  N N   . PRO A 1 38  ? -2.47457  -4.32440  7.72747   1.000 34.84232 ? 379 PRO A N   1 
ATOM   253  C CA  . PRO A 1 38  ? -1.06198  -4.45776  8.10321   1.000 33.24831 ? 379 PRO A CA  1 
ATOM   254  C C   . PRO A 1 38  ? -0.53598  -5.85300  7.80174   1.000 34.91999 ? 379 PRO A C   1 
ATOM   255  O O   . PRO A 1 38  ? -1.27808  -6.83761  7.81248   1.000 37.34063 ? 379 PRO A O   1 
ATOM   256  C CB  . PRO A 1 38  ? -1.06446  -4.17355  9.60933   1.000 25.01566 ? 379 PRO A CB  1 
ATOM   257  C CG  . PRO A 1 38  ? -2.25864  -3.31370  9.82039   1.000 46.20027 ? 379 PRO A CG  1 
ATOM   258  C CD  . PRO A 1 38  ? -3.28869  -3.80512  8.84250   1.000 39.33151 ? 379 PRO A CD  1 
ATOM   259  N N   . VAL A 1 39  ? 0.76712   -5.92249  7.52545   1.000 39.93551 ? 380 VAL A N   1 
ATOM   260  C CA  . VAL A 1 39  ? 1.39549   -7.18256  7.14264   1.000 39.12677 ? 380 VAL A CA  1 
ATOM   261  C C   . VAL A 1 39  ? 1.24263   -8.18847  8.27418   1.000 38.05243 ? 380 VAL A C   1 
ATOM   262  O O   . VAL A 1 39  ? 1.66934   -7.94226  9.40927   1.000 43.24839 ? 380 VAL A O   1 
ATOM   263  C CB  . VAL A 1 39  ? 2.86652   -6.96006  6.77792   1.000 43.70846 ? 380 VAL A CB  1 
ATOM   264  C CG1 . VAL A 1 39  ? 3.60055   -8.28631  6.69973   1.000 44.88782 ? 380 VAL A CG1 1 
ATOM   265  C CG2 . VAL A 1 39  ? 2.97386   -6.21427  5.45484   1.000 39.06744 ? 380 VAL A CG2 1 
ATOM   266  N N   . ASP A 1 40  ? 0.62380   -9.32645  7.96858   1.000 33.46338 ? 381 ASP A N   1 
ATOM   267  C CA  . ASP A 1 40  ? 0.39908   -10.38821 8.94677   1.000 37.69290 ? 381 ASP A CA  1 
ATOM   268  C C   . ASP A 1 40  ? 1.71726   -11.10631 9.20476   1.000 39.79289 ? 381 ASP A C   1 
ATOM   269  O O   . ASP A 1 40  ? 2.12153   -11.98686 8.44242   1.000 38.70091 ? 381 ASP A O   1 
ATOM   270  C CB  . ASP A 1 40  ? -0.66902  -11.35253 8.44178   1.000 41.21265 ? 381 ASP A CB  1 
ATOM   271  C CG  . ASP A 1 40  ? -1.05271  -12.39993 9.47339   1.000 45.47239 ? 381 ASP A CG  1 
ATOM   272  O OD1 . ASP A 1 40  ? -0.56230  -12.32824 10.62052  1.000 48.30947 ? 381 ASP A OD1 1 
ATOM   273  O OD2 . ASP A 1 40  ? -1.85124  -13.29835 9.13377   1.000 45.18250 ? 381 ASP A OD2 1 
ATOM   274  N N   . VAL A 1 41  ? 2.39471   -10.73246 10.29334  1.000 45.43756 ? 382 VAL A N   1 
ATOM   275  C CA  . VAL A 1 41  ? 3.66545   -11.35616 10.64477  1.000 51.34412 ? 382 VAL A CA  1 
ATOM   276  C C   . VAL A 1 41  ? 3.50163   -12.76807 11.18371  1.000 48.44980 ? 382 VAL A C   1 
ATOM   277  O O   . VAL A 1 41  ? 4.50241   -13.46996 11.36731  1.000 50.21086 ? 382 VAL A O   1 
ATOM   278  C CB  . VAL A 1 41  ? 4.42356   -10.49126 11.67207  1.000 55.75486 ? 382 VAL A CB  1 
ATOM   279  C CG1 . VAL A 1 41  ? 4.83896   -9.16958  11.04566  1.000 50.50337 ? 382 VAL A CG1 1 
ATOM   280  C CG2 . VAL A 1 41  ? 3.56304   -10.25477 12.90318  1.000 55.49147 ? 382 VAL A CG2 1 
ATOM   281  N N   . GLU A 1 42  ? 2.27064   -13.20299 11.44309  1.000 52.36083 ? 383 GLU A N   1 
ATOM   282  C CA  . GLU A 1 42  ? 2.00170   -14.56010 11.89771  1.000 46.69001 ? 383 GLU A CA  1 
ATOM   283  C C   . GLU A 1 42  ? 1.87456   -15.55286 10.75027  1.000 47.29565 ? 383 GLU A C   1 
ATOM   284  O O   . GLU A 1 42  ? 1.60767   -16.73314 10.99816  1.000 53.80708 ? 383 GLU A O   1 
ATOM   285  C CB  . GLU A 1 42  ? 0.72560   -14.59069 12.74667  1.000 46.30210 ? 383 GLU A CB  1 
ATOM   286  C CG  . GLU A 1 42  ? 0.79715   -13.74950 14.01225  1.000 54.48224 ? 383 GLU A CG  1 
ATOM   287  C CD  . GLU A 1 42  ? 1.79515   -14.28841 15.01955  1.000 59.61553 ? 383 GLU A CD  1 
ATOM   288  O OE1 . GLU A 1 42  ? 2.06959   -15.50703 14.99668  1.000 65.21074 ? 383 GLU A OE1 1 
ATOM   289  O OE2 . GLU A 1 42  ? 2.30663   -13.49227 15.83451  1.000 57.63339 ? 383 GLU A OE2 1 
ATOM   290  N N   . ALA A 1 43  ? 2.05358   -15.10769 9.51028   1.000 49.33084 ? 384 ALA A N   1 
ATOM   291  C CA  . ALA A 1 43  ? 1.97016   -15.99685 8.36468   1.000 44.51983 ? 384 ALA A CA  1 
ATOM   292  C C   . ALA A 1 43  ? 3.28081   -16.75562 8.17832   1.000 43.11284 ? 384 ALA A C   1 
ATOM   293  O O   . ALA A 1 43  ? 4.33419   -16.36908 8.69186   1.000 50.94309 ? 384 ALA A O   1 
ATOM   294  C CB  . ALA A 1 43  ? 1.63059   -15.21200 7.09767   1.000 45.09000 ? 384 ALA A CB  1 
ATOM   295  N N   . LEU A 1 44  ? 3.20233   -17.85267 7.42949   1.000 50.18989 ? 385 LEU A N   1 
ATOM   296  C CA  . LEU A 1 44  ? 4.37525   -18.68271 7.19069   1.000 46.56918 ? 385 LEU A CA  1 
ATOM   297  C C   . LEU A 1 44  ? 5.36577   -17.94421 6.29831   1.000 47.04150 ? 385 LEU A C   1 
ATOM   298  O O   . LEU A 1 44  ? 4.99921   -17.42581 5.23904   1.000 47.20054 ? 385 LEU A O   1 
ATOM   299  C CB  . LEU A 1 44  ? 3.96170   -20.00979 6.55257   1.000 50.02564 ? 385 LEU A CB  1 
ATOM   300  C CG  . LEU A 1 44  ? 4.85239   -21.23818 6.77265   1.000 55.59233 ? 385 LEU A CG  1 
ATOM   301  C CD1 . LEU A 1 44  ? 4.07122   -22.50800 6.47457   1.000 62.11823 ? 385 LEU A CD1 1 
ATOM   302  C CD2 . LEU A 1 44  ? 6.11795   -21.18665 5.92585   1.000 48.50655 ? 385 LEU A CD2 1 
ATOM   303  N N   . GLY A 1 45  ? 6.62510   -17.89638 6.73131   1.000 43.07550 ? 386 GLY A N   1 
ATOM   304  C CA  . GLY A 1 45  ? 7.67197   -17.23169 5.98879   1.000 36.69497 ? 386 GLY A CA  1 
ATOM   305  C C   . GLY A 1 45  ? 7.90331   -15.78288 6.35786   1.000 46.41716 ? 386 GLY A C   1 
ATOM   306  O O   . GLY A 1 45  ? 8.93037   -15.21714 5.96137   1.000 53.03674 ? 386 GLY A O   1 
ATOM   307  N N   . LEU A 1 46  ? 6.98972   -15.16406 7.10692   1.000 45.36827 ? 387 LEU A N   1 
ATOM   308  C CA  . LEU A 1 46  ? 7.09407   -13.75897 7.48161   1.000 44.70926 ? 387 LEU A CA  1 
ATOM   309  C C   . LEU A 1 46  ? 7.54102   -13.57853 8.92849   1.000 51.62337 ? 387 LEU A C   1 
ATOM   310  O O   . LEU A 1 46  ? 7.23297   -12.55786 9.55281   1.000 53.10537 ? 387 LEU A O   1 
ATOM   311  C CB  . LEU A 1 46  ? 5.76260   -13.04512 7.24283   1.000 46.70040 ? 387 LEU A CB  1 
ATOM   312  C CG  . LEU A 1 46  ? 5.42178   -12.58809 5.81847   1.000 43.91608 ? 387 LEU A CG  1 
ATOM   313  C CD1 . LEU A 1 46  ? 5.27188   -13.75642 4.85121   1.000 45.99238 ? 387 LEU A CD1 1 
ATOM   314  C CD2 . LEU A 1 46  ? 4.15814   -11.74888 5.82766   1.000 43.89361 ? 387 LEU A CD2 1 
ATOM   315  N N   . HIS A 1 47  ? 8.26938   -14.55524 9.47202   1.000 51.36636 ? 388 HIS A N   1 
ATOM   316  C CA  . HIS A 1 47  ? 8.72202   -14.48729 10.85622  1.000 48.84456 ? 388 HIS A CA  1 
ATOM   317  C C   . HIS A 1 47  ? 9.81072   -13.44345 11.06802  1.000 48.89537 ? 388 HIS A C   1 
ATOM   318  O O   . HIS A 1 47  ? 10.06052  -13.05200 12.21330  1.000 52.08225 ? 388 HIS A O   1 
ATOM   319  C CB  . HIS A 1 47  ? 9.23337   -15.85770 11.29658  1.000 42.03783 ? 388 HIS A CB  1 
ATOM   320  C CG  . HIS A 1 47  ? 10.29259  -16.41523 10.39867  1.000 34.53520 ? 388 HIS A CG  1 
ATOM   321  N ND1 . HIS A 1 47  ? 11.61818  -16.05060 10.49572  1.000 34.24259 ? 388 HIS A ND1 1 
ATOM   322  C CD2 . HIS A 1 47  ? 10.21823  -17.29336 9.37085   1.000 37.05541 ? 388 HIS A CD2 1 
ATOM   323  C CE1 . HIS A 1 47  ? 12.31715  -16.69059 9.57538   1.000 42.36529 ? 388 HIS A CE1 1 
ATOM   324  N NE2 . HIS A 1 47  ? 11.49129  -17.45086 8.87919   1.000 45.02378 ? 388 HIS A NE2 1 
ATOM   325  N N   . ASP A 1 48  ? 10.46779  -12.99186 9.99975   1.000 47.55025 ? 389 ASP A N   1 
ATOM   326  C CA  . ASP A 1 48  ? 11.55735  -12.02830 10.09318  1.000 52.49930 ? 389 ASP A CA  1 
ATOM   327  C C   . ASP A 1 48  ? 11.18808  -10.68327 9.47292   1.000 55.91056 ? 389 ASP A C   1 
ATOM   328  O O   . ASP A 1 48  ? 12.06488  -9.93304  9.03731   1.000 57.35733 ? 389 ASP A O   1 
ATOM   329  C CB  . ASP A 1 48  ? 12.81927  -12.58700 9.43751   1.000 45.22652 ? 389 ASP A CB  1 
ATOM   330  C CG  . ASP A 1 48  ? 12.63068  -12.87461 7.95906   1.000 53.70803 ? 389 ASP A CG  1 
ATOM   331  O OD1 . ASP A 1 48  ? 11.47751  -13.10629 7.53820   1.000 52.27985 ? 389 ASP A OD1 1 
ATOM   332  O OD2 . ASP A 1 48  ? 13.63675  -12.87242 7.21802   1.000 46.39005 ? 389 ASP A OD2 1 
ATOM   333  N N   . TYR A 1 49  ? 9.89343   -10.36278 9.43047   1.000 50.54995 ? 390 TYR A N   1 
ATOM   334  C CA  . TYR A 1 49  ? 9.46314   -9.10836  8.82218   1.000 49.94885 ? 390 TYR A CA  1 
ATOM   335  C C   . TYR A 1 49  ? 9.76743   -7.91974  9.72665   1.000 49.48052 ? 390 TYR A C   1 
ATOM   336  O O   . TYR A 1 49  ? 10.28694  -6.89779  9.26551   1.000 54.12112 ? 390 TYR A O   1 
ATOM   337  C CB  . TYR A 1 49  ? 7.97029   -9.16568  8.49126   1.000 46.66685 ? 390 TYR A CB  1 
ATOM   338  C CG  . TYR A 1 49  ? 7.49127   -8.00973  7.64043   1.000 52.83565 ? 390 TYR A CG  1 
ATOM   339  C CD1 . TYR A 1 49  ? 7.62139   -8.04064  6.25784   1.000 46.89415 ? 390 TYR A CD1 1 
ATOM   340  C CD2 . TYR A 1 49  ? 6.90921   -6.88827  8.21844   1.000 45.27915 ? 390 TYR A CD2 1 
ATOM   341  C CE1 . TYR A 1 49  ? 7.18704   -6.98827  5.47483   1.000 38.82796 ? 390 TYR A CE1 1 
ATOM   342  C CE2 . TYR A 1 49  ? 6.47141   -5.83041  7.44301   1.000 39.15502 ? 390 TYR A CE2 1 
ATOM   343  C CZ  . TYR A 1 49  ? 6.61272   -5.88584  6.07189   1.000 38.47458 ? 390 TYR A CZ  1 
ATOM   344  O OH  . TYR A 1 49  ? 6.17995   -4.83580  5.29394   1.000 42.70572 ? 390 TYR A OH  1 
ATOM   345  N N   . CYS A 1 50  ? 9.45293   -8.03597  11.01936  1.000 51.43752 ? 391 CYS A N   1 
ATOM   346  C CA  . CYS A 1 50  ? 9.72843   -6.94969  11.95284  1.000 52.21430 ? 391 CYS A CA  1 
ATOM   347  C C   . CYS A 1 50  ? 11.22005  -6.74599  12.18280  1.000 53.52961 ? 391 CYS A C   1 
ATOM   348  O O   . CYS A 1 50  ? 11.61667  -5.69285  12.69334  1.000 48.55367 ? 391 CYS A O   1 
ATOM   349  C CB  . CYS A 1 50  ? 9.02642   -7.20868  13.28645  1.000 44.38923 ? 391 CYS A CB  1 
ATOM   350  S SG  . CYS A 1 50  ? 7.22311   -7.24726  13.17970  1.000 66.85394 ? 391 CYS A SG  1 
ATOM   351  N N   . ASP A 1 51  ? 12.05196  -7.72631  11.82395  1.000 50.60503 ? 392 ASP A N   1 
ATOM   352  C CA  . ASP A 1 51  ? 13.49579  -7.55522  11.93179  1.000 50.58360 ? 392 ASP A CA  1 
ATOM   353  C C   . ASP A 1 51  ? 14.06709  -6.78639  10.74744  1.000 51.46568 ? 392 ASP A C   1 
ATOM   354  O O   . ASP A 1 51  ? 15.09274  -6.11124  10.88859  1.000 45.94399 ? 392 ASP A O   1 
ATOM   355  C CB  . ASP A 1 51  ? 14.18161  -8.91753  12.05185  1.000 55.83505 ? 392 ASP A CB  1 
ATOM   356  C CG  . ASP A 1 51  ? 13.73213  -9.69157  13.27629  1.000 61.20358 ? 392 ASP A CG  1 
ATOM   357  O OD1 . ASP A 1 51  ? 12.62004  -10.26027 13.25003  1.000 59.76765 ? 392 ASP A OD1 1 
ATOM   358  O OD2 . ASP A 1 51  ? 14.49140  -9.72952  14.26677  1.000 68.30565 ? 392 ASP A OD2 1 
ATOM   359  N N   . ILE A 1 52  ? 13.42556  -6.87415  9.58542   1.000 56.39814 ? 393 ILE A N   1 
ATOM   360  C CA  . ILE A 1 52  ? 13.88277  -6.15173  8.40272   1.000 46.73205 ? 393 ILE A CA  1 
ATOM   361  C C   . ILE A 1 52  ? 13.16999  -4.81238  8.26176   1.000 53.27933 ? 393 ILE A C   1 
ATOM   362  O O   . ILE A 1 52  ? 13.80045  -3.79623  7.95909   1.000 50.15258 ? 393 ILE A O   1 
ATOM   363  C CB  . ILE A 1 52  ? 13.68910  -7.02834  7.14873   1.000 51.99690 ? 393 ILE A CB  1 
ATOM   364  C CG1 . ILE A 1 52  ? 14.43676  -8.35426  7.30232   1.000 46.93317 ? 393 ILE A CG1 1 
ATOM   365  C CG2 . ILE A 1 52  ? 14.15862  -6.29558  5.90133   1.000 42.20395 ? 393 ILE A CG2 1 
ATOM   366  C CD1 . ILE A 1 52  ? 15.93476  -8.19559  7.43737   1.000 49.87524 ? 393 ILE A CD1 1 
ATOM   367  N N   . ILE A 1 53  ? 11.86015  -4.78886  8.48635   1.000 52.01166 ? 394 ILE A N   1 
ATOM   368  C CA  . ILE A 1 53  ? 11.04581  -3.58931  8.32778   1.000 45.52929 ? 394 ILE A CA  1 
ATOM   369  C C   . ILE A 1 53  ? 10.88017  -2.94214  9.69604   1.000 43.88294 ? 394 ILE A C   1 
ATOM   370  O O   . ILE A 1 53  ? 10.23557  -3.50672  10.58707  1.000 45.34545 ? 394 ILE A O   1 
ATOM   371  C CB  . ILE A 1 53  ? 9.68471   -3.91303  7.70030   1.000 34.74816 ? 394 ILE A CB  1 
ATOM   372  C CG1 . ILE A 1 53  ? 9.87492   -4.55262  6.32311   1.000 43.47447 ? 394 ILE A CG1 1 
ATOM   373  C CG2 . ILE A 1 53  ? 8.83099   -2.66138  7.61196   1.000 37.74157 ? 394 ILE A CG2 1 
ATOM   374  C CD1 . ILE A 1 53  ? 10.75913  -3.74916  5.39384   1.000 41.85767 ? 394 ILE A CD1 1 
ATOM   375  N N   . LYS A 1 54  ? 11.44743  -1.74570  9.85903   1.000 40.22399 ? 395 LYS A N   1 
ATOM   376  C CA  . LYS A 1 54  ? 11.38441  -1.03589  11.12901  1.000 42.58345 ? 395 LYS A CA  1 
ATOM   377  C C   . LYS A 1 54  ? 10.14020  -0.17209  11.27605  1.000 43.86680 ? 395 LYS A C   1 
ATOM   378  O O   . LYS A 1 54  ? 9.72748   0.10310   12.40826  1.000 46.82344 ? 395 LYS A O   1 
ATOM   379  C CB  . LYS A 1 54  ? 12.63039  -0.16220  11.30725  1.000 41.69946 ? 395 LYS A CB  1 
ATOM   380  C CG  . LYS A 1 54  ? 13.92759  -0.94001  11.49925  1.000 51.34137 ? 395 LYS A CG  1 
ATOM   381  C CD  . LYS A 1 54  ? 13.98341  -1.61787  12.86360  1.000 61.38149 ? 395 LYS A CD  1 
ATOM   382  C CE  . LYS A 1 54  ? 13.76258  -3.12168  12.76034  1.000 55.58936 ? 395 LYS A CE  1 
ATOM   383  N NZ  . LYS A 1 54  ? 13.76706  -3.77668  14.09892  1.000 63.41824 ? 395 LYS A NZ  1 
ATOM   384  N N   . HIS A 1 55  ? 9.53571   0.26178   10.17097  1.000 45.52909 ? 396 HIS A N   1 
ATOM   385  C CA  . HIS A 1 55  ? 8.33517   1.09595   10.20120  1.000 47.84988 ? 396 HIS A CA  1 
ATOM   386  C C   . HIS A 1 55  ? 7.30413   0.51069   9.24656   1.000 43.33249 ? 396 HIS A C   1 
ATOM   387  O O   . HIS A 1 55  ? 7.26675   0.86519   8.06028   1.000 38.49313 ? 396 HIS A O   1 
ATOM   388  C CB  . HIS A 1 55  ? 8.65653   2.54503   9.84072   1.000 43.53867 ? 396 HIS A CB  1 
ATOM   389  C CG  . HIS A 1 55  ? 9.59086   3.21339   10.80039  1.000 44.12753 ? 396 HIS A CG  1 
ATOM   390  N ND1 . HIS A 1 55  ? 10.91786  3.44617   10.50885  1.000 46.96795 ? 396 HIS A ND1 1 
ATOM   391  C CD2 . HIS A 1 55  ? 9.39068   3.69332   12.05053  1.000 42.02916 ? 396 HIS A CD2 1 
ATOM   392  C CE1 . HIS A 1 55  ? 11.49389  4.04399   11.53647  1.000 49.19166 ? 396 HIS A CE1 1 
ATOM   393  N NE2 . HIS A 1 55  ? 10.58902  4.20545   12.48506  1.000 51.71630 ? 396 HIS A NE2 1 
ATOM   394  N N   . PRO A 1 56  ? 6.45724   -0.39638  9.72541   1.000 45.31580 ? 397 PRO A N   1 
ATOM   395  C CA  . PRO A 1 56  ? 5.39770   -0.94014  8.87076   1.000 41.39396 ? 397 PRO A CA  1 
ATOM   396  C C   . PRO A 1 56  ? 4.39008   0.13256   8.48757   1.000 37.22093 ? 397 PRO A C   1 
ATOM   397  O O   . PRO A 1 56  ? 4.22681   1.14789   9.16770   1.000 37.09515 ? 397 PRO A O   1 
ATOM   398  C CB  . PRO A 1 56  ? 4.75024   -2.02062  9.74559   1.000 39.43017 ? 397 PRO A CB  1 
ATOM   399  C CG  . PRO A 1 56  ? 5.77827   -2.34242  10.78731  1.000 41.44553 ? 397 PRO A CG  1 
ATOM   400  C CD  . PRO A 1 56  ? 6.50042   -1.05567  11.04041  1.000 40.33278 ? 397 PRO A CD  1 
ATOM   401  N N   . MET A 1 57  ? 3.70592   -0.11007  7.37140   1.000 32.94288 ? 398 MET A N   1 
ATOM   402  C CA  . MET A 1 57  ? 2.70876   0.82826   6.87690   1.000 39.93145 ? 398 MET A CA  1 
ATOM   403  C C   . MET A 1 57  ? 1.79424   0.11023   5.89510   1.000 37.39141 ? 398 MET A C   1 
ATOM   404  O O   . MET A 1 57  ? 2.25616   -0.69224  5.08007   1.000 29.86639 ? 398 MET A O   1 
ATOM   405  C CB  . MET A 1 57  ? 3.36686   2.04217   6.20895   1.000 37.70345 ? 398 MET A CB  1 
ATOM   406  C CG  . MET A 1 57  ? 2.39618   3.14338   5.82007   1.000 30.34070 ? 398 MET A CG  1 
ATOM   407  S SD  . MET A 1 57  ? 1.35038   3.67677   7.19022   1.000 38.73077 ? 398 MET A SD  1 
ATOM   408  C CE  . MET A 1 57  ? 2.57220   4.26729   8.36050   1.000 27.71629 ? 398 MET A CE  1 
ATOM   409  N N   . ASP A 1 58  ? 0.49897   0.40537   5.98176   1.000 37.11361 ? 399 ASP A N   1 
ATOM   410  C CA  . ASP A 1 58  ? -0.49988  -0.20635  5.11871   1.000 39.80674 ? 399 ASP A CA  1 
ATOM   411  C C   . ASP A 1 58  ? -1.55124  0.83253   4.75737   1.000 37.68880 ? 399 ASP A C   1 
ATOM   412  O O   . ASP A 1 58  ? -1.54505  1.95795   5.26199   1.000 36.59995 ? 399 ASP A O   1 
ATOM   413  C CB  . ASP A 1 58  ? -1.16120  -1.41781  5.78421   1.000 38.14127 ? 399 ASP A CB  1 
ATOM   414  C CG  . ASP A 1 58  ? -1.86198  -1.05541  7.07607   1.000 40.33345 ? 399 ASP A CG  1 
ATOM   415  O OD1 . ASP A 1 58  ? -1.16745  -0.67218  8.04088   1.000 46.96562 ? 399 ASP A OD1 1 
ATOM   416  O OD2 . ASP A 1 58  ? -3.10799  -1.12616  7.11824   1.000 33.87704 ? 399 ASP A OD2 1 
ATOM   417  N N   . MET A 1 59  ? -2.46915  0.43567   3.87157   1.000 33.58359 ? 400 MET A N   1 
ATOM   418  C CA  . MET A 1 59  ? -3.49950  1.35715   3.40339   1.000 36.79126 ? 400 MET A CA  1 
ATOM   419  C C   . MET A 1 59  ? -4.52966  1.66353   4.48613   1.000 37.20183 ? 400 MET A C   1 
ATOM   420  O O   . MET A 1 59  ? -5.05154  2.78347   4.54075   1.000 39.22533 ? 400 MET A O   1 
ATOM   421  C CB  . MET A 1 59  ? -4.18040  0.78569   2.15830   1.000 36.74146 ? 400 MET A CB  1 
ATOM   422  C CG  . MET A 1 59  ? -3.29928  0.78462   0.91593   1.000 34.55878 ? 400 MET A CG  1 
ATOM   423  S SD  . MET A 1 59  ? -4.02364  -0.12486  -0.46479  1.000 32.12472 ? 400 MET A SD  1 
ATOM   424  C CE  . MET A 1 59  ? -5.62793  0.65591   -0.58930  1.000 27.83763 ? 400 MET A CE  1 
ATOM   425  N N   . SER A 1 60  ? -4.83646  0.69399   5.35223   1.000 38.86486 ? 401 SER A N   1 
ATOM   426  C CA  . SER A 1 60  ? -5.81100  0.94132   6.41145   1.000 39.37796 ? 401 SER A CA  1 
ATOM   427  C C   . SER A 1 60  ? -5.27168  1.92908   7.43906   1.000 39.32301 ? 401 SER A C   1 
ATOM   428  O O   . SER A 1 60  ? -6.02814  2.74308   7.98194   1.000 38.24681 ? 401 SER A O   1 
ATOM   429  C CB  . SER A 1 60  ? -6.21006  -0.37297  7.08336   1.000 28.75085 ? 401 SER A CB  1 
ATOM   430  O OG  . SER A 1 60  ? -6.90515  -1.21641  6.18081   1.000 35.09760 ? 401 SER A OG  1 
ATOM   431  N N   . THR A 1 61  ? -3.96738  1.87520   7.71832   1.000 41.00828 ? 402 THR A N   1 
ATOM   432  C CA  . THR A 1 61  ? -3.36841  2.85009   8.62456   1.000 48.11726 ? 402 THR A CA  1 
ATOM   433  C C   . THR A 1 61  ? -3.35524  4.24052   8.00087   1.000 37.39590 ? 402 THR A C   1 
ATOM   434  O O   . THR A 1 61  ? -3.60897  5.23862   8.68602   1.000 37.71633 ? 402 THR A O   1 
ATOM   435  C CB  . THR A 1 61  ? -1.95089  2.41649   9.00259   1.000 40.65252 ? 402 THR A CB  1 
ATOM   436  O OG1 . THR A 1 61  ? -1.98204  1.08998   9.54449   1.000 43.79583 ? 402 THR A OG1 1 
ATOM   437  C CG2 . THR A 1 61  ? -1.35517  3.36669   10.03268  1.000 37.81805 ? 402 THR A CG2 1 
ATOM   438  N N   . ILE A 1 62  ? -3.06401  4.32193   6.70058   1.000 39.56334 ? 403 ILE A N   1 
ATOM   439  C CA  . ILE A 1 62  ? -3.09306  5.60371   6.00227   1.000 36.65846 ? 403 ILE A CA  1 
ATOM   440  C C   . ILE A 1 62  ? -4.49946  6.18764   6.02033   1.000 37.30106 ? 403 ILE A C   1 
ATOM   441  O O   . ILE A 1 62  ? -4.68242  7.39543   6.21108   1.000 46.98711 ? 403 ILE A O   1 
ATOM   442  C CB  . ILE A 1 62  ? -2.56218  5.43701   4.56568   1.000 33.96479 ? 403 ILE A CB  1 
ATOM   443  C CG1 . ILE A 1 62  ? -1.08399  5.04300   4.57886   1.000 40.43970 ? 403 ILE A CG1 1 
ATOM   444  C CG2 . ILE A 1 62  ? -2.74580  6.70821   3.77280   1.000 37.24414 ? 403 ILE A CG2 1 
ATOM   445  C CD1 . ILE A 1 62  ? -0.51529  4.74247   3.20567   1.000 33.93989 ? 403 ILE A CD1 1 
ATOM   446  N N   . LYS A 1 63  ? -5.51637  5.34243   5.83719   1.000 35.60332 ? 404 LYS A N   1 
ATOM   447  C CA  . LYS A 1 63  ? -6.89059  5.82958   5.90092   1.000 35.33697 ? 404 LYS A CA  1 
ATOM   448  C C   . LYS A 1 63  ? -7.24883  6.28421   7.31026   1.000 44.43451 ? 404 LYS A C   1 
ATOM   449  O O   . LYS A 1 63  ? -7.92431  7.30517   7.48526   1.000 43.54156 ? 404 LYS A O   1 
ATOM   450  C CB  . LYS A 1 63  ? -7.85013  4.74297   5.41716   1.000 36.63650 ? 404 LYS A CB  1 
ATOM   451  C CG  . LYS A 1 63  ? -9.32998  5.02342   5.64392   1.000 35.61587 ? 404 LYS A CG  1 
ATOM   452  C CD  . LYS A 1 63  ? -10.15384 3.85600   5.11430   1.000 44.45633 ? 404 LYS A CD  1 
ATOM   453  C CE  . LYS A 1 63  ? -11.44584 3.67715   5.88876   1.000 56.43693 ? 404 LYS A CE  1 
ATOM   454  N NZ  . LYS A 1 63  ? -12.46375 4.69101   5.51386   1.000 42.86950 ? 404 LYS A NZ  1 
ATOM   455  N N   . SER A 1 64  ? -6.79764  5.54379   8.32694   1.000 45.61233 ? 405 SER A N   1 
ATOM   456  C CA  . SER A 1 64  ? -7.10052  5.91074   9.70701   1.000 38.41522 ? 405 SER A CA  1 
ATOM   457  C C   . SER A 1 64  ? -6.48489  7.25558   10.07184  1.000 46.05869 ? 405 SER A C   1 
ATOM   458  O O   . SER A 1 64  ? -7.09305  8.04620   10.80294  1.000 42.74181 ? 405 SER A O   1 
ATOM   459  C CB  . SER A 1 64  ? -6.60823  4.82033   10.65934  1.000 39.02199 ? 405 SER A CB  1 
ATOM   460  O OG  . SER A 1 64  ? -6.86322  5.16289   12.01145  1.000 53.09591 ? 405 SER A OG  1 
ATOM   461  N N   . LYS A 1 65  ? -5.27648  7.53351   9.57688   1.000 42.40868 ? 406 LYS A N   1 
ATOM   462  C CA  . LYS A 1 65  ? -4.64039  8.81212   9.87093   1.000 39.09736 ? 406 LYS A CA  1 
ATOM   463  C C   . LYS A 1 65  ? -5.22377  9.94384   9.03497   1.000 39.77190 ? 406 LYS A C   1 
ATOM   464  O O   . LYS A 1 65  ? -5.16548  11.10683  9.45053   1.000 41.95949 ? 406 LYS A O   1 
ATOM   465  C CB  . LYS A 1 65  ? -3.12881  8.70951   9.66304   1.000 39.01857 ? 406 LYS A CB  1 
ATOM   466  C CG  . LYS A 1 65  ? -2.45884  7.73461   10.61826  1.000 39.91598 ? 406 LYS A CG  1 
ATOM   467  C CD  . LYS A 1 65  ? -0.98775  8.05442   10.80911  1.000 42.59994 ? 406 LYS A CD  1 
ATOM   468  C CE  . LYS A 1 65  ? -0.20552  7.86362   9.52939   1.000 39.89086 ? 406 LYS A CE  1 
ATOM   469  N NZ  . LYS A 1 65  ? 1.23109   8.22178   9.70216   1.000 30.46627 ? 406 LYS A NZ  1 
ATOM   470  N N   . LEU A 1 66  ? -5.78961  9.63000   7.86640   1.000 42.06619 ? 407 LEU A N   1 
ATOM   471  C CA  . LEU A 1 66  ? -6.52832  10.64059  7.11571   1.000 37.92165 ? 407 LEU A CA  1 
ATOM   472  C C   . LEU A 1 66  ? -7.80412  11.03832  7.84584   1.000 34.01324 ? 407 LEU A C   1 
ATOM   473  O O   . LEU A 1 66  ? -8.13175  12.22713  7.93402   1.000 50.13500 ? 407 LEU A O   1 
ATOM   474  C CB  . LEU A 1 66  ? -6.85601  10.12806  5.71297   1.000 34.10306 ? 407 LEU A CB  1 
ATOM   475  C CG  . LEU A 1 66  ? -5.76493  10.22502  4.64618   1.000 39.42586 ? 407 LEU A CG  1 
ATOM   476  C CD1 . LEU A 1 66  ? -6.21827  9.53941   3.36914   1.000 34.74928 ? 407 LEU A CD1 1 
ATOM   477  C CD2 . LEU A 1 66  ? -5.41048  11.67835  4.37408   1.000 36.65009 ? 407 LEU A CD2 1 
ATOM   478  N N   . GLU A 1 67  ? -8.53588  10.05551  8.37574   1.000 44.24418 ? 408 GLU A N   1 
ATOM   479  C CA  . GLU A 1 67  ? -9.75937  10.35370  9.11193   1.000 41.89564 ? 408 GLU A CA  1 
ATOM   480  C C   . GLU A 1 67  ? -9.45799  11.10356  10.40342  1.000 45.96876 ? 408 GLU A C   1 
ATOM   481  O O   . GLU A 1 67  ? -10.21289 12.00024  10.79777  1.000 42.19502 ? 408 GLU A O   1 
ATOM   482  C CB  . GLU A 1 67  ? -10.52038 9.06093   9.39948   1.000 39.83146 ? 408 GLU A CB  1 
ATOM   483  C CG  . GLU A 1 67  ? -10.99974 8.34251   8.14922   1.000 52.08920 ? 408 GLU A CG  1 
ATOM   484  C CD  . GLU A 1 67  ? -11.54166 6.95767   8.44367   1.000 64.36984 ? 408 GLU A CD  1 
ATOM   485  O OE1 . GLU A 1 67  ? -11.25700 6.42720   9.53884   1.000 56.35208 ? 408 GLU A OE1 1 
ATOM   486  O OE2 . GLU A 1 67  ? -12.25289 6.40037   7.58049   1.000 55.04274 ? 408 GLU A OE2 1 
ATOM   487  N N   . ALA A 1 68  ? -8.36164  10.75414  11.07443  1.000 40.53678 ? 409 ALA A N   1 
ATOM   488  C CA  . ALA A 1 68  ? -7.92769  11.48464  12.25794  1.000 43.36707 ? 409 ALA A CA  1 
ATOM   489  C C   . ALA A 1 68  ? -7.22628  12.79223  11.91673  1.000 45.92857 ? 409 ALA A C   1 
ATOM   490  O O   . ALA A 1 68  ? -6.86664  13.53851  12.83438  1.000 44.60763 ? 409 ALA A O   1 
ATOM   491  C CB  . ALA A 1 68  ? -7.00461  10.61082  13.11144  1.000 30.76380 ? 409 ALA A CB  1 
ATOM   492  N N   . ARG A 1 69  ? -7.02683  13.07865  10.62751  1.000 43.55109 ? 410 ARG A N   1 
ATOM   493  C CA  . ARG A 1 69  ? -6.38339  14.31137  10.16965  1.000 42.19642 ? 410 ARG A CA  1 
ATOM   494  C C   . ARG A 1 69  ? -4.99616  14.48049  10.78488  1.000 45.87408 ? 410 ARG A C   1 
ATOM   495  O O   . ARG A 1 69  ? -4.61645  15.56947  11.21943  1.000 52.25718 ? 410 ARG A O   1 
ATOM   496  C CB  . ARG A 1 69  ? -7.26195  15.53200  10.45254  1.000 48.21027 ? 410 ARG A CB  1 
ATOM   497  C CG  . ARG A 1 69  ? -8.58533  15.51071  9.70690   1.000 50.52447 ? 410 ARG A CG  1 
ATOM   498  C CD  . ARG A 1 69  ? -9.39619  16.76738  9.96231   0.000 49.87565 ? 410 ARG A CD  1 
ATOM   499  N NE  . ARG A 1 69  ? -10.63381 16.77477  9.18829   0.000 52.54368 ? 410 ARG A NE  1 
ATOM   500  C CZ  . ARG A 1 69  ? -11.53111 17.75375  9.22358   0.000 54.21204 ? 410 ARG A CZ  1 
ATOM   501  N NH1 . ARG A 1 69  ? -11.33092 18.81071  9.99854   0.000 54.90232 ? 410 ARG A NH1 1 
ATOM   502  N NH2 . ARG A 1 69  ? -12.62959 17.67635  8.48486   0.000 54.84674 ? 410 ARG A NH2 1 
ATOM   503  N N   . GLU A 1 70  ? -4.22955  13.38919  10.81975  1.000 47.45896 ? 411 GLU A N   1 
ATOM   504  C CA  . GLU A 1 70  ? -2.86486  13.45822  11.32733  1.000 45.94935 ? 411 GLU A CA  1 
ATOM   505  C C   . GLU A 1 70  ? -1.90113  14.02114  10.29061  1.000 48.60241 ? 411 GLU A C   1 
ATOM   506  O O   . GLU A 1 70  ? -0.88138  14.61680  10.65743  1.000 43.23709 ? 411 GLU A O   1 
ATOM   507  C CB  . GLU A 1 70  ? -2.40343  12.07250  11.78289  1.000 39.35177 ? 411 GLU A CB  1 
ATOM   508  C CG  . GLU A 1 70  ? -1.04581  12.06224  12.46485  1.000 38.14971 ? 411 GLU A CG  1 
ATOM   509  C CD  . GLU A 1 70  ? -0.72935  10.72993  13.10684  1.000 42.75986 ? 411 GLU A CD  1 
ATOM   510  O OE1 . GLU A 1 70  ? -1.66498  9.92338   13.29247  1.000 46.40056 ? 411 GLU A OE1 1 
ATOM   511  O OE2 . GLU A 1 70  ? 0.45370   10.48860  13.42533  1.000 47.59142 ? 411 GLU A OE2 1 
ATOM   512  N N   . TYR A 1 71  ? -2.20394  13.85136  9.00513   1.000 40.79277 ? 412 TYR A N   1 
ATOM   513  C CA  . TYR A 1 71  ? -1.34872  14.38342  7.95194   1.000 45.62892 ? 412 TYR A CA  1 
ATOM   514  C C   . TYR A 1 71  ? -1.51405  15.89496  7.86608   1.000 45.18274 ? 412 TYR A C   1 
ATOM   515  O O   . TYR A 1 71  ? -2.63141  16.39699  7.70339   1.000 48.97380 ? 412 TYR A O   1 
ATOM   516  C CB  . TYR A 1 71  ? -1.68333  13.73354  6.61102   1.000 49.30543 ? 412 TYR A CB  1 
ATOM   517  C CG  . TYR A 1 71  ? -1.40761  12.24761  6.55293   1.000 42.08812 ? 412 TYR A CG  1 
ATOM   518  C CD1 . TYR A 1 71  ? -0.10653  11.76149  6.57370   1.000 40.99033 ? 412 TYR A CD1 1 
ATOM   519  C CD2 . TYR A 1 71  ? -2.44786  11.33186  6.46265   1.000 38.39320 ? 412 TYR A CD2 1 
ATOM   520  C CE1 . TYR A 1 71  ? 0.15025   10.40440  6.51644   1.000 41.61552 ? 412 TYR A CE1 1 
ATOM   521  C CE2 . TYR A 1 71  ? -2.20109  9.97348   6.40483   1.000 41.05417 ? 412 TYR A CE2 1 
ATOM   522  C CZ  . TYR A 1 71  ? -0.90042  9.51500   6.43166   1.000 39.96577 ? 412 TYR A CZ  1 
ATOM   523  O OH  . TYR A 1 71  ? -0.64875  8.16316   6.37277   1.000 42.55763 ? 412 TYR A OH  1 
ATOM   524  N N   . ARG A 1 72  ? -0.40125  16.62133  7.97607   1.000 47.85706 ? 413 ARG A N   1 
ATOM   525  C CA  . ARG A 1 72  ? -0.45129  18.07341  7.84535   1.000 44.98078 ? 413 ARG A CA  1 
ATOM   526  C C   . ARG A 1 72  ? -0.72754  18.48109  6.40359   1.000 48.96141 ? 413 ARG A C   1 
ATOM   527  O O   . ARG A 1 72  ? -1.68158  19.21602  6.12500   1.000 55.61427 ? 413 ARG A O   1 
ATOM   528  C CB  . ARG A 1 72  ? 0.85519   18.69221  8.34447   1.000 45.73225 ? 413 ARG A CB  1 
ATOM   529  C CG  . ARG A 1 72  ? 1.02882   18.64008  9.84997   1.000 37.02521 ? 413 ARG A CG  1 
ATOM   530  C CD  . ARG A 1 72  ? 2.41316   19.11111  10.25827  0.000 40.99772 ? 413 ARG A CD  1 
ATOM   531  N NE  . ARG A 1 72  ? 3.46000   18.26045  9.70024   0.000 41.14545 ? 413 ARG A NE  1 
ATOM   532  C CZ  . ARG A 1 72  ? 4.75741   18.41918  9.93833   0.000 40.33302 ? 413 ARG A CZ  1 
ATOM   533  N NH1 . ARG A 1 72  ? 5.17268   19.39872  10.72916  0.000 39.94860 ? 413 ARG A NH1 1 
ATOM   534  N NH2 . ARG A 1 72  ? 5.63995   17.59693  9.38818   0.000 41.08656 ? 413 ARG A NH2 1 
ATOM   535  N N   . ASP A 1 73  ? 0.09640   18.00799  5.47091   1.000 41.69940 ? 414 ASP A N   1 
ATOM   536  C CA  . ASP A 1 73  ? -0.04272  18.32575  4.05719   1.000 43.69054 ? 414 ASP A CA  1 
ATOM   537  C C   . ASP A 1 73  ? -0.09783  17.03333  3.25093   1.000 37.28652 ? 414 ASP A C   1 
ATOM   538  O O   . ASP A 1 73  ? -0.03970  15.92834  3.79789   1.000 40.54362 ? 414 ASP A O   1 
ATOM   539  C CB  . ASP A 1 73  ? 1.10142   19.22890  3.57751   1.000 38.38298 ? 414 ASP A CB  1 
ATOM   540  C CG  . ASP A 1 73  ? 2.46291   18.73347  4.02369   1.000 42.19884 ? 414 ASP A CG  1 
ATOM   541  O OD1 . ASP A 1 73  ? 2.89141   17.65692  3.55749   1.000 42.54607 ? 414 ASP A OD1 1 
ATOM   542  O OD2 . ASP A 1 73  ? 3.10728   19.42370  4.84047   1.000 48.42035 ? 414 ASP A OD2 1 
ATOM   543  N N   . ALA A 1 74  ? -0.21221  17.18103  1.92898   1.000 44.28703 ? 415 ALA A N   1 
ATOM   544  C CA  . ALA A 1 74  ? -0.30025  16.02016  1.05144   1.000 44.35545 ? 415 ALA A CA  1 
ATOM   545  C C   . ALA A 1 74  ? 1.03183   15.29813  0.90220   1.000 41.25251 ? 415 ALA A C   1 
ATOM   546  O O   . ALA A 1 74  ? 1.04252   14.11350  0.55188   1.000 40.14868 ? 415 ALA A O   1 
ATOM   547  C CB  . ALA A 1 74  ? -0.81897  16.43838  -0.32449  1.000 39.33411 ? 415 ALA A CB  1 
ATOM   548  N N   . GLN A 1 75  ? 2.15134   15.97904  1.15775   1.000 42.79099 ? 416 GLN A N   1 
ATOM   549  C CA  . GLN A 1 75  ? 3.45147   15.33123  1.02483   1.000 37.30638 ? 416 GLN A CA  1 
ATOM   550  C C   . GLN A 1 75  ? 3.71186   14.34897  2.15930   1.000 43.40256 ? 416 GLN A C   1 
ATOM   551  O O   . GLN A 1 75  ? 4.41968   13.35384  1.96379   1.000 47.06993 ? 416 GLN A O   1 
ATOM   552  C CB  . GLN A 1 75  ? 4.55770   16.38338  0.95637   1.000 37.14012 ? 416 GLN A CB  1 
ATOM   553  C CG  . GLN A 1 75  ? 5.03249   16.68484  -0.45886  1.000 53.71452 ? 416 GLN A CG  1 
ATOM   554  C CD  . GLN A 1 75  ? 3.89572   17.03981  -1.40081  1.000 64.92417 ? 416 GLN A CD  1 
ATOM   555  O OE1 . GLN A 1 75  ? 2.96648   17.75876  -1.03113  1.000 70.64825 ? 416 GLN A OE1 1 
ATOM   556  N NE2 . GLN A 1 75  ? 3.96346   16.53104  -2.62669  1.000 56.95054 ? 416 GLN A NE2 1 
ATOM   557  N N   . GLU A 1 76  ? 3.15750   14.60555  3.34634   1.000 44.16605 ? 417 GLU A N   1 
ATOM   558  C CA  . GLU A 1 76  ? 3.26024   13.62575  4.42174   1.000 46.48283 ? 417 GLU A CA  1 
ATOM   559  C C   . GLU A 1 76  ? 2.41463   12.39478  4.12339   1.000 39.63355 ? 417 GLU A C   1 
ATOM   560  O O   . GLU A 1 76  ? 2.79805   11.27575  4.48336   1.000 36.54974 ? 417 GLU A O   1 
ATOM   561  C CB  . GLU A 1 76  ? 2.84680   14.25433  5.75331   1.000 41.86236 ? 417 GLU A CB  1 
ATOM   562  C CG  . GLU A 1 76  ? 3.10561   13.36679  6.96058   1.000 37.46014 ? 417 GLU A CG  1 
ATOM   563  C CD  . GLU A 1 76  ? 2.57890   13.96394  8.24903   1.000 49.35876 ? 417 GLU A CD  1 
ATOM   564  O OE1 . GLU A 1 76  ? 2.05752   15.09920  8.21160   1.000 46.13481 ? 417 GLU A OE1 1 
ATOM   565  O OE2 . GLU A 1 76  ? 2.68378   13.29517  9.29882   1.000 46.13735 ? 417 GLU A OE2 1 
ATOM   566  N N   . PHE A 1 77  ? 1.27032   12.58278  3.46269   1.000 40.53253 ? 418 PHE A N   1 
ATOM   567  C CA  . PHE A 1 77  ? 0.46885   11.44941  3.01288   1.000 40.56200 ? 418 PHE A CA  1 
ATOM   568  C C   . PHE A 1 77  ? 1.24964   10.58853  2.02760   1.000 38.96106 ? 418 PHE A C   1 
ATOM   569  O O   . PHE A 1 77  ? 1.31788   9.36238   2.17260   1.000 37.26569 ? 418 PHE A O   1 
ATOM   570  C CB  . PHE A 1 77  ? -0.83259  11.95717  2.38732   1.000 41.94510 ? 418 PHE A CB  1 
ATOM   571  C CG  . PHE A 1 77  ? -1.54049  10.94393  1.52810   1.000 37.65928 ? 418 PHE A CG  1 
ATOM   572  C CD1 . PHE A 1 77  ? -2.42367  10.03483  2.08669   1.000 40.03114 ? 418 PHE A CD1 1 
ATOM   573  C CD2 . PHE A 1 77  ? -1.33933  10.91721  0.15612   1.000 36.88746 ? 418 PHE A CD2 1 
ATOM   574  C CE1 . PHE A 1 77  ? -3.08222  9.11035   1.29395   1.000 36.65496 ? 418 PHE A CE1 1 
ATOM   575  C CE2 . PHE A 1 77  ? -1.99329  9.99599   -0.63894  1.000 40.88657 ? 418 PHE A CE2 1 
ATOM   576  C CZ  . PHE A 1 77  ? -2.86579  9.09119   -0.06905  1.000 37.04233 ? 418 PHE A CZ  1 
ATOM   577  N N   . GLY A 1 78  ? 1.85100   11.21951  1.01614   1.000 38.37893 ? 419 GLY A N   1 
ATOM   578  C CA  . GLY A 1 78  ? 2.62049   10.47051  0.03844   1.000 43.84621 ? 419 GLY A CA  1 
ATOM   579  C C   . GLY A 1 78  ? 3.83495   9.78538   0.63064   1.000 34.79697 ? 419 GLY A C   1 
ATOM   580  O O   . GLY A 1 78  ? 4.25064   8.72789   0.14979   1.000 44.63526 ? 419 GLY A O   1 
ATOM   581  N N   . ALA A 1 79  ? 4.41950   10.37155  1.67849   1.000 37.89421 ? 420 ALA A N   1 
ATOM   582  C CA  . ALA A 1 79  ? 5.56629   9.74695   2.32855   1.000 38.27086 ? 420 ALA A CA  1 
ATOM   583  C C   . ALA A 1 79  ? 5.18988   8.41941   2.97153   1.000 35.67377 ? 420 ALA A C   1 
ATOM   584  O O   . ALA A 1 79  ? 5.99656   7.48323   2.97804   1.000 33.49593 ? 420 ALA A O   1 
ATOM   585  C CB  . ALA A 1 79  ? 6.16257   10.69449  3.37015   1.000 33.85490 ? 420 ALA A CB  1 
ATOM   586  N N   . ASP A 1 80  ? 3.97420   8.31476   3.51125   1.000 31.83272 ? 421 ASP A N   1 
ATOM   587  C CA  . ASP A 1 80  ? 3.52677   7.04870   4.07957   1.000 32.55822 ? 421 ASP A CA  1 
ATOM   588  C C   . ASP A 1 80  ? 3.13230   6.05450   2.99541   1.000 40.30034 ? 421 ASP A C   1 
ATOM   589  O O   . ASP A 1 80  ? 3.36562   4.84972   3.14347   1.000 36.17092 ? 421 ASP A O   1 
ATOM   590  C CB  . ASP A 1 80  ? 2.35991   7.28200   5.03654   1.000 34.09827 ? 421 ASP A CB  1 
ATOM   591  C CG  . ASP A 1 80  ? 2.81833   7.57887   6.44637   1.000 38.84525 ? 421 ASP A CG  1 
ATOM   592  O OD1 . ASP A 1 80  ? 4.03143   7.45205   6.71757   1.000 34.93502 ? 421 ASP A OD1 1 
ATOM   593  O OD2 . ASP A 1 80  ? 1.96555   7.93727   7.28289   1.000 32.57004 ? 421 ASP A OD2 1 
ATOM   594  N N   . VAL A 1 81  ? 2.52733   6.53501   1.90653   1.000 39.17593 ? 422 VAL A N   1 
ATOM   595  C CA  . VAL A 1 81  ? 2.19457   5.64689   0.79655   1.000 32.89841 ? 422 VAL A CA  1 
ATOM   596  C C   . VAL A 1 81  ? 3.46309   5.04020   0.21223   1.000 34.55308 ? 422 VAL A C   1 
ATOM   597  O O   . VAL A 1 81  ? 3.53144   3.83327   -0.04934  1.000 36.54099 ? 422 VAL A O   1 
ATOM   598  C CB  . VAL A 1 81  ? 1.38051   6.40335   -0.27097  1.000 36.95794 ? 422 VAL A CB  1 
ATOM   599  C CG1 . VAL A 1 81  ? 1.05518   5.48830   -1.44297  1.000 30.03876 ? 422 VAL A CG1 1 
ATOM   600  C CG2 . VAL A 1 81  ? 0.10490   6.96825   0.33501   1.000 33.32343 ? 422 VAL A CG2 1 
ATOM   601  N N   . ARG A 1 82  ? 4.49342   5.86615   0.01972   1.000 34.04902 ? 423 ARG A N   1 
ATOM   602  C CA  . ARG A 1 82  ? 5.76506   5.39314   -0.51279  1.000 37.47624 ? 423 ARG A CA  1 
ATOM   603  C C   . ARG A 1 82  ? 6.55190   4.58537   0.50984   1.000 34.10225 ? 423 ARG A C   1 
ATOM   604  O O   . ARG A 1 82  ? 7.34856   3.72103   0.12739   1.000 39.33626 ? 423 ARG A O   1 
ATOM   605  C CB  . ARG A 1 82  ? 6.58398   6.58204   -1.01258  1.000 32.17193 ? 423 ARG A CB  1 
ATOM   606  C CG  . ARG A 1 82  ? 6.02072   7.19103   -2.28894  1.000 29.58565 ? 423 ARG A CG  1 
ATOM   607  C CD  . ARG A 1 82  ? 6.31439   8.67280   -2.37426  1.000 38.90237 ? 423 ARG A CD  1 
ATOM   608  N NE  . ARG A 1 82  ? 5.82040   9.25878   -3.61585  1.000 31.93866 ? 423 ARG A NE  1 
ATOM   609  C CZ  . ARG A 1 82  ? 5.82418   10.56155  -3.87318  1.000 36.33337 ? 423 ARG A CZ  1 
ATOM   610  N NH1 . ARG A 1 82  ? 6.29271   11.41090  -2.97003  1.000 33.83675 ? 423 ARG A NH1 1 
ATOM   611  N NH2 . ARG A 1 82  ? 5.35782   11.01625  -5.02848  1.000 34.59317 ? 423 ARG A NH2 1 
ATOM   612  N N   . LEU A 1 83  ? 6.34885   4.85019   1.80169   1.000 34.91751 ? 424 LEU A N   1 
ATOM   613  C CA  . LEU A 1 83  ? 6.89795   3.97056   2.82746   1.000 31.37246 ? 424 LEU A CA  1 
ATOM   614  C C   . LEU A 1 83  ? 6.27591   2.58486   2.73676   1.000 35.73044 ? 424 LEU A C   1 
ATOM   615  O O   . LEU A 1 83  ? 6.95225   1.57281   2.95669   1.000 32.08954 ? 424 LEU A O   1 
ATOM   616  C CB  . LEU A 1 83  ? 6.66821   4.57284   4.21448   1.000 29.04554 ? 424 LEU A CB  1 
ATOM   617  C CG  . LEU A 1 83  ? 6.97418   3.68752   5.42553   1.000 34.92976 ? 424 LEU A CG  1 
ATOM   618  C CD1 . LEU A 1 83  ? 8.44935   3.31566   5.47533   1.000 30.19484 ? 424 LEU A CD1 1 
ATOM   619  C CD2 . LEU A 1 83  ? 6.54434   4.36872   6.71770   1.000 35.90472 ? 424 LEU A CD2 1 
ATOM   620  N N   . MET A 1 84  ? 4.98583   2.52320   2.40092   1.000 38.08591 ? 425 MET A N   1 
ATOM   621  C CA  . MET A 1 84  ? 4.31075   1.23921   2.25761   1.000 32.82836 ? 425 MET A CA  1 
ATOM   622  C C   . MET A 1 84  ? 4.92101   0.41815   1.12788   1.000 34.97570 ? 425 MET A C   1 
ATOM   623  O O   . MET A 1 84  ? 5.13003   -0.79212  1.27300   1.000 41.93466 ? 425 MET A O   1 
ATOM   624  C CB  . MET A 1 84  ? 2.81877   1.47035   2.02227   1.000 30.04276 ? 425 MET A CB  1 
ATOM   625  C CG  . MET A 1 84  ? 1.99543   0.21176   1.86947   1.000 32.62392 ? 425 MET A CG  1 
ATOM   626  S SD  . MET A 1 84  ? 0.26451   0.60356   1.55976   1.000 35.94750 ? 425 MET A SD  1 
ATOM   627  C CE  . MET A 1 84  ? 0.39560   1.50623   0.01763   1.000 31.97389 ? 425 MET A CE  1 
ATOM   628  N N   . PHE A 1 85  ? 5.22570   1.06019   -0.00233  1.000 32.56476 ? 426 PHE A N   1 
ATOM   629  C CA  . PHE A 1 85  ? 5.84545   0.34725   -1.11325  1.000 38.52467 ? 426 PHE A CA  1 
ATOM   630  C C   . PHE A 1 85  ? 7.32061   0.06421   -0.86186  1.000 38.46845 ? 426 PHE A C   1 
ATOM   631  O O   . PHE A 1 85  ? 7.82345   -0.98326  -1.28308  1.000 35.61422 ? 426 PHE A O   1 
ATOM   632  C CB  . PHE A 1 85  ? 5.68041   1.13744   -2.41238  1.000 31.33694 ? 426 PHE A CB  1 
ATOM   633  C CG  . PHE A 1 85  ? 4.25284   1.30553   -2.84221  1.000 32.55597 ? 426 PHE A CG  1 
ATOM   634  C CD1 . PHE A 1 85  ? 3.48028   0.20331   -3.16704  1.000 35.66165 ? 426 PHE A CD1 1 
ATOM   635  C CD2 . PHE A 1 85  ? 3.68597   2.56570   -2.93484  1.000 37.43318 ? 426 PHE A CD2 1 
ATOM   636  C CE1 . PHE A 1 85  ? 2.16654   0.35353   -3.56621  1.000 32.54563 ? 426 PHE A CE1 1 
ATOM   637  C CE2 . PHE A 1 85  ? 2.37195   2.72155   -3.33419  1.000 32.97526 ? 426 PHE A CE2 1 
ATOM   638  C CZ  . PHE A 1 85  ? 1.61250   1.61327   -3.64975  1.000 30.56962 ? 426 PHE A CZ  1 
ATOM   639  N N   . SER A 1 86  ? 8.02610   0.97227   -0.18239  1.000 38.78169 ? 427 SER A N   1 
ATOM   640  C CA  . SER A 1 86  ? 9.44000   0.74195   0.09900   1.000 32.91190 ? 427 SER A CA  1 
ATOM   641  C C   . SER A 1 86  ? 9.63837   -0.45066  1.02422   1.000 35.23463 ? 427 SER A C   1 
ATOM   642  O O   . SER A 1 86  ? 10.60837  -1.20107  0.87049   1.000 35.13923 ? 427 SER A O   1 
ATOM   643  C CB  . SER A 1 86  ? 10.07486  1.99051   0.70730   1.000 27.98864 ? 427 SER A CB  1 
ATOM   644  O OG  . SER A 1 86  ? 10.09865  3.05933   -0.22140  1.000 42.11242 ? 427 SER A OG  1 
ATOM   645  N N   . ASN A 1 87  ? 8.74294   -0.63482  1.99936   1.000 36.79015 ? 428 ASN A N   1 
ATOM   646  C CA  . ASN A 1 87  ? 8.83483   -1.80621  2.86597   1.000 30.73155 ? 428 ASN A CA  1 
ATOM   647  C C   . ASN A 1 87  ? 8.69502   -3.09561  2.06439   1.000 36.97118 ? 428 ASN A C   1 
ATOM   648  O O   . ASN A 1 87  ? 9.34495   -4.10125  2.37361   1.000 44.80545 ? 428 ASN A O   1 
ATOM   649  C CB  . ASN A 1 87  ? 7.76969   -1.74105  3.96229   1.000 38.12026 ? 428 ASN A CB  1 
ATOM   650  C CG  . ASN A 1 87  ? 8.00480   -0.61391  4.94667   1.000 32.65140 ? 428 ASN A CG  1 
ATOM   651  O OD1 . ASN A 1 87  ? 9.13404   -0.16410  5.13649   1.000 34.73726 ? 428 ASN A OD1 1 
ATOM   652  N ND2 . ASN A 1 87  ? 6.93464   -0.15288  5.58127   1.000 32.43543 ? 428 ASN A ND2 1 
ATOM   653  N N   . CYS A 1 88  ? 7.85368   -3.08329  1.02788   1.000 32.63282 ? 429 CYS A N   1 
ATOM   654  C CA  . CYS A 1 88  ? 7.70080   -4.25984  0.17859   1.000 28.34265 ? 429 CYS A CA  1 
ATOM   655  C C   . CYS A 1 88  ? 8.93661   -4.48165  -0.68626  1.000 33.48774 ? 429 CYS A C   1 
ATOM   656  O O   . CYS A 1 88  ? 9.36842   -5.62421  -0.87989  1.000 35.64482 ? 429 CYS A O   1 
ATOM   657  C CB  . CYS A 1 88  ? 6.44885   -4.11386  -0.68713  1.000 27.38200 ? 429 CYS A CB  1 
ATOM   658  S SG  . CYS A 1 88  ? 6.14221   -5.48952  -1.80537  1.000 33.74637 ? 429 CYS A SG  1 
ATOM   659  N N   . TYR A 1 89  ? 9.52182   -3.40178  -1.21169  1.000 30.84645 ? 430 TYR A N   1 
ATOM   660  C CA  . TYR A 1 89  ? 10.72678  -3.53417  -2.02457  1.000 33.73690 ? 430 TYR A CA  1 
ATOM   661  C C   . TYR A 1 89  ? 11.91788  -4.00065  -1.19737  1.000 33.73934 ? 430 TYR A C   1 
ATOM   662  O O   . TYR A 1 89  ? 12.77418  -4.73356  -1.70487  1.000 35.06279 ? 430 TYR A O   1 
ATOM   663  C CB  . TYR A 1 89  ? 11.05500  -2.20394  -2.70338  1.000 32.53306 ? 430 TYR A CB  1 
ATOM   664  C CG  . TYR A 1 89  ? 9.96595   -1.67577  -3.60807  1.000 35.20275 ? 430 TYR A CG  1 
ATOM   665  C CD1 . TYR A 1 89  ? 9.17777   -2.53800  -4.36050  1.000 35.99003 ? 430 TYR A CD1 1 
ATOM   666  C CD2 . TYR A 1 89  ? 9.72571   -0.31161  -3.70883  1.000 32.31079 ? 430 TYR A CD2 1 
ATOM   667  C CE1 . TYR A 1 89  ? 8.18169   -2.05475  -5.18853  1.000 30.18871 ? 430 TYR A CE1 1 
ATOM   668  C CE2 . TYR A 1 89  ? 8.73219   0.18031   -4.53275  1.000 37.63630 ? 430 TYR A CE2 1 
ATOM   669  C CZ  . TYR A 1 89  ? 7.96380   -0.69454  -5.27012  1.000 29.51698 ? 430 TYR A CZ  1 
ATOM   670  O OH  . TYR A 1 89  ? 6.97506   -0.20432  -6.09068  1.000 29.56898 ? 430 TYR A OH  1 
ATOM   671  N N   . LYS A 1 90  ? 11.99082  -3.58800  0.06953   1.000 33.79480 ? 431 LYS A N   1 
ATOM   672  C CA  . LYS A 1 90  ? 13.13304  -3.93249  0.90965   1.000 37.88987 ? 431 LYS A CA  1 
ATOM   673  C C   . LYS A 1 90  ? 13.04735  -5.36424  1.42560   1.000 38.46438 ? 431 LYS A C   1 
ATOM   674  O O   . LYS A 1 90  ? 14.04781  -6.09030  1.41847   1.000 40.83093 ? 431 LYS A O   1 
ATOM   675  C CB  . LYS A 1 90  ? 13.23076  -2.95277  2.07975   1.000 40.49776 ? 431 LYS A CB  1 
ATOM   676  C CG  . LYS A 1 90  ? 14.30856  -3.29048  3.09331   1.000 39.20300 ? 431 LYS A CG  1 
ATOM   677  C CD  . LYS A 1 90  ? 14.24810  -2.35073  4.28736   1.000 37.69981 ? 431 LYS A CD  1 
ATOM   678  C CE  . LYS A 1 90  ? 15.34396  -2.66428  5.29220   1.000 45.42102 ? 431 LYS A CE  1 
ATOM   679  N NZ  . LYS A 1 90  ? 15.26546  -1.78142  6.48738   1.000 43.08506 ? 431 LYS A NZ  1 
ATOM   680  N N   . TYR A 1 91  ? 11.86365  -5.78824  1.86983   1.000 37.16954 ? 432 TYR A N   1 
ATOM   681  C CA  . TYR A 1 91  ? 11.72346  -7.10791  2.47493   1.000 36.03821 ? 432 TYR A CA  1 
ATOM   682  C C   . TYR A 1 91  ? 11.63926  -8.21435  1.42869   1.000 42.15344 ? 432 TYR A C   1 
ATOM   683  O O   . TYR A 1 91  ? 12.25823  -9.27161  1.59263   1.000 44.47575 ? 432 TYR A O   1 
ATOM   684  C CB  . TYR A 1 91  ? 10.48987  -7.13768  3.37858   1.000 40.06573 ? 432 TYR A CB  1 
ATOM   685  C CG  . TYR A 1 91  ? 10.17838  -8.50364  3.94641   1.000 47.00839 ? 432 TYR A CG  1 
ATOM   686  C CD1 . TYR A 1 91  ? 10.87058  -8.99404  5.04608   1.000 45.17407 ? 432 TYR A CD1 1 
ATOM   687  C CD2 . TYR A 1 91  ? 9.18860   -9.30137  3.38551   1.000 47.42958 ? 432 TYR A CD2 1 
ATOM   688  C CE1 . TYR A 1 91  ? 10.58924  -10.24143 5.56826   1.000 47.42835 ? 432 TYR A CE1 1 
ATOM   689  C CE2 . TYR A 1 91  ? 8.89998   -10.54971 3.90125   1.000 49.38407 ? 432 TYR A CE2 1 
ATOM   690  C CZ  . TYR A 1 91  ? 9.60293   -11.01435 4.99252   1.000 52.03863 ? 432 TYR A CZ  1 
ATOM   691  O OH  . TYR A 1 91  ? 9.31875   -12.25699 5.50978   1.000 54.60558 ? 432 TYR A OH  1 
ATOM   692  N N   . ASN A 1 92  ? 10.87875  -7.99385  0.34379   1.000 34.65687 ? 433 ASN A N   1 
ATOM   693  C CA  . ASN A 1 92  ? 10.66448  -9.11543  -0.55841  1.000 37.90546 ? 433 ASN A CA  1 
ATOM   694  C C   . ASN A 1 92  ? 11.73397  -9.16700  -1.64609  1.000 36.19538 ? 433 ASN A C   1 
ATOM   695  O O   . ASN A 1 92  ? 12.22388  -8.12614  -2.09694  1.000 38.92241 ? 433 ASN A O   1 
ATOM   696  C CB  . ASN A 1 92  ? 9.28624   -9.02006  -1.20563  1.000 40.26286 ? 433 ASN A CB  1 
ATOM   697  C CG  . ASN A 1 92  ? 8.16317   -9.08447  -0.19168  1.000 46.38994 ? 433 ASN A CG  1 
ATOM   698  O OD1 . ASN A 1 92  ? 7.71055   -10.16675 0.18168   1.000 53.04033 ? 433 ASN A OD1 1 
ATOM   699  N ND2 . ASN A 1 92  ? 7.70526   -7.92224  0.25950   1.000 39.79215 ? 433 ASN A ND2 1 
ATOM   700  N N   . PRO A 1 93  ? 12.10736  -10.37278 -2.07114  1.000 41.15381 ? 434 PRO A N   1 
ATOM   701  C CA  . PRO A 1 93  ? 13.06172  -10.49350 -3.16834  1.000 39.29973 ? 434 PRO A CA  1 
ATOM   702  C C   . PRO A 1 93  ? 12.49197  -9.89720  -4.43724  1.000 34.25639 ? 434 PRO A C   1 
ATOM   703  O O   . PRO A 1 93  ? 11.26364  -9.88327  -4.64275  1.000 39.35139 ? 434 PRO A O   1 
ATOM   704  C CB  . PRO A 1 93  ? 13.26041  -12.01110 -3.29702  1.000 47.03330 ? 434 PRO A CB  1 
ATOM   705  C CG  . PRO A 1 93  ? 12.87348  -12.56167 -1.96604  1.000 42.14169 ? 434 PRO A CG  1 
ATOM   706  C CD  . PRO A 1 93  ? 11.76329  -11.67956 -1.48627  1.000 39.65406 ? 434 PRO A CD  1 
ATOM   707  N N   . PRO A 1 94  ? 13.35203  -9.39618  -5.33124  1.000 36.15130 ? 435 PRO A N   1 
ATOM   708  C CA  . PRO A 1 94  ? 12.84325  -8.67923  -6.51511  1.000 38.32876 ? 435 PRO A CA  1 
ATOM   709  C C   . PRO A 1 94  ? 11.96201  -9.52250  -7.42016  1.000 38.24273 ? 435 PRO A C   1 
ATOM   710  O O   . PRO A 1 94  ? 10.98210  -9.00807  -7.97313  1.000 48.61682 ? 435 PRO A O   1 
ATOM   711  C CB  . PRO A 1 94  ? 14.12892  -8.24183  -7.23377  1.000 37.60142 ? 435 PRO A CB  1 
ATOM   712  C CG  . PRO A 1 94  ? 15.18741  -8.25987  -6.18211  1.000 35.14344 ? 435 PRO A CG  1 
ATOM   713  C CD  . PRO A 1 94  ? 14.82233  -9.38370  -5.26460  1.000 34.46624 ? 435 PRO A CD  1 
ATOM   714  N N   . ASP A 1 95  ? 12.27967  -10.80530 -7.59417  1.000 44.45774 ? 436 ASP A N   1 
ATOM   715  C CA  . ASP A 1 95  ? 11.53054  -11.62599 -8.53676  1.000 41.66753 ? 436 ASP A CA  1 
ATOM   716  C C   . ASP A 1 95  ? 10.16182  -12.03872 -8.01247  1.000 37.84744 ? 436 ASP A C   1 
ATOM   717  O O   . ASP A 1 95  ? 9.37923   -12.61380 -8.77619  1.000 35.64664 ? 436 ASP A O   1 
ATOM   718  C CB  . ASP A 1 95  ? 12.33874  -12.87126 -8.90129  1.000 41.87404 ? 436 ASP A CB  1 
ATOM   719  C CG  . ASP A 1 95  ? 12.74600  -13.67525 -7.68528  1.000 54.76933 ? 436 ASP A CG  1 
ATOM   720  O OD1 . ASP A 1 95  ? 12.59012  -13.16546 -6.55481  1.000 51.12655 ? 436 ASP A OD1 1 
ATOM   721  O OD2 . ASP A 1 95  ? 13.21823  -14.81790 -7.85881  1.000 61.38911 ? 436 ASP A OD2 1 
ATOM   722  N N   . HIS A 1 96  ? 9.85329   -11.76073 -6.74748  1.000 36.92928 ? 437 HIS A N   1 
ATOM   723  C CA  . HIS A 1 96  ? 8.58688   -12.18634 -6.17182  1.000 35.72885 ? 437 HIS A CA  1 
ATOM   724  C C   . HIS A 1 96  ? 7.41401   -11.45815 -6.82170  1.000 39.05058 ? 437 HIS A C   1 
ATOM   725  O O   . HIS A 1 96  ? 7.54106   -10.34826 -7.34660  1.000 39.48994 ? 437 HIS A O   1 
ATOM   726  C CB  . HIS A 1 96  ? 8.57074   -11.95104 -4.66193  1.000 38.44647 ? 437 HIS A CB  1 
ATOM   727  C CG  . HIS A 1 96  ? 9.13618   -13.08703 -3.86919  1.000 41.22471 ? 437 HIS A CG  1 
ATOM   728  N ND1 . HIS A 1 96  ? 8.90243   -13.24093 -2.51986  1.000 45.18357 ? 437 HIS A ND1 1 
ATOM   729  C CD2 . HIS A 1 96  ? 9.92014   -14.12810 -4.23672  1.000 29.47966 ? 437 HIS A CD2 1 
ATOM   730  C CE1 . HIS A 1 96  ? 9.51931   -14.32687 -2.08959  1.000 43.87291 ? 437 HIS A CE1 1 
ATOM   731  N NE2 . HIS A 1 96  ? 10.14485  -14.88306 -3.11144  1.000 43.35437 ? 437 HIS A NE2 1 
ATOM   732  N N   . GLU A 1 97  ? 6.25131   -12.11090 -6.77571  1.000 43.58622 ? 438 GLU A N   1 
ATOM   733  C CA  . GLU A 1 97  ? 5.05803   -11.55263 -7.39855  1.000 34.67098 ? 438 GLU A CA  1 
ATOM   734  C C   . GLU A 1 97  ? 4.56486   -10.31293 -6.66397  1.000 32.58920 ? 438 GLU A C   1 
ATOM   735  O O   . GLU A 1 97  ? 4.05250   -9.38379  -7.29835  1.000 38.61683 ? 438 GLU A O   1 
ATOM   736  C CB  . GLU A 1 97  ? 3.96056   -12.61576 -7.45514  1.000 38.22893 ? 438 GLU A CB  1 
ATOM   737  C CG  . GLU A 1 97  ? 2.69305   -12.17512 -8.16224  1.000 49.81138 ? 438 GLU A CG  1 
ATOM   738  C CD  . GLU A 1 97  ? 1.64106   -13.26446 -8.19484  1.000 51.92073 ? 438 GLU A CD  1 
ATOM   739  O OE1 . GLU A 1 97  ? 1.95159   -14.40315 -7.78665  1.000 54.85579 ? 438 GLU A OE1 1 
ATOM   740  O OE2 . GLU A 1 97  ? 0.50325   -12.98138 -8.62552  1.000 66.40507 ? 438 GLU A OE2 1 
ATOM   741  N N   . VAL A 1 98  ? 4.71999   -10.27266 -5.33765  1.000 34.03951 ? 439 VAL A N   1 
ATOM   742  C CA  . VAL A 1 98  ? 4.22581   -9.13654  -4.56275  1.000 34.72120 ? 439 VAL A CA  1 
ATOM   743  C C   . VAL A 1 98  ? 4.97408   -7.85880  -4.92469  1.000 33.70544 ? 439 VAL A C   1 
ATOM   744  O O   . VAL A 1 98  ? 4.41566   -6.75778  -4.83811  1.000 33.65446 ? 439 VAL A O   1 
ATOM   745  C CB  . VAL A 1 98  ? 4.31414   -9.44415  -3.05377  1.000 27.38865 ? 439 VAL A CB  1 
ATOM   746  C CG1 . VAL A 1 98  ? 5.76028   -9.61685  -2.62396  1.000 28.75916 ? 439 VAL A CG1 1 
ATOM   747  C CG2 . VAL A 1 98  ? 3.62878   -8.35137  -2.23965  1.000 40.30274 ? 439 VAL A CG2 1 
ATOM   748  N N   . VAL A 1 99  ? 6.23663   -7.97589  -5.34146  1.000 32.06920 ? 440 VAL A N   1 
ATOM   749  C CA  . VAL A 1 99  ? 6.97448   -6.80288  -5.79788  1.000 31.80060 ? 440 VAL A CA  1 
ATOM   750  C C   . VAL A 1 99  ? 6.37470   -6.26851  -7.09229  1.000 36.29236 ? 440 VAL A C   1 
ATOM   751  O O   . VAL A 1 99  ? 6.25816   -5.05158  -7.28307  1.000 41.55329 ? 440 VAL A O   1 
ATOM   752  C CB  . VAL A 1 99  ? 8.46718   -7.14247  -5.95831  1.000 37.50963 ? 440 VAL A CB  1 
ATOM   753  C CG1 . VAL A 1 99  ? 9.22230   -5.96417  -6.55239  1.000 37.65012 ? 440 VAL A CG1 1 
ATOM   754  C CG2 . VAL A 1 99  ? 9.06391   -7.53902  -4.62034  1.000 28.35440 ? 440 VAL A CG2 1 
ATOM   755  N N   . ALA A 1 100 ? 5.97832   -7.16602  -7.99860  1.000 34.58267 ? 441 ALA A N   1 
ATOM   756  C CA  . ALA A 1 100 ? 5.33170   -6.73049  -9.23246  1.000 36.38129 ? 441 ALA A CA  1 
ATOM   757  C C   . ALA A 1 100 ? 3.98539   -6.07873  -8.94395  1.000 35.27307 ? 441 ALA A C   1 
ATOM   758  O O   . ALA A 1 100 ? 3.60748   -5.09864  -9.59661  1.000 35.88241 ? 441 ALA A O   1 
ATOM   759  C CB  . ALA A 1 100 ? 5.16446   -7.91441  -10.18548 1.000 25.23893 ? 441 ALA A CB  1 
ATOM   760  N N   . MET A 1 101 ? 3.24734   -6.61083  -7.96630  1.000 36.07537 ? 442 MET A N   1 
ATOM   761  C CA  . MET A 1 101 ? 1.98341   -5.99921  -7.57193  1.000 34.00968 ? 442 MET A CA  1 
ATOM   762  C C   . MET A 1 101 ? 2.19755   -4.62276  -6.95514  1.000 37.21240 ? 442 MET A C   1 
ATOM   763  O O   . MET A 1 101 ? 1.34793   -3.73751  -7.10725  1.000 39.14729 ? 442 MET A O   1 
ATOM   764  C CB  . MET A 1 101 ? 1.24522   -6.91309  -6.59312  1.000 33.73500 ? 442 MET A CB  1 
ATOM   765  C CG  . MET A 1 101 ? 1.06763   -8.33601  -7.09315  1.000 35.78195 ? 442 MET A CG  1 
ATOM   766  S SD  . MET A 1 101 ? 0.63197   -9.49939  -5.78541  1.000 37.35101 ? 442 MET A SD  1 
ATOM   767  C CE  . MET A 1 101 ? -1.11771  -9.17719  -5.60487  1.000 41.81211 ? 442 MET A CE  1 
ATOM   768  N N   . ALA A 1 102 ? 3.32100   -4.42300  -6.26121  1.000 38.07932 ? 443 ALA A N   1 
ATOM   769  C CA  . ALA A 1 102 ? 3.60213   -3.11917  -5.67005  1.000 36.13437 ? 443 ALA A CA  1 
ATOM   770  C C   . ALA A 1 102 ? 3.89247   -2.07657  -6.74255  1.000 31.58982 ? 443 ALA A C   1 
ATOM   771  O O   . ALA A 1 102 ? 3.50382   -0.91134  -6.60255  1.000 39.09052 ? 443 ALA A O   1 
ATOM   772  C CB  . ALA A 1 102 ? 4.77093   -3.22644  -4.69167  1.000 32.59990 ? 443 ALA A CB  1 
ATOM   773  N N   . ARG A 1 103 ? 4.57382   -2.47442  -7.82035  1.000 30.40811 ? 444 ARG A N   1 
ATOM   774  C CA  . ARG A 1 103 ? 4.83985   -1.53995  -8.91009  1.000 35.33117 ? 444 ARG A CA  1 
ATOM   775  C C   . ARG A 1 103 ? 3.55119   -1.11077  -9.59989  1.000 33.44950 ? 444 ARG A C   1 
ATOM   776  O O   . ARG A 1 103 ? 3.41017   0.05216   -9.99499  1.000 36.44434 ? 444 ARG A O   1 
ATOM   777  C CB  . ARG A 1 103 ? 5.79781   -2.16352  -9.92478  1.000 40.89190 ? 444 ARG A CB  1 
ATOM   778  C CG  . ARG A 1 103 ? 7.22262   -2.33635  -9.43471  1.000 34.99003 ? 444 ARG A CG  1 
ATOM   779  C CD  . ARG A 1 103 ? 8.16362   -2.55734  -10.60886 1.000 45.38536 ? 444 ARG A CD  1 
ATOM   780  N NE  . ARG A 1 103 ? 9.53629   -2.80078  -10.17842 1.000 58.35139 ? 444 ARG A NE  1 
ATOM   781  C CZ  . ARG A 1 103 ? 10.07304  -4.00912  -10.04826 1.000 56.65267 ? 444 ARG A CZ  1 
ATOM   782  N NH1 . ARG A 1 103 ? 9.35189   -5.08884  -10.31903 1.000 42.91513 ? 444 ARG A NH1 1 
ATOM   783  N NH2 . ARG A 1 103 ? 11.33121  -4.13805  -9.64964  1.000 65.37469 ? 444 ARG A NH2 1 
ATOM   784  N N   . LYS A 1 104 ? 2.60227   -2.03608  -9.75843  1.000 35.75809 ? 445 LYS A N   1 
ATOM   785  C CA  . LYS A 1 104 ? 1.34553   -1.69871  -10.41850 1.000 32.31423 ? 445 LYS A CA  1 
ATOM   786  C C   . LYS A 1 104 ? 0.50935   -0.75555  -9.56271  1.000 36.45925 ? 445 LYS A C   1 
ATOM   787  O O   . LYS A 1 104 ? -0.08876  0.19536   -10.08040 1.000 37.60982 ? 445 LYS A O   1 
ATOM   788  C CB  . LYS A 1 104 ? 0.56798   -2.97518  -10.74382 1.000 31.14830 ? 445 LYS A CB  1 
ATOM   789  C CG  . LYS A 1 104 ? 1.36649   -3.97450  -11.56986 1.000 42.46988 ? 445 LYS A CG  1 
ATOM   790  C CD  . LYS A 1 104 ? 0.64761   -5.30608  -11.72909 1.000 39.60918 ? 445 LYS A CD  1 
ATOM   791  C CE  . LYS A 1 104 ? -0.49107  -5.21340  -12.72775 1.000 48.06254 ? 445 LYS A CE  1 
ATOM   792  N NZ  . LYS A 1 104 ? -1.09215  -6.54822  -13.00203 1.000 47.05396 ? 445 LYS A NZ  1 
ATOM   793  N N   . LEU A 1 105 ? 0.46185   -0.99449  -8.24987  1.000 33.41928 ? 446 LEU A N   1 
ATOM   794  C CA  . LEU A 1 105 ? -0.30094  -0.11141  -7.37414  1.000 34.32679 ? 446 LEU A CA  1 
ATOM   795  C C   . LEU A 1 105 ? 0.39484   1.23391   -7.20387  1.000 34.96760 ? 446 LEU A C   1 
ATOM   796  O O   . LEU A 1 105 ? -0.26756  2.27638   -7.13996  1.000 32.52703 ? 446 LEU A O   1 
ATOM   797  C CB  . LEU A 1 105 ? -0.52773  -0.77716  -6.01720  1.000 34.47512 ? 446 LEU A CB  1 
ATOM   798  C CG  . LEU A 1 105 ? -1.42944  0.00789   -5.06219  1.000 31.12496 ? 446 LEU A CG  1 
ATOM   799  C CD1 . LEU A 1 105 ? -2.77226  0.29520   -5.71888  1.000 35.60547 ? 446 LEU A CD1 1 
ATOM   800  C CD2 . LEU A 1 105 ? -1.61817  -0.74077  -3.75519  1.000 32.31615 ? 446 LEU A CD2 1 
ATOM   801  N N   . GLN A 1 106 ? 1.72924   1.23450   -7.13007  1.000 31.39874 ? 447 GLN A N   1 
ATOM   802  C CA  . GLN A 1 106 ? 2.45165   2.49751   -7.02516  1.000 36.99212 ? 447 GLN A CA  1 
ATOM   803  C C   . GLN A 1 106 ? 2.33082   3.31294   -8.30448  1.000 34.96819 ? 447 GLN A C   1 
ATOM   804  O O   . GLN A 1 106 ? 2.27780   4.54691   -8.24952  1.000 30.86221 ? 447 GLN A O   1 
ATOM   805  C CB  . GLN A 1 106 ? 3.92232   2.24820   -6.68978  1.000 36.85656 ? 447 GLN A CB  1 
ATOM   806  C CG  . GLN A 1 106 ? 4.71725   3.52485   -6.46122  1.000 33.56526 ? 447 GLN A CG  1 
ATOM   807  C CD  . GLN A 1 106 ? 6.13434   3.26025   -6.00368  1.000 35.34953 ? 447 GLN A CD  1 
ATOM   808  O OE1 . GLN A 1 106 ? 6.52023   2.11555   -5.77101  1.000 46.46954 ? 447 GLN A OE1 1 
ATOM   809  N NE2 . GLN A 1 106 ? 6.92025   4.32168   -5.87163  1.000 31.77572 ? 447 GLN A NE2 1 
ATOM   810  N N   . ASP A 1 107 ? 2.27710   2.64729   -9.46000  1.000 30.87457 ? 448 ASP A N   1 
ATOM   811  C CA  . ASP A 1 107 ? 2.06339   3.36809   -10.70950 1.000 34.66670 ? 448 ASP A CA  1 
ATOM   812  C C   . ASP A 1 107 ? 0.72323   4.09036   -10.69791 1.000 34.86135 ? 448 ASP A C   1 
ATOM   813  O O   . ASP A 1 107 ? 0.62597   5.24141   -11.13785 1.000 33.92135 ? 448 ASP A O   1 
ATOM   814  C CB  . ASP A 1 107 ? 2.14829   2.40638   -11.89442 1.000 34.59111 ? 448 ASP A CB  1 
ATOM   815  C CG  . ASP A 1 107 ? 1.89623   3.09433   -13.22281 1.000 51.92847 ? 448 ASP A CG  1 
ATOM   816  O OD1 . ASP A 1 107 ? 2.69041   3.98324   -13.59397 1.000 58.12065 ? 448 ASP A OD1 1 
ATOM   817  O OD2 . ASP A 1 107 ? 0.90447   2.74519   -13.89670 1.000 67.49717 ? 448 ASP A OD2 1 
ATOM   818  N N   . VAL A 1 108 ? -0.31984  3.43187   -10.18733 1.000 35.59153 ? 449 VAL A N   1 
ATOM   819  C CA  . VAL A 1 108 ? -1.61909  4.08337   -10.04747 1.000 30.27980 ? 449 VAL A CA  1 
ATOM   820  C C   . VAL A 1 108 ? -1.51840  5.26911   -9.09690  1.000 34.86237 ? 449 VAL A C   1 
ATOM   821  O O   . VAL A 1 108 ? -2.10367  6.33216   -9.34017  1.000 37.65112 ? 449 VAL A O   1 
ATOM   822  C CB  . VAL A 1 108 ? -2.67662  3.06663   -9.57664  1.000 35.11850 ? 449 VAL A CB  1 
ATOM   823  C CG1 . VAL A 1 108 ? -4.01313  3.75231   -9.33773  1.000 27.45725 ? 449 VAL A CG1 1 
ATOM   824  C CG2 . VAL A 1 108 ? -2.82094  1.94329   -10.59212 1.000 28.95891 ? 449 VAL A CG2 1 
ATOM   825  N N   . PHE A 1 109 ? -0.76391  5.11267   -8.00700  1.000 29.00406 ? 450 PHE A N   1 
ATOM   826  C CA  . PHE A 1 109 ? -0.63923  6.19193   -7.03273  1.000 29.41085 ? 450 PHE A CA  1 
ATOM   827  C C   . PHE A 1 109 ? 0.14423   7.36866   -7.60301  1.000 33.50481 ? 450 PHE A C   1 
ATOM   828  O O   . PHE A 1 109 ? -0.31367  8.51564   -7.54497  1.000 33.68970 ? 450 PHE A O   1 
ATOM   829  C CB  . PHE A 1 109 ? 0.02215   5.67670   -5.75500  1.000 32.03574 ? 450 PHE A CB  1 
ATOM   830  C CG  . PHE A 1 109 ? 0.50092   6.76881   -4.84430  1.000 26.65288 ? 450 PHE A CG  1 
ATOM   831  C CD1 . PHE A 1 109 ? -0.39691  7.49441   -4.08112  1.000 30.21424 ? 450 PHE A CD1 1 
ATOM   832  C CD2 . PHE A 1 109 ? 1.84873   7.07482   -4.75674  1.000 28.34885 ? 450 PHE A CD2 1 
ATOM   833  C CE1 . PHE A 1 109 ? 0.03943   8.50488   -3.24690  1.000 32.88019 ? 450 PHE A CE1 1 
ATOM   834  C CE2 . PHE A 1 109 ? 2.29136   8.08336   -3.92445  1.000 28.85189 ? 450 PHE A CE2 1 
ATOM   835  C CZ  . PHE A 1 109 ? 1.38580   8.79880   -3.16814  1.000 34.55964 ? 450 PHE A CZ  1 
ATOM   836  N N   . GLU A 1 110 ? 1.33084   7.10416   -8.15862  1.000 30.30123 ? 451 GLU A N   1 
ATOM   837  C CA  . GLU A 1 110 ? 2.18110   8.18982   -8.63945  1.000 30.25783 ? 451 GLU A CA  1 
ATOM   838  C C   . GLU A 1 110 ? 1.51956   8.98030   -9.76215  1.000 31.24862 ? 451 GLU A C   1 
ATOM   839  O O   . GLU A 1 110 ? 1.74989   10.18815  -9.88481  1.000 39.08061 ? 451 GLU A O   1 
ATOM   840  C CB  . GLU A 1 110 ? 3.53103   7.64061   -9.10522  1.000 28.73115 ? 451 GLU A CB  1 
ATOM   841  C CG  . GLU A 1 110 ? 4.33995   6.93476   -8.02381  1.000 30.35611 ? 451 GLU A CG  1 
ATOM   842  C CD  . GLU A 1 110 ? 4.84326   7.87331   -6.93967  1.000 32.68939 ? 451 GLU A CD  1 
ATOM   843  O OE1 . GLU A 1 110 ? 4.83261   9.10422   -7.15202  1.000 37.98121 ? 451 GLU A OE1 1 
ATOM   844  O OE2 . GLU A 1 110 ? 5.25386   7.37435   -5.87039  1.000 30.40282 ? 451 GLU A OE2 1 
ATOM   845  N N   . MET A 1 111 ? 0.69679   8.32849   -10.58726 1.000 37.44585 ? 452 MET A N   1 
ATOM   846  C CA  . MET A 1 111 ? 0.01935   9.05242   -11.65968 1.000 41.69800 ? 452 MET A CA  1 
ATOM   847  C C   . MET A 1 111 ? -1.09459  9.93718   -11.11158 1.000 40.87139 ? 452 MET A C   1 
ATOM   848  O O   . MET A 1 111 ? -1.29958  11.05672  -11.59493 1.000 47.55097 ? 452 MET A O   1 
ATOM   849  C CB  . MET A 1 111 ? -0.52927  8.07325   -12.69825 1.000 35.65023 ? 452 MET A CB  1 
ATOM   850  C CG  . MET A 1 111 ? 0.54072   7.32697   -13.48611 1.000 42.18835 ? 452 MET A CG  1 
ATOM   851  S SD  . MET A 1 111 ? 1.66942   8.41473   -14.38001 1.000 50.58571 ? 452 MET A SD  1 
ATOM   852  C CE  . MET A 1 111 ? 0.52393   9.28778   -15.44624 1.000 42.84798 ? 452 MET A CE  1 
ATOM   853  N N   . ARG A 1 112 ? -1.82480  9.45461   -10.10303 1.000 45.06419 ? 453 ARG A N   1 
ATOM   854  C CA  . ARG A 1 112 ? -2.85189  10.28082  -9.47557  1.000 33.32318 ? 453 ARG A CA  1 
ATOM   855  C C   . ARG A 1 112 ? -2.23156  11.34454  -8.57871  1.000 37.21284 ? 453 ARG A C   1 
ATOM   856  O O   . ARG A 1 112 ? -2.72224  12.47786  -8.51813  1.000 43.79702 ? 453 ARG A O   1 
ATOM   857  C CB  . ARG A 1 112 ? -3.81488  9.40656   -8.67287  1.000 34.53910 ? 453 ARG A CB  1 
ATOM   858  C CG  . ARG A 1 112 ? -4.63456  8.43751   -9.50707  1.000 37.57119 ? 453 ARG A CG  1 
ATOM   859  C CD  . ARG A 1 112 ? -5.57178  9.17508   -10.44424 1.000 45.88567 ? 453 ARG A CD  1 
ATOM   860  N NE  . ARG A 1 112 ? -6.58909  8.29127   -11.00537 1.000 46.88605 ? 453 ARG A NE  1 
ATOM   861  C CZ  . ARG A 1 112 ? -7.48614  8.66790   -11.91015 1.000 49.73931 ? 453 ARG A CZ  1 
ATOM   862  N NH1 . ARG A 1 112 ? -7.48935  9.91429   -12.36317 1.000 53.22525 ? 453 ARG A NH1 1 
ATOM   863  N NH2 . ARG A 1 112 ? -8.37779  7.79843   -12.36515 1.000 59.11607 ? 453 ARG A NH2 1 
ATOM   864  N N   . PHE A 1 113 ? -1.15265  10.99631  -7.87324  1.000 39.62228 ? 454 PHE A N   1 
ATOM   865  C CA  . PHE A 1 113 ? -0.51762  11.94452  -6.96461  1.000 38.73883 ? 454 PHE A CA  1 
ATOM   866  C C   . PHE A 1 113 ? 0.16686   13.07597  -7.72064  1.000 40.91876 ? 454 PHE A C   1 
ATOM   867  O O   . PHE A 1 113 ? 0.28887   14.18714  -7.19195  1.000 38.98892 ? 454 PHE A O   1 
ATOM   868  C CB  . PHE A 1 113 ? 0.48465   11.21246  -6.06992  1.000 28.64168 ? 454 PHE A CB  1 
ATOM   869  C CG  . PHE A 1 113 ? 0.98063   12.02847  -4.91025  1.000 30.15139 ? 454 PHE A CG  1 
ATOM   870  C CD1 . PHE A 1 113 ? 0.19197   12.20762  -3.78485  1.000 34.01020 ? 454 PHE A CD1 1 
ATOM   871  C CD2 . PHE A 1 113 ? 2.24234   12.59954  -4.93634  1.000 26.66922 ? 454 PHE A CD2 1 
ATOM   872  C CE1 . PHE A 1 113 ? 0.64676   12.95165  -2.71374  1.000 33.26366 ? 454 PHE A CE1 1 
ATOM   873  C CE2 . PHE A 1 113 ? 2.70441   13.34327  -3.86669  1.000 33.90965 ? 454 PHE A CE2 1 
ATOM   874  C CZ  . PHE A 1 113 ? 1.90511   13.52005  -2.75446  1.000 35.58719 ? 454 PHE A CZ  1 
ATOM   875  N N   . ALA A 1 114 ? 0.61241   12.81832  -8.95339  1.000 38.02168 ? 455 ALA A N   1 
ATOM   876  C CA  . ALA A 1 114 ? 1.28815   13.85461  -9.72656  1.000 35.51245 ? 455 ALA A CA  1 
ATOM   877  C C   . ALA A 1 114 ? 0.32430   14.94553  -10.17262 1.000 43.81620 ? 455 ALA A C   1 
ATOM   878  O O   . ALA A 1 114 ? 0.72480   16.10753  -10.30342 1.000 47.69007 ? 455 ALA A O   1 
ATOM   879  C CB  . ALA A 1 114 ? 1.98666   13.23842  -10.93797 1.000 29.30273 ? 455 ALA A CB  1 
ATOM   880  N N   . LYS A 1 115 ? -0.93801  14.59838  -10.41262 1.000 33.72274 ? 456 LYS A N   1 
ATOM   881  C CA  . LYS A 1 115 ? -1.95291  15.57371  -10.80789 1.000 39.17510 ? 456 LYS A CA  1 
ATOM   882  C C   . LYS A 1 115 ? -2.64286  16.20419  -9.60636  1.000 46.51085 ? 456 LYS A C   1 
ATOM   883  O O   . LYS A 1 115 ? -3.85192  16.45401  -9.62266  1.000 47.77818 ? 456 LYS A O   1 
ATOM   884  C CB  . LYS A 1 115 ? -2.96099  14.91392  -11.74316 1.000 35.84605 ? 456 LYS A CB  1 
ATOM   885  C CG  . LYS A 1 115 ? -2.41799  14.70430  -13.15300 1.000 38.41173 ? 456 LYS A CG  1 
ATOM   886  C CD  . LYS A 1 115 ? -2.62039  13.27861  -13.64401 1.000 52.15447 ? 456 LYS A CD  1 
ATOM   887  C CE  . LYS A 1 115 ? -4.08942  12.96756  -13.87487 1.000 64.83062 ? 456 LYS A CE  1 
ATOM   888  N NZ  . LYS A 1 115 ? -4.27840  11.60826  -14.45410 1.000 61.97363 ? 456 LYS A NZ  1 
ATOM   889  N N   . MET A 1 116 ? -1.88147  16.46846  -8.54916  1.000 44.87660 ? 457 MET A N   1 
ATOM   890  C CA  . MET A 1 116 ? -2.41692  17.14815  -7.38133  1.000 41.69757 ? 457 MET A CA  1 
ATOM   891  C C   . MET A 1 116 ? -2.68636  18.61490  -7.71354  1.000 50.22331 ? 457 MET A C   1 
ATOM   892  O O   . MET A 1 116 ? -1.87685  19.25558  -8.39234  1.000 47.17790 ? 457 MET A O   1 
ATOM   893  C CB  . MET A 1 116 ? -1.42938  17.04546  -6.21724  1.000 52.87577 ? 457 MET A CB  1 
ATOM   894  C CG  . MET A 1 116 ? -1.93271  17.59290  -4.89333  1.000 42.54079 ? 457 MET A CG  1 
ATOM   895  S SD  . MET A 1 116 ? -3.07285  16.46675  -4.07097  1.000 55.99923 ? 457 MET A SD  1 
ATOM   896  C CE  . MET A 1 116 ? -2.01396  15.04827  -3.82032  1.000 43.34476 ? 457 MET A CE  1 
ATOM   897  N N   . PRO A 1 117 ? -3.81128  19.17054  -7.26375  1.000 51.13180 ? 458 PRO A N   1 
ATOM   898  C CA  . PRO A 1 117 ? -4.09316  20.58624  -7.53915  1.000 51.71311 ? 458 PRO A CA  1 
ATOM   899  C C   . PRO A 1 117 ? -3.07778  21.49576  -6.86228  1.000 46.63857 ? 458 PRO A C   1 
ATOM   900  O O   . PRO A 1 117 ? -2.79486  21.36336  -5.66949  1.000 50.93606 ? 458 PRO A O   1 
ATOM   901  C CB  . PRO A 1 117 ? -5.50310  20.78452  -6.96978  1.000 52.20769 ? 458 PRO A CB  1 
ATOM   902  C CG  . PRO A 1 117 ? -5.67072  19.68256  -5.97218  1.000 47.17351 ? 458 PRO A CG  1 
ATOM   903  C CD  . PRO A 1 117 ? -4.91320  18.52052  -6.53475  1.000 47.12877 ? 458 PRO A CD  1 
ATOM   904  N N   . ASP A 1 118 ? -2.53002  22.42548  -7.63795  1.000 42.20298 ? 459 ASP A N   1 
ATOM   905  C CA  . ASP A 1 118 ? -1.51257  23.33968  -7.13540  1.000 47.25343 ? 459 ASP A CA  1 
ATOM   906  C C   . ASP A 1 118 ? -1.76183  24.75751  -7.64353  1.000 53.05697 ? 459 ASP A C   1 
ATOM   907  O O   . ASP A 1 118 ? -1.70127  25.72215  -6.88074  1.000 60.82848 ? 459 ASP A O   1 
ATOM   908  C CB  . ASP A 1 118 ? -0.11809  22.86429  -7.55001  1.000 45.11928 ? 459 ASP A CB  1 
ATOM   909  C CG  . ASP A 1 118 ? 0.97640   23.39569  -6.64262  1.000 63.39576 ? 459 ASP A CG  1 
ATOM   910  O OD1 . ASP A 1 118 ? 0.74920   24.41945  -5.96242  1.000 55.74607 ? 459 ASP A OD1 1 
ATOM   911  O OD2 . ASP A 1 118 ? 2.06723   22.78638  -6.61094  1.000 50.11118 ? 459 ASP A OD2 1 
HETATM 912  C C   . ACE B 2 1   ? -2.87849  -23.76710 -8.52893  1.000 52.31902 ? 0   ACE B C   1 
HETATM 913  O O   . ACE B 2 1   ? -3.78443  -22.98869 -8.23276  1.000 46.00539 ? 0   ACE B O   1 
HETATM 914  C CH3 . ACE B 2 1   ? -2.83313  -24.49638 -9.83876  1.000 45.18681 ? 0   ACE B CH3 1 
ATOM   915  N N   . TRP B 2 2   ? -1.86996  -24.02669 -7.70609  1.000 56.81558 ? 1   TRP B N   1 
ATOM   916  C CA  . TRP B 2 2   ? -1.77149  -23.39635 -6.39691  1.000 43.49144 ? 1   TRP B CA  1 
ATOM   917  C C   . TRP B 2 2   ? -0.98568  -22.09212 -6.47048  1.000 49.72965 ? 1   TRP B C   1 
ATOM   918  O O   . TRP B 2 2   ? -0.23299  -21.86212 -7.41725  1.000 53.55096 ? 1   TRP B O   1 
ATOM   919  C CB  . TRP B 2 2   ? -1.12756  -24.35392 -5.39546  1.000 46.59178 ? 1   TRP B CB  1 
ATOM   920  C CG  . TRP B 2 2   ? -1.99118  -25.53284 -5.08245  1.000 50.43646 ? 1   TRP B CG  1 
ATOM   921  C CD1 . TRP B 2 2   ? -2.13158  -26.66725 -5.82719  1.000 52.01425 ? 1   TRP B CD1 1 
ATOM   922  C CD2 . TRP B 2 2   ? -2.84303  -25.69268 -3.94205  1.000 54.39721 ? 1   TRP B CD2 1 
ATOM   923  N NE1 . TRP B 2 2   ? -3.01691  -27.52517 -5.22018  1.000 57.56077 ? 1   TRP B NE1 1 
ATOM   924  C CE2 . TRP B 2 2   ? -3.46742  -26.95057 -4.06062  1.000 55.38230 ? 1   TRP B CE2 1 
ATOM   925  C CE3 . TRP B 2 2   ? -3.13681  -24.89517 -2.83152  1.000 46.66746 ? 1   TRP B CE3 1 
ATOM   926  C CZ2 . TRP B 2 2   ? -4.36787  -27.42949 -3.11117  1.000 40.87095 ? 1   TRP B CZ2 1 
ATOM   927  C CZ3 . TRP B 2 2   ? -4.03046  -25.37197 -1.89041  1.000 48.90252 ? 1   TRP B CZ3 1 
ATOM   928  C CH2 . TRP B 2 2   ? -4.63522  -26.62792 -2.03597  1.000 49.97046 ? 1   TRP B CH2 1 
ATOM   929  N N   . LYS B 2 3   ? -1.16569  -21.24004 -5.46364  1.000 48.88524 ? 2   LYS B N   1 
ATOM   930  C CA  . LYS B 2 3   ? -0.51991  -19.93667 -5.43706  1.000 44.93022 ? 2   LYS B CA  1 
ATOM   931  C C   . LYS B 2 3   ? -0.21057  -19.56918 -3.99356  1.000 43.52629 ? 2   LYS B C   1 
ATOM   932  O O   . LYS B 2 3   ? -0.99382  -19.87071 -3.08913  1.000 42.86622 ? 2   LYS B O   1 
ATOM   933  C CB  . LYS B 2 3   ? -1.40707  -18.86824 -6.08726  1.000 45.52487 ? 2   LYS B CB  1 
ATOM   934  C CG  . LYS B 2 3   ? -0.64245  -17.80422 -6.85366  1.000 52.79353 ? 2   LYS B CG  1 
ATOM   935  C CD  . LYS B 2 3   ? -1.58490  -16.91423 -7.64591  1.000 44.82376 ? 2   LYS B CD  1 
ATOM   936  C CE  . LYS B 2 3   ? -0.81537  -16.00422 -8.58741  1.000 43.59633 ? 2   LYS B CE  1 
ATOM   937  N NZ  . LYS B 2 3   ? -0.00009  -16.78656 -9.55817  1.000 55.76092 ? 2   LYS B NZ  1 
ATOM   938  N N   . THR B 2 4   ? 0.93435   -18.92104 -3.78545  1.000 38.87673 ? 3   THR B N   1 
ATOM   939  C CA  . THR B 2 4   ? 1.37221   -18.51934 -2.45251  1.000 47.55740 ? 3   THR B CA  1 
ATOM   940  C C   . THR B 2 4   ? 1.91960   -17.10294 -2.52017  1.000 46.49470 ? 3   THR B C   1 
ATOM   941  O O   . THR B 2 4   ? 2.89433   -16.84680 -3.23347  1.000 48.16795 ? 3   THR B O   1 
ATOM   942  C CB  . THR B 2 4   ? 2.43525   -19.47576 -1.90057  1.000 45.23263 ? 3   THR B CB  1 
ATOM   943  O OG1 . THR B 2 4   ? 1.85200   -20.76484 -1.67237  1.000 43.59040 ? 3   THR B OG1 1 
ATOM   944  C CG2 . THR B 2 4   ? 3.00453   -18.94293 -0.59460  1.000 40.89600 ? 3   THR B CG2 1 
ATOM   945  N N   . ILE B 2 5   ? 1.29393   -16.18888 -1.78435  1.000 50.48848 ? 4   ILE B N   1 
ATOM   946  C CA  . ILE B 2 5   ? 1.75311   -14.80567 -1.72204  1.000 45.60137 ? 4   ILE B CA  1 
ATOM   947  C C   . ILE B 2 5   ? 1.75719   -14.31614 -0.27962  1.000 45.10162 ? 4   ILE B C   1 
ATOM   948  O O   . ILE B 2 5   ? 0.70261   -14.20213 0.34583   1.000 49.31605 ? 4   ILE B O   1 
ATOM   949  C CB  . ILE B 2 5   ? 0.88848   -13.88283 -2.60203  1.000 45.18108 ? 4   ILE B CB  1 
ATOM   950  C CG1 . ILE B 2 5   ? 1.04484   -14.24454 -4.08049  1.000 44.10983 ? 4   ILE B CG1 1 
ATOM   951  C CG2 . ILE B 2 5   ? 1.25848   -12.42540 -2.36892  1.000 41.06881 ? 4   ILE B CG2 1 
ATOM   952  C CD1 . ILE B 2 5   ? 0.13950   -13.45907 -4.99863  1.000 39.34950 ? 4   ILE B CD1 1 
HETATM 953  O OH  . ALY B 2 6   ? 5.24026   -7.31858  1.42197   1.000 34.63090 ? 5   ALY B OH  1 
HETATM 954  C CH  . ALY B 2 6   ? 4.01289   -7.33989  1.64298   1.000 33.15201 ? 5   ALY B CH  1 
HETATM 955  C CH3 . ALY B 2 6   ? 3.12296   -6.18319  1.25647   1.000 28.50635 ? 5   ALY B CH3 1 
HETATM 956  N NZ  . ALY B 2 6   ? 3.40219   -8.41974  2.25597   1.000 36.52489 ? 5   ALY B NZ  1 
HETATM 957  C CE  . ALY B 2 6   ? 4.10573   -9.59503  2.68264   1.000 37.80543 ? 5   ALY B CE  1 
HETATM 958  C CD  . ALY B 2 6   ? 4.47677   -10.54665 1.54164   1.000 45.09350 ? 5   ALY B CD  1 
HETATM 959  C CG  . ALY B 2 6   ? 3.21833   -11.08175 0.89139   1.000 39.38519 ? 5   ALY B CG  1 
HETATM 960  C CB  . ALY B 2 6   ? 2.54177   -12.10055 1.78183   1.000 44.13561 ? 5   ALY B CB  1 
HETATM 961  C CA  . ALY B 2 6   ? 3.12918   -13.50803 1.57650   1.000 43.75474 ? 5   ALY B CA  1 
HETATM 962  N N   . ALY B 2 6   ? 2.95132   -14.03204 0.23544   1.000 50.96770 ? 5   ALY B N   1 
HETATM 963  C C   . ALY B 2 6   ? 2.50117   -14.41607 2.62391   1.000 50.92846 ? 5   ALY B C   1 
HETATM 964  O O   . ALY B 2 6   ? 1.77305   -14.02155 3.53763   1.000 47.09313 ? 5   ALY B O   1 
ATOM   965  N N   . GLY B 2 7   ? 2.79783   -15.70358 2.47765   1.000 50.59734 ? 6   GLY B N   1 
ATOM   966  C CA  . GLY B 2 7   ? 2.33036   -16.70429 3.41972   1.000 57.54520 ? 6   GLY B CA  1 
ATOM   967  C C   . GLY B 2 7   ? 0.91036   -17.18142 3.18190   1.000 57.51442 ? 6   GLY B C   1 
ATOM   968  O O   . GLY B 2 7   ? 0.46717   -18.15659 3.78883   1.000 54.23641 ? 6   GLY B O   1 
HETATM 969  O OH  . ALY B 2 8   ? -6.48406  -12.09957 1.62671   1.000 72.49108 ? 7   ALY B OH  1 
HETATM 970  C CH  . ALY B 2 8   ? -5.97162  -12.47288 2.70113   1.000 74.29422 ? 7   ALY B CH  1 
HETATM 971  C CH3 . ALY B 2 8   ? -5.76368  -11.51216 3.84763   1.000 65.62656 ? 7   ALY B CH3 1 
HETATM 972  N NZ  . ALY B 2 8   ? -5.57124  -13.78388 2.89729   1.000 83.31680 ? 7   ALY B NZ  1 
HETATM 973  C CE  . ALY B 2 8   ? -5.70205  -14.81110 1.90320   1.000 69.32145 ? 7   ALY B CE  1 
HETATM 974  C CD  . ALY B 2 8   ? -4.43384  -15.04999 1.07976   1.000 57.13900 ? 7   ALY B CD  1 
HETATM 975  C CG  . ALY B 2 8   ? -3.53643  -16.03461 1.79949   1.000 61.48276 ? 7   ALY B CG  1 
HETATM 976  C CB  . ALY B 2 8   ? -2.07896  -15.69204 1.58706   1.000 56.68462 ? 7   ALY B CB  1 
HETATM 977  C CA  . ALY B 2 8   ? -1.16286  -16.86706 1.96686   1.000 44.96597 ? 7   ALY B CA  1 
HETATM 978  N N   . ALY B 2 8   ? 0.19358   -16.49248 2.29941   1.000 54.18435 ? 7   ALY B N   1 
HETATM 979  C C   . ALY B 2 8   ? -1.15105  -17.83457 0.79610   1.000 52.94971 ? 7   ALY B C   1 
HETATM 980  O O   . ALY B 2 8   ? -0.89344  -17.51077 -0.36410  1.000 57.64273 ? 7   ALY B O   1 
ATOM   981  N N   . THR B 2 9   ? -1.44620  -19.08913 1.12216   1.000 51.44284 ? 8   THR B N   1 
ATOM   982  C CA  . THR B 2 9   ? -1.47585  -20.15717 0.12919   1.000 53.57628 ? 8   THR B CA  1 
ATOM   983  C C   . THR B 2 9   ? -2.90825  -20.60615 -0.15113  1.000 56.59890 ? 8   THR B C   1 
ATOM   984  O O   . THR B 2 9   ? -3.66648  -20.89635 0.77432   1.000 58.29243 ? 8   THR B O   1 
ATOM   985  C CB  . THR B 2 9   ? -0.64133  -21.37275 0.58487   1.000 48.84334 ? 8   THR B CB  1 
ATOM   986  O OG1 . THR B 2 9   ? 0.73941   -21.00123 0.68177   1.000 45.94411 ? 8   THR B OG1 1 
ATOM   987  C CG2 . THR B 2 9   ? -0.78347  -22.51979 -0.40044  1.000 45.46128 ? 8   THR B CG2 1 
ATOM   988  N N   . TRP B 2 10  ? -3.27591  -20.66022 -1.43059  1.000 50.82625 ? 9   TRP B N   1 
ATOM   989  C CA  . TRP B 2 10  ? -4.61183  -21.08759 -1.81852  1.000 53.67640 ? 9   TRP B CA  1 
ATOM   990  C C   . TRP B 2 10  ? -4.55543  -21.73536 -3.19401  1.000 51.37817 ? 9   TRP B C   1 
ATOM   991  O O   . TRP B 2 10  ? -3.57412  -21.59947 -3.92993  1.000 45.67754 ? 9   TRP B O   1 
ATOM   992  C CB  . TRP B 2 10  ? -5.60272  -19.91682 -1.82323  1.000 43.43263 ? 9   TRP B CB  1 
ATOM   993  C CG  . TRP B 2 10  ? -5.43341  -18.98542 -2.98605  1.000 46.23424 ? 9   TRP B CG  1 
ATOM   994  C CD1 . TRP B 2 10  ? -6.12967  -19.00492 -4.16028  1.000 49.12049 ? 9   TRP B CD1 1 
ATOM   995  C CD2 . TRP B 2 10  ? -4.50904  -17.89538 -3.08659  1.000 53.49818 ? 9   TRP B CD2 1 
ATOM   996  N NE1 . TRP B 2 10  ? -5.69619  -17.99520 -4.98515  1.000 43.29064 ? 9   TRP B NE1 1 
ATOM   997  C CE2 . TRP B 2 10  ? -4.70182  -17.29936 -4.34964  1.000 50.28468 ? 9   TRP B CE2 1 
ATOM   998  C CE3 . TRP B 2 10  ? -3.53756  -17.36540 -2.23171  1.000 51.08533 ? 9   TRP B CE3 1 
ATOM   999  C CZ2 . TRP B 2 10  ? -3.95937  -16.20084 -4.77814  1.000 47.87045 ? 9   TRP B CZ2 1 
ATOM   1000 C CZ3 . TRP B 2 10  ? -2.80157  -16.27444 -2.65896  1.000 50.68264 ? 9   TRP B CZ3 1 
ATOM   1001 C CH2 . TRP B 2 10  ? -3.01664  -15.70409 -3.92064  1.000 48.78602 ? 9   TRP B CH2 1 
ATOM   1002 N N   . ARG B 2 11  ? -5.62977  -22.44344 -3.53095  1.000 46.00813 ? 10  ARG B N   1 
ATOM   1003 C CA  . ARG B 2 11  ? -5.77380  -23.10222 -4.82239  1.000 51.07224 ? 10  ARG B CA  1 
ATOM   1004 C C   . ARG B 2 11  ? -6.74941  -22.30133 -5.67632  1.000 49.41730 ? 10  ARG B C   1 
ATOM   1005 O O   . ARG B 2 11  ? -7.89198  -22.06794 -5.26645  1.000 45.20433 ? 10  ARG B O   1 
ATOM   1006 C CB  . ARG B 2 11  ? -6.26483  -24.53860 -4.64651  1.000 54.43836 ? 10  ARG B CB  1 
ATOM   1007 C CG  . ARG B 2 11  ? -6.44372  -25.30728 -5.94429  1.000 49.66821 ? 10  ARG B CG  1 
ATOM   1008 C CD  . ARG B 2 11  ? -7.67242  -26.19404 -5.86704  1.000 53.75849 ? 10  ARG B CD  1 
ATOM   1009 N NE  . ARG B 2 11  ? -8.89584  -25.39953 -5.80139  1.000 65.81427 ? 10  ARG B NE  1 
ATOM   1010 C CZ  . ARG B 2 11  ? -10.07978 -25.87415 -5.42882  1.000 69.71326 ? 10  ARG B CZ  1 
ATOM   1011 N NH1 . ARG B 2 11  ? -10.20537 -27.14600 -5.07489  1.000 64.85001 ? 10  ARG B NH1 1 
ATOM   1012 N NH2 . ARG B 2 11  ? -11.13761 -25.07380 -5.40276  1.000 55.40340 ? 10  ARG B NH2 1 
ATOM   1013 N N   . THR B 2 12  ? -6.30049  -21.88486 -6.85563  1.000 46.71470 ? 11  THR B N   1 
ATOM   1014 C CA  . THR B 2 12  ? -7.12769  -21.07703 -7.74525  1.000 54.07929 ? 11  THR B CA  1 
ATOM   1015 C C   . THR B 2 12  ? -8.32138  -21.87394 -8.26638  1.000 51.75425 ? 11  THR B C   1 
ATOM   1016 O O   . THR B 2 12  ? -8.34351  -23.10239 -8.18422  1.000 54.14411 ? 11  THR B O   1 
ATOM   1017 C CB  . THR B 2 12  ? -6.31397  -20.54145 -8.93787  1.000 50.96659 ? 11  THR B CB  1 
ATOM   1018 O OG1 . THR B 2 12  ? -5.88787  -21.63433 -9.76072  1.000 51.45354 ? 11  THR B OG1 1 
ATOM   1019 C CG2 . THR B 2 12  ? -5.09226  -19.77856 -8.44586  1.000 40.61075 ? 11  THR B CG2 1 
HETATM 1020 O OH  . ALY B 2 13  ? -17.25673 -20.41059 -6.29759  0.000 60.40031 ? 12  ALY B OH  1 
HETATM 1021 C CH  . ALY B 2 13  ? -16.59193 -19.37014 -6.47217  0.000 60.08939 ? 12  ALY B CH  1 
HETATM 1022 C CH3 . ALY B 2 13  ? -17.19232 -18.00442 -6.23869  0.000 61.06772 ? 12  ALY B CH3 1 
HETATM 1023 N NZ  . ALY B 2 13  ? -15.27290 -19.41319 -6.88809  0.000 58.58356 ? 12  ALY B NZ  1 
HETATM 1024 C CE  . ALY B 2 13  ? -14.56118 -20.63085 -7.15204  0.000 57.25229 ? 12  ALY B CE  1 
HETATM 1025 C CD  . ALY B 2 13  ? -13.13715 -20.42296 -7.67470  0.000 55.14792 ? 12  ALY B CD  1 
HETATM 1026 C CG  . ALY B 2 13  ? -12.94758 -21.19304 -8.96477  0.000 52.79531 ? 12  ALY B CG  1 
HETATM 1027 C CB  . ALY B 2 13  ? -11.64900 -20.81064 -9.64026  1.000 40.28140 ? 12  ALY B CB  1 
HETATM 1028 C CA  . ALY B 2 13  ? -10.51373 -21.79516 -9.30696  1.000 58.29881 ? 12  ALY B CA  1 
HETATM 1029 N N   . ALY B 2 13  ? -9.31127  -21.16641 -8.80231  1.000 49.52981 ? 12  ALY B N   1 
HETATM 1030 C C   . ALY B 2 13  ? -10.21688 -22.58904 -10.57080 1.000 59.04737 ? 12  ALY B C   1 
HETATM 1031 O O   . ALY B 2 13  ? -10.89462 -23.54207 -10.96160 1.000 56.63799 ? 12  ALY B O   1 
ATOM   1032 N N   . GLN B 2 14  ? -9.14643  -22.17313 -11.24149 1.000 58.19412 ? 13  GLN B N   1 
ATOM   1033 C CA  . GLN B 2 14  ? -8.72169  -22.80779 -12.48539 1.000 55.20021 ? 13  GLN B CA  1 
ATOM   1034 C C   . GLN B 2 14  ? -8.15441  -24.19947 -12.22712 1.000 52.59674 ? 13  GLN B C   1 
ATOM   1035 O O   . GLN B 2 14  ? -8.43004  -25.14111 -12.97025 1.000 60.70675 ? 13  GLN B O   1 
ATOM   1036 C CB  . GLN B 2 14  ? -7.67915  -21.94714 -13.20717 1.000 51.29801 ? 13  GLN B CB  1 
ATOM   1037 C CG  . GLN B 2 14  ? -8.12491  -20.52157 -13.50076 1.000 45.00698 ? 13  GLN B CG  1 
ATOM   1038 C CD  . GLN B 2 14  ? -7.95308  -19.59715 -12.31156 1.000 51.42722 ? 13  GLN B CD  1 
ATOM   1039 O OE1 . GLN B 2 14  ? -8.92758  -19.21022 -11.66503 1.000 58.37212 ? 13  GLN B OE1 1 
ATOM   1040 N NE2 . GLN B 2 14  ? -6.70825  -19.23618 -12.01781 1.000 38.61352 ? 13  GLN B NE2 1 
ATOM   1041 N N   . CYS B 2 15  ? -7.35882  -24.32126 -11.17001 1.000 57.65261 ? 14  CYS B N   1 
ATOM   1042 C CA  . CYS B 2 15  ? -6.73125  -25.59125 -10.82626 1.000 52.56531 ? 14  CYS B CA  1 
ATOM   1043 C C   . CYS B 2 15  ? -7.68849  -26.48219 -10.04204 1.000 55.49979 ? 14  CYS B C   1 
ATOM   1044 O O   . CYS B 2 15  ? -7.40518  -27.65581 -9.80241  1.000 60.09335 ? 14  CYS B O   1 
ATOM   1045 C CB  . CYS B 2 15  ? -5.45368  -25.35257 -10.02184 1.000 50.12338 ? 14  CYS B CB  1 
ATOM   1046 S SG  . CYS B 2 15  ? -4.27387  -24.25223 -10.82980 1.000 55.11770 ? 14  CYS B SG  1 
HETATM 1047 N N   . NH2 C 3 .   ? -8.97185  -25.99464 -9.64197  1.000 61.72020 ? 101 NH2 B N   1 
HETATM 1048 C C1  . GOL D 4 .   ? -6.19469  -13.94880 -2.07884  1.000 54.13538 ? 102 GOL B C1  1 
HETATM 1049 O O1  . GOL D 4 .   ? -6.75458  -15.14597 -1.63682  1.000 60.85835 ? 102 GOL B O1  1 
HETATM 1050 C C2  . GOL D 4 .   ? -7.36721  -13.00877 -2.44565  1.000 54.39120 ? 102 GOL B C2  1 
HETATM 1051 O O2  . GOL D 4 .   ? -7.53490  -11.99532 -1.51253  1.000 64.55355 ? 102 GOL B O2  1 
HETATM 1052 C C3  . GOL D 4 .   ? -7.01226  -12.46279 -3.84656  1.000 54.70756 ? 102 GOL B C3  1 
HETATM 1053 O O3  . GOL D 4 .   ? -8.00709  -11.54573 -4.18391  1.000 57.83371 ? 102 GOL B O3  1 
HETATM 1054 O O   . HOH E 5 .   ? 4.64695   -2.83137  2.54569   1.000 35.42298 ? 501 HOH A O   1 
HETATM 1055 O O   . HOH E 5 .   ? 7.08372   10.03040  -7.88490  1.000 35.63100 ? 502 HOH A O   1 
HETATM 1056 O O   . HOH E 5 .   ? -7.54743  -5.40147  -10.37755 1.000 39.02802 ? 503 HOH A O   1 
HETATM 1057 O O   . HOH E 5 .   ? 6.18743   13.46539  -5.29939  1.000 31.67084 ? 504 HOH A O   1 
HETATM 1058 O O   . HOH E 5 .   ? 12.69440  -0.73646  7.79945   1.000 34.76941 ? 505 HOH A O   1 
HETATM 1059 O O   . HOH E 5 .   ? 10.75758  0.51961   7.13035   1.000 38.42087 ? 506 HOH A O   1 
HETATM 1060 O O   . HOH E 5 .   ? 2.34292   -2.75720  3.39592   1.000 35.71997 ? 507 HOH A O   1 
HETATM 1061 O O   . HOH E 5 .   ? 0.64014   -8.40637  2.74194   1.000 32.46871 ? 508 HOH A O   1 
HETATM 1062 O O   . HOH E 5 .   ? 0.32187   -4.71697  4.01947   1.000 33.84004 ? 509 HOH A O   1 
HETATM 1063 O O   . HOH E 5 .   ? 11.74724  -15.74484 5.82962   1.000 43.58766 ? 510 HOH A O   1 
HETATM 1064 O O   . HOH E 5 .   ? -5.42028  5.67025   -12.32248 1.000 42.01110 ? 511 HOH A O   1 
HETATM 1065 O O   . HOH E 5 .   ? 8.89465   7.77830   2.45105   1.000 39.17748 ? 512 HOH A O   1 
HETATM 1066 O O   . HOH E 5 .   ? 2.22829   -3.34207  7.69245   1.000 38.24971 ? 513 HOH A O   1 
HETATM 1067 O O   . HOH E 5 .   ? 8.18269   10.95601  -0.68145  0.50  30.51069 ? 514 HOH A O   1 
HETATM 1068 O O   . HOH F 5 .   ? 1.43170   -20.63067 3.46227   1.000 48.04902 ? 201 HOH B O   1 
HETATM 1069 O O   . HOH F 5 .   ? 4.95695   -16.64638 0.96832   1.000 43.20667 ? 202 HOH B O   1 
# 
loop_
_pdbx_poly_seq_scheme.asym_id 
_pdbx_poly_seq_scheme.entity_id 
_pdbx_poly_seq_scheme.seq_id 
_pdbx_poly_seq_scheme.mon_id 
_pdbx_poly_seq_scheme.ndb_seq_num 
_pdbx_poly_seq_scheme.pdb_seq_num 
_pdbx_poly_seq_scheme.auth_seq_num 
_pdbx_poly_seq_scheme.pdb_mon_id 
_pdbx_poly_seq_scheme.auth_mon_id 
_pdbx_poly_seq_scheme.pdb_strand_id 
_pdbx_poly_seq_scheme.pdb_ins_code 
_pdbx_poly_seq_scheme.hetero 
A 1 1   GLN 1   342 ?   ?   ?   A . n 
A 1 2   GLY 2   343 ?   ?   ?   A . n 
A 1 3   PRO 3   344 ?   ?   ?   A . n 
A 1 4   LEU 4   345 ?   ?   ?   A . n 
A 1 5   GLY 5   346 ?   ?   ?   A . n 
A 1 6   SER 6   347 ?   ?   ?   A . n 
A 1 7   SER 7   348 348 SER SER A . n 
A 1 8   LYS 8   349 349 LYS LYS A . n 
A 1 9   VAL 9   350 350 VAL VAL A . n 
A 1 10  SER 10  351 351 SER SER A . n 
A 1 11  GLU 11  352 352 GLU GLU A . n 
A 1 12  GLN 12  353 353 GLN GLN A . n 
A 1 13  LEU 13  354 354 LEU LEU A . n 
A 1 14  LYS 14  355 355 LYS LYS A . n 
A 1 15  CYS 15  356 356 CYS CYS A . n 
A 1 16  CYS 16  357 357 CYS CYS A . n 
A 1 17  SER 17  358 358 SER SER A . n 
A 1 18  GLY 18  359 359 GLY GLY A . n 
A 1 19  ILE 19  360 360 ILE ILE A . n 
A 1 20  LEU 20  361 361 LEU LEU A . n 
A 1 21  LYS 21  362 362 LYS LYS A . n 
A 1 22  GLU 22  363 363 GLU GLU A . n 
A 1 23  MET 23  364 364 MET MET A . n 
A 1 24  PHE 24  365 365 PHE PHE A . n 
A 1 25  ALA 25  366 366 ALA ALA A . n 
A 1 26  LYS 26  367 367 LYS LYS A . n 
A 1 27  LYS 27  368 368 LYS LYS A . n 
A 1 28  HIS 28  369 369 HIS HIS A . n 
A 1 29  ALA 29  370 370 ALA ALA A . n 
A 1 30  ALA 30  371 371 ALA ALA A . n 
A 1 31  TYR 31  372 372 TYR TYR A . n 
A 1 32  ALA 32  373 373 ALA ALA A . n 
A 1 33  TRP 33  374 374 TRP TRP A . n 
A 1 34  PRO 34  375 375 PRO PRO A . n 
A 1 35  PHE 35  376 376 PHE PHE A . n 
A 1 36  TYR 36  377 377 TYR TYR A . n 
A 1 37  LYS 37  378 378 LYS LYS A . n 
A 1 38  PRO 38  379 379 PRO PRO A . n 
A 1 39  VAL 39  380 380 VAL VAL A . n 
A 1 40  ASP 40  381 381 ASP ASP A . n 
A 1 41  VAL 41  382 382 VAL VAL A . n 
A 1 42  GLU 42  383 383 GLU GLU A . n 
A 1 43  ALA 43  384 384 ALA ALA A . n 
A 1 44  LEU 44  385 385 LEU LEU A . n 
A 1 45  GLY 45  386 386 GLY GLY A . n 
A 1 46  LEU 46  387 387 LEU LEU A . n 
A 1 47  HIS 47  388 388 HIS HIS A . n 
A 1 48  ASP 48  389 389 ASP ASP A . n 
A 1 49  TYR 49  390 390 TYR TYR A . n 
A 1 50  CYS 50  391 391 CYS CYS A . n 
A 1 51  ASP 51  392 392 ASP ASP A . n 
A 1 52  ILE 52  393 393 ILE ILE A . n 
A 1 53  ILE 53  394 394 ILE ILE A . n 
A 1 54  LYS 54  395 395 LYS LYS A . n 
A 1 55  HIS 55  396 396 HIS HIS A . n 
A 1 56  PRO 56  397 397 PRO PRO A . n 
A 1 57  MET 57  398 398 MET MET A . n 
A 1 58  ASP 58  399 399 ASP ASP A . n 
A 1 59  MET 59  400 400 MET MET A . n 
A 1 60  SER 60  401 401 SER SER A . n 
A 1 61  THR 61  402 402 THR THR A . n 
A 1 62  ILE 62  403 403 ILE ILE A . n 
A 1 63  LYS 63  404 404 LYS LYS A . n 
A 1 64  SER 64  405 405 SER SER A . n 
A 1 65  LYS 65  406 406 LYS LYS A . n 
A 1 66  LEU 66  407 407 LEU LEU A . n 
A 1 67  GLU 67  408 408 GLU GLU A . n 
A 1 68  ALA 68  409 409 ALA ALA A . n 
A 1 69  ARG 69  410 410 ARG ARG A . n 
A 1 70  GLU 70  411 411 GLU GLU A . n 
A 1 71  TYR 71  412 412 TYR TYR A . n 
A 1 72  ARG 72  413 413 ARG ARG A . n 
A 1 73  ASP 73  414 414 ASP ASP A . n 
A 1 74  ALA 74  415 415 ALA ALA A . n 
A 1 75  GLN 75  416 416 GLN GLN A . n 
A 1 76  GLU 76  417 417 GLU GLU A . n 
A 1 77  PHE 77  418 418 PHE PHE A . n 
A 1 78  GLY 78  419 419 GLY GLY A . n 
A 1 79  ALA 79  420 420 ALA ALA A . n 
A 1 80  ASP 80  421 421 ASP ASP A . n 
A 1 81  VAL 81  422 422 VAL VAL A . n 
A 1 82  ARG 82  423 423 ARG ARG A . n 
A 1 83  LEU 83  424 424 LEU LEU A . n 
A 1 84  MET 84  425 425 MET MET A . n 
A 1 85  PHE 85  426 426 PHE PHE A . n 
A 1 86  SER 86  427 427 SER SER A . n 
A 1 87  ASN 87  428 428 ASN ASN A . n 
A 1 88  CYS 88  429 429 CYS CYS A . n 
A 1 89  TYR 89  430 430 TYR TYR A . n 
A 1 90  LYS 90  431 431 LYS LYS A . n 
A 1 91  TYR 91  432 432 TYR TYR A . n 
A 1 92  ASN 92  433 433 ASN ASN A . n 
A 1 93  PRO 93  434 434 PRO PRO A . n 
A 1 94  PRO 94  435 435 PRO PRO A . n 
A 1 95  ASP 95  436 436 ASP ASP A . n 
A 1 96  HIS 96  437 437 HIS HIS A . n 
A 1 97  GLU 97  438 438 GLU GLU A . n 
A 1 98  VAL 98  439 439 VAL VAL A . n 
A 1 99  VAL 99  440 440 VAL VAL A . n 
A 1 100 ALA 100 441 441 ALA ALA A . n 
A 1 101 MET 101 442 442 MET MET A . n 
A 1 102 ALA 102 443 443 ALA ALA A . n 
A 1 103 ARG 103 444 444 ARG ARG A . n 
A 1 104 LYS 104 445 445 LYS LYS A . n 
A 1 105 LEU 105 446 446 LEU LEU A . n 
A 1 106 GLN 106 447 447 GLN GLN A . n 
A 1 107 ASP 107 448 448 ASP ASP A . n 
A 1 108 VAL 108 449 449 VAL VAL A . n 
A 1 109 PHE 109 450 450 PHE PHE A . n 
A 1 110 GLU 110 451 451 GLU GLU A . n 
A 1 111 MET 111 452 452 MET MET A . n 
A 1 112 ARG 112 453 453 ARG ARG A . n 
A 1 113 PHE 113 454 454 PHE PHE A . n 
A 1 114 ALA 114 455 455 ALA ALA A . n 
A 1 115 LYS 115 456 456 LYS LYS A . n 
A 1 116 MET 116 457 457 MET MET A . n 
A 1 117 PRO 117 458 458 PRO PRO A . n 
A 1 118 ASP 118 459 459 ASP ASP A . n 
A 1 119 GLU 119 460 ?   ?   ?   A . n 
A 1 120 PRO 120 461 ?   ?   ?   A . n 
A 1 121 GLU 121 462 ?   ?   ?   A . n 
A 1 122 GLU 122 463 ?   ?   ?   A . n 
A 1 123 PRO 123 464 ?   ?   ?   A . n 
B 2 1   ACE 1   0   0   ACE ACE B . n 
B 2 2   TRP 2   1   1   TRP TRP B . n 
B 2 3   LYS 3   2   2   LYS LYS B . n 
B 2 4   THR 4   3   3   THR THR B . n 
B 2 5   ILE 5   4   4   ILE ILE B . n 
B 2 6   ALY 6   5   5   ALY ALY B . n 
B 2 7   GLY 7   6   6   GLY GLY B . n 
B 2 8   ALY 8   7   7   ALY ALY B . n 
B 2 9   THR 9   8   8   THR THR B . n 
B 2 10  TRP 10  9   9   TRP TRP B . n 
B 2 11  ARG 11  10  10  ARG ARG B . n 
B 2 12  THR 12  11  11  THR THR B . n 
B 2 13  ALY 13  12  12  ALY ALY B . n 
B 2 14  GLN 14  13  13  GLN GLN B . n 
B 2 15  CYS 15  14  14  CYS CYS B . n 
# 
loop_
_pdbx_nonpoly_scheme.asym_id 
_pdbx_nonpoly_scheme.entity_id 
_pdbx_nonpoly_scheme.mon_id 
_pdbx_nonpoly_scheme.ndb_seq_num 
_pdbx_nonpoly_scheme.pdb_seq_num 
_pdbx_nonpoly_scheme.auth_seq_num 
_pdbx_nonpoly_scheme.pdb_mon_id 
_pdbx_nonpoly_scheme.auth_mon_id 
_pdbx_nonpoly_scheme.pdb_strand_id 
_pdbx_nonpoly_scheme.pdb_ins_code 
C 3 NH2 1  101 15 NH2 NH2 B . 
D 4 GOL 1  102 1  GOL GOL B . 
E 5 HOH 1  501 9  HOH HOH A . 
E 5 HOH 2  502 6  HOH HOH A . 
E 5 HOH 3  503 13 HOH HOH A . 
E 5 HOH 4  504 1  HOH HOH A . 
E 5 HOH 5  505 4  HOH HOH A . 
E 5 HOH 6  506 5  HOH HOH A . 
E 5 HOH 7  507 7  HOH HOH A . 
E 5 HOH 8  508 16 HOH HOH A . 
E 5 HOH 9  509 2  HOH HOH A . 
E 5 HOH 10 510 3  HOH HOH A . 
E 5 HOH 11 511 10 HOH HOH A . 
E 5 HOH 12 512 11 HOH HOH A . 
E 5 HOH 13 513 12 HOH HOH A . 
E 5 HOH 14 514 8  HOH HOH A . 
F 5 HOH 1  201 15 HOH HOH B . 
F 5 HOH 2  202 14 HOH HOH B . 
# 
_pdbx_struct_assembly.id                   1 
_pdbx_struct_assembly.details              author_and_software_defined_assembly 
_pdbx_struct_assembly.method_details       PISA 
_pdbx_struct_assembly.oligomeric_details   dimeric 
_pdbx_struct_assembly.oligomeric_count     2 
# 
_pdbx_struct_assembly_gen.assembly_id       1 
_pdbx_struct_assembly_gen.oper_expression   1 
_pdbx_struct_assembly_gen.asym_id_list      A,B,C,D,E,F 
# 
loop_
_pdbx_struct_assembly_prop.biol_id 
_pdbx_struct_assembly_prop.type 
_pdbx_struct_assembly_prop.value 
_pdbx_struct_assembly_prop.details 
1 'ABSA (A^2)' 1350 ? 
1 MORE         -10  ? 
1 'SSA (A^2)'  8220 ? 
# 
_pdbx_struct_oper_list.id                   1 
_pdbx_struct_oper_list.type                 'identity operation' 
_pdbx_struct_oper_list.name                 1_555 
_pdbx_struct_oper_list.symmetry_operation   x,y,z 
_pdbx_struct_oper_list.matrix[1][1]         1.0000000000 
_pdbx_struct_oper_list.matrix[1][2]         0.0000000000 
_pdbx_struct_oper_list.matrix[1][3]         0.0000000000 
_pdbx_struct_oper_list.vector[1]            0.0000000000 
_pdbx_struct_oper_list.matrix[2][1]         0.0000000000 
_pdbx_struct_oper_list.matrix[2][2]         1.0000000000 
_pdbx_struct_oper_list.matrix[2][3]         0.0000000000 
_pdbx_struct_oper_list.vector[2]            0.0000000000 
_pdbx_struct_oper_list.matrix[3][1]         0.0000000000 
_pdbx_struct_oper_list.matrix[3][2]         0.0000000000 
_pdbx_struct_oper_list.matrix[3][3]         1.0000000000 
_pdbx_struct_oper_list.vector[3]            0.0000000000 
# 
_pdbx_struct_special_symmetry.id              1 
_pdbx_struct_special_symmetry.PDB_model_num   1 
_pdbx_struct_special_symmetry.auth_asym_id    A 
_pdbx_struct_special_symmetry.auth_comp_id    HOH 
_pdbx_struct_special_symmetry.auth_seq_id     514 
_pdbx_struct_special_symmetry.PDB_ins_code    ? 
_pdbx_struct_special_symmetry.label_asym_id   E 
_pdbx_struct_special_symmetry.label_comp_id   HOH 
_pdbx_struct_special_symmetry.label_seq_id    . 
# 
loop_
_pdbx_audit_revision_history.ordinal 
_pdbx_audit_revision_history.data_content_type 
_pdbx_audit_revision_history.major_revision 
_pdbx_audit_revision_history.minor_revision 
_pdbx_audit_revision_history.revision_date 
1 'Structure model' 1 0 2020-08-19 
2 'Structure model' 1 1 2021-03-03 
3 'Structure model' 1 2 2023-10-11 
4 'Structure model' 1 3 2023-11-15 
# 
_pdbx_audit_revision_details.ordinal             1 
_pdbx_audit_revision_details.revision_ordinal    1 
_pdbx_audit_revision_details.data_content_type   'Structure model' 
_pdbx_audit_revision_details.provider            repository 
_pdbx_audit_revision_details.type                'Initial release' 
_pdbx_audit_revision_details.description         ? 
_pdbx_audit_revision_details.details             ? 
# 
loop_
_pdbx_audit_revision_group.ordinal 
_pdbx_audit_revision_group.revision_ordinal 
_pdbx_audit_revision_group.data_content_type 
_pdbx_audit_revision_group.group 
1 2 'Structure model' 'Database references'    
2 3 'Structure model' Advisory                 
3 3 'Structure model' 'Data collection'        
4 3 'Structure model' 'Database references'    
5 3 'Structure model' 'Refinement description' 
6 4 'Structure model' 'Data collection'        
# 
loop_
_pdbx_audit_revision_category.ordinal 
_pdbx_audit_revision_category.revision_ordinal 
_pdbx_audit_revision_category.data_content_type 
_pdbx_audit_revision_category.category 
1 2 'Structure model' citation                      
2 2 'Structure model' citation_author               
3 3 'Structure model' chem_comp_atom                
4 3 'Structure model' chem_comp_bond                
5 3 'Structure model' database_2                    
6 3 'Structure model' pdbx_initial_refinement_model 
7 3 'Structure model' pdbx_unobs_or_zero_occ_atoms  
8 4 'Structure model' chem_comp_atom                
9 4 'Structure model' chem_comp_bond                
# 
loop_
_pdbx_audit_revision_item.ordinal 
_pdbx_audit_revision_item.revision_ordinal 
_pdbx_audit_revision_item.data_content_type 
_pdbx_audit_revision_item.item 
1  2 'Structure model' '_citation.country'                   
2  2 'Structure model' '_citation.journal_abbrev'            
3  2 'Structure model' '_citation.journal_id_ASTM'           
4  2 'Structure model' '_citation.journal_id_CSD'            
5  2 'Structure model' '_citation.journal_id_ISSN'           
6  2 'Structure model' '_citation.journal_volume'            
7  2 'Structure model' '_citation.page_first'                
8  2 'Structure model' '_citation.page_last'                 
9  2 'Structure model' '_citation.pdbx_database_id_DOI'      
10 2 'Structure model' '_citation.pdbx_database_id_PubMed'   
11 2 'Structure model' '_citation.title'                     
12 2 'Structure model' '_citation.year'                      
13 3 'Structure model' '_database_2.pdbx_DOI'                
14 3 'Structure model' '_database_2.pdbx_database_accession' 
15 4 'Structure model' '_chem_comp_atom.atom_id'             
16 4 'Structure model' '_chem_comp_bond.atom_id_2'           
# 
loop_
_space_group_symop.id 
_space_group_symop.operation_xyz 
1 x,y,z           
2 x,-y,-z         
3 -x,y+1/2,-z+1/2 
4 -x,-y+1/2,z+1/2 
# 
loop_
_software.citation_id 
_software.classification 
_software.compiler_name 
_software.compiler_version 
_software.contact_author 
_software.contact_author_email 
_software.date 
_software.description 
_software.dependencies 
_software.hardware 
_software.language 
_software.location 
_software.mods 
_software.name 
_software.os 
_software.os_version 
_software.type 
_software.version 
_software.pdbx_ordinal 
? refinement       ? ? ? ? ? ? ? ? ? ? ? PHENIX  ? ? ? 1.14_3260 1 
? 'data reduction' ? ? ? ? ? ? ? ? ? ? ? XDS     ? ? ? .         2 
? 'data scaling'   ? ? ? ? ? ? ? ? ? ? ? Aimless ? ? ? .         3 
? phasing          ? ? ? ? ? ? ? ? ? ? ? PHASER  ? ? ? .         4 
# 
_pdbx_entry_details.entry_id                 6U6L 
_pdbx_entry_details.has_ligand_of_interest   Y 
_pdbx_entry_details.compound_details         ? 
_pdbx_entry_details.source_details           ? 
_pdbx_entry_details.nonpolymer_details       ? 
_pdbx_entry_details.sequence_details         ? 
# 
_pdbx_validate_torsion.id              1 
_pdbx_validate_torsion.PDB_model_num   1 
_pdbx_validate_torsion.auth_comp_id    LYS 
_pdbx_validate_torsion.auth_asym_id    A 
_pdbx_validate_torsion.auth_seq_id     456 
_pdbx_validate_torsion.PDB_ins_code    ? 
_pdbx_validate_torsion.label_alt_id    ? 
_pdbx_validate_torsion.phi             -88.41 
_pdbx_validate_torsion.psi             38.16 
# 
loop_
_pdbx_unobs_or_zero_occ_atoms.id 
_pdbx_unobs_or_zero_occ_atoms.PDB_model_num 
_pdbx_unobs_or_zero_occ_atoms.polymer_flag 
_pdbx_unobs_or_zero_occ_atoms.occupancy_flag 
_pdbx_unobs_or_zero_occ_atoms.auth_asym_id 
_pdbx_unobs_or_zero_occ_atoms.auth_comp_id 
_pdbx_unobs_or_zero_occ_atoms.auth_seq_id 
_pdbx_unobs_or_zero_occ_atoms.PDB_ins_code 
_pdbx_unobs_or_zero_occ_atoms.auth_atom_id 
_pdbx_unobs_or_zero_occ_atoms.label_alt_id 
_pdbx_unobs_or_zero_occ_atoms.label_asym_id 
_pdbx_unobs_or_zero_occ_atoms.label_comp_id 
_pdbx_unobs_or_zero_occ_atoms.label_seq_id 
_pdbx_unobs_or_zero_occ_atoms.label_atom_id 
1  1 Y 0 A LYS 367 ? CD  ? A LYS 26 CD  
2  1 Y 0 A LYS 367 ? CE  ? A LYS 26 CE  
3  1 Y 0 A LYS 367 ? NZ  ? A LYS 26 NZ  
4  1 Y 0 A ARG 410 ? CD  ? A ARG 69 CD  
5  1 Y 0 A ARG 410 ? NE  ? A ARG 69 NE  
6  1 Y 0 A ARG 410 ? CZ  ? A ARG 69 CZ  
7  1 Y 0 A ARG 410 ? NH1 ? A ARG 69 NH1 
8  1 Y 0 A ARG 410 ? NH2 ? A ARG 69 NH2 
9  1 Y 0 A ARG 413 ? CD  ? A ARG 72 CD  
10 1 Y 0 A ARG 413 ? NE  ? A ARG 72 NE  
11 1 Y 0 A ARG 413 ? CZ  ? A ARG 72 CZ  
12 1 Y 0 A ARG 413 ? NH1 ? A ARG 72 NH1 
13 1 Y 0 A ARG 413 ? NH2 ? A ARG 72 NH2 
14 1 Y 0 B ALY 12  ? OH  ? B ALY 13 OH  
15 1 Y 0 B ALY 12  ? CH  ? B ALY 13 CH  
16 1 Y 0 B ALY 12  ? CH3 ? B ALY 13 CH3 
17 1 Y 0 B ALY 12  ? NZ  ? B ALY 13 NZ  
18 1 Y 0 B ALY 12  ? CE  ? B ALY 13 CE  
19 1 Y 0 B ALY 12  ? CD  ? B ALY 13 CD  
20 1 Y 0 B ALY 12  ? CG  ? B ALY 13 CG  
# 
loop_
_pdbx_unobs_or_zero_occ_residues.id 
_pdbx_unobs_or_zero_occ_residues.PDB_model_num 
_pdbx_unobs_or_zero_occ_residues.polymer_flag 
_pdbx_unobs_or_zero_occ_residues.occupancy_flag 
_pdbx_unobs_or_zero_occ_residues.auth_asym_id 
_pdbx_unobs_or_zero_occ_residues.auth_comp_id 
_pdbx_unobs_or_zero_occ_residues.auth_seq_id 
_pdbx_unobs_or_zero_occ_residues.PDB_ins_code 
_pdbx_unobs_or_zero_occ_residues.label_asym_id 
_pdbx_unobs_or_zero_occ_residues.label_comp_id 
_pdbx_unobs_or_zero_occ_residues.label_seq_id 
1  1 Y 1 A GLN 342 ? A GLN 1   
2  1 Y 1 A GLY 343 ? A GLY 2   
3  1 Y 1 A PRO 344 ? A PRO 3   
4  1 Y 1 A LEU 345 ? A LEU 4   
5  1 Y 1 A GLY 346 ? A GLY 5   
6  1 Y 1 A SER 347 ? A SER 6   
7  1 Y 1 A GLU 460 ? A GLU 119 
8  1 Y 1 A PRO 461 ? A PRO 120 
9  1 Y 1 A GLU 462 ? A GLU 121 
10 1 Y 1 A GLU 463 ? A GLU 122 
11 1 Y 1 A PRO 464 ? A PRO 123 
# 
loop_
_chem_comp_atom.comp_id 
_chem_comp_atom.atom_id 
_chem_comp_atom.type_symbol 
_chem_comp_atom.pdbx_aromatic_flag 
_chem_comp_atom.pdbx_stereo_config 
_chem_comp_atom.pdbx_ordinal 
ACE C    C N N 1   
ACE O    O N N 2   
ACE CH3  C N N 3   
ACE H    H N N 4   
ACE H1   H N N 5   
ACE H2   H N N 6   
ACE H3   H N N 7   
ALA N    N N N 8   
ALA CA   C N S 9   
ALA C    C N N 10  
ALA O    O N N 11  
ALA CB   C N N 12  
ALA OXT  O N N 13  
ALA H    H N N 14  
ALA H2   H N N 15  
ALA HA   H N N 16  
ALA HB1  H N N 17  
ALA HB2  H N N 18  
ALA HB3  H N N 19  
ALA HXT  H N N 20  
ALY OH   O N N 21  
ALY CH   C N N 22  
ALY CH3  C N N 23  
ALY NZ   N N N 24  
ALY CE   C N N 25  
ALY CD   C N N 26  
ALY CG   C N N 27  
ALY CB   C N N 28  
ALY CA   C N S 29  
ALY N    N N N 30  
ALY C    C N N 31  
ALY O    O N N 32  
ALY OXT  O N N 33  
ALY HH31 H N N 34  
ALY HH32 H N N 35  
ALY HH33 H N N 36  
ALY HZ   H N N 37  
ALY HE3  H N N 38  
ALY HE2  H N N 39  
ALY HD3  H N N 40  
ALY HD2  H N N 41  
ALY HG3  H N N 42  
ALY HG2  H N N 43  
ALY HB3  H N N 44  
ALY HB2  H N N 45  
ALY HA   H N N 46  
ALY H    H N N 47  
ALY H2   H N N 48  
ALY HXT  H N N 49  
ARG N    N N N 50  
ARG CA   C N S 51  
ARG C    C N N 52  
ARG O    O N N 53  
ARG CB   C N N 54  
ARG CG   C N N 55  
ARG CD   C N N 56  
ARG NE   N N N 57  
ARG CZ   C N N 58  
ARG NH1  N N N 59  
ARG NH2  N N N 60  
ARG OXT  O N N 61  
ARG H    H N N 62  
ARG H2   H N N 63  
ARG HA   H N N 64  
ARG HB2  H N N 65  
ARG HB3  H N N 66  
ARG HG2  H N N 67  
ARG HG3  H N N 68  
ARG HD2  H N N 69  
ARG HD3  H N N 70  
ARG HE   H N N 71  
ARG HH11 H N N 72  
ARG HH12 H N N 73  
ARG HH21 H N N 74  
ARG HH22 H N N 75  
ARG HXT  H N N 76  
ASN N    N N N 77  
ASN CA   C N S 78  
ASN C    C N N 79  
ASN O    O N N 80  
ASN CB   C N N 81  
ASN CG   C N N 82  
ASN OD1  O N N 83  
ASN ND2  N N N 84  
ASN OXT  O N N 85  
ASN H    H N N 86  
ASN H2   H N N 87  
ASN HA   H N N 88  
ASN HB2  H N N 89  
ASN HB3  H N N 90  
ASN HD21 H N N 91  
ASN HD22 H N N 92  
ASN HXT  H N N 93  
ASP N    N N N 94  
ASP CA   C N S 95  
ASP C    C N N 96  
ASP O    O N N 97  
ASP CB   C N N 98  
ASP CG   C N N 99  
ASP OD1  O N N 100 
ASP OD2  O N N 101 
ASP OXT  O N N 102 
ASP H    H N N 103 
ASP H2   H N N 104 
ASP HA   H N N 105 
ASP HB2  H N N 106 
ASP HB3  H N N 107 
ASP HD2  H N N 108 
ASP HXT  H N N 109 
CYS N    N N N 110 
CYS CA   C N R 111 
CYS C    C N N 112 
CYS O    O N N 113 
CYS CB   C N N 114 
CYS SG   S N N 115 
CYS OXT  O N N 116 
CYS H    H N N 117 
CYS H2   H N N 118 
CYS HA   H N N 119 
CYS HB2  H N N 120 
CYS HB3  H N N 121 
CYS HG   H N N 122 
CYS HXT  H N N 123 
GLN N    N N N 124 
GLN CA   C N S 125 
GLN C    C N N 126 
GLN O    O N N 127 
GLN CB   C N N 128 
GLN CG   C N N 129 
GLN CD   C N N 130 
GLN OE1  O N N 131 
GLN NE2  N N N 132 
GLN OXT  O N N 133 
GLN H    H N N 134 
GLN H2   H N N 135 
GLN HA   H N N 136 
GLN HB2  H N N 137 
GLN HB3  H N N 138 
GLN HG2  H N N 139 
GLN HG3  H N N 140 
GLN HE21 H N N 141 
GLN HE22 H N N 142 
GLN HXT  H N N 143 
GLU N    N N N 144 
GLU CA   C N S 145 
GLU C    C N N 146 
GLU O    O N N 147 
GLU CB   C N N 148 
GLU CG   C N N 149 
GLU CD   C N N 150 
GLU OE1  O N N 151 
GLU OE2  O N N 152 
GLU OXT  O N N 153 
GLU H    H N N 154 
GLU H2   H N N 155 
GLU HA   H N N 156 
GLU HB2  H N N 157 
GLU HB3  H N N 158 
GLU HG2  H N N 159 
GLU HG3  H N N 160 
GLU HE2  H N N 161 
GLU HXT  H N N 162 
GLY N    N N N 163 
GLY CA   C N N 164 
GLY C    C N N 165 
GLY O    O N N 166 
GLY OXT  O N N 167 
GLY H    H N N 168 
GLY H2   H N N 169 
GLY HA2  H N N 170 
GLY HA3  H N N 171 
GLY HXT  H N N 172 
GOL C1   C N N 173 
GOL O1   O N N 174 
GOL C2   C N N 175 
GOL O2   O N N 176 
GOL C3   C N N 177 
GOL O3   O N N 178 
GOL H11  H N N 179 
GOL H12  H N N 180 
GOL HO1  H N N 181 
GOL H2   H N N 182 
GOL HO2  H N N 183 
GOL H31  H N N 184 
GOL H32  H N N 185 
GOL HO3  H N N 186 
HIS N    N N N 187 
HIS CA   C N S 188 
HIS C    C N N 189 
HIS O    O N N 190 
HIS CB   C N N 191 
HIS CG   C Y N 192 
HIS ND1  N Y N 193 
HIS CD2  C Y N 194 
HIS CE1  C Y N 195 
HIS NE2  N Y N 196 
HIS OXT  O N N 197 
HIS H    H N N 198 
HIS H2   H N N 199 
HIS HA   H N N 200 
HIS HB2  H N N 201 
HIS HB3  H N N 202 
HIS HD1  H N N 203 
HIS HD2  H N N 204 
HIS HE1  H N N 205 
HIS HE2  H N N 206 
HIS HXT  H N N 207 
HOH O    O N N 208 
HOH H1   H N N 209 
HOH H2   H N N 210 
ILE N    N N N 211 
ILE CA   C N S 212 
ILE C    C N N 213 
ILE O    O N N 214 
ILE CB   C N S 215 
ILE CG1  C N N 216 
ILE CG2  C N N 217 
ILE CD1  C N N 218 
ILE OXT  O N N 219 
ILE H    H N N 220 
ILE H2   H N N 221 
ILE HA   H N N 222 
ILE HB   H N N 223 
ILE HG12 H N N 224 
ILE HG13 H N N 225 
ILE HG21 H N N 226 
ILE HG22 H N N 227 
ILE HG23 H N N 228 
ILE HD11 H N N 229 
ILE HD12 H N N 230 
ILE HD13 H N N 231 
ILE HXT  H N N 232 
LEU N    N N N 233 
LEU CA   C N S 234 
LEU C    C N N 235 
LEU O    O N N 236 
LEU CB   C N N 237 
LEU CG   C N N 238 
LEU CD1  C N N 239 
LEU CD2  C N N 240 
LEU OXT  O N N 241 
LEU H    H N N 242 
LEU H2   H N N 243 
LEU HA   H N N 244 
LEU HB2  H N N 245 
LEU HB3  H N N 246 
LEU HG   H N N 247 
LEU HD11 H N N 248 
LEU HD12 H N N 249 
LEU HD13 H N N 250 
LEU HD21 H N N 251 
LEU HD22 H N N 252 
LEU HD23 H N N 253 
LEU HXT  H N N 254 
LYS N    N N N 255 
LYS CA   C N S 256 
LYS C    C N N 257 
LYS O    O N N 258 
LYS CB   C N N 259 
LYS CG   C N N 260 
LYS CD   C N N 261 
LYS CE   C N N 262 
LYS NZ   N N N 263 
LYS OXT  O N N 264 
LYS H    H N N 265 
LYS H2   H N N 266 
LYS HA   H N N 267 
LYS HB2  H N N 268 
LYS HB3  H N N 269 
LYS HG2  H N N 270 
LYS HG3  H N N 271 
LYS HD2  H N N 272 
LYS HD3  H N N 273 
LYS HE2  H N N 274 
LYS HE3  H N N 275 
LYS HZ1  H N N 276 
LYS HZ2  H N N 277 
LYS HZ3  H N N 278 
LYS HXT  H N N 279 
MET N    N N N 280 
MET CA   C N S 281 
MET C    C N N 282 
MET O    O N N 283 
MET CB   C N N 284 
MET CG   C N N 285 
MET SD   S N N 286 
MET CE   C N N 287 
MET OXT  O N N 288 
MET H    H N N 289 
MET H2   H N N 290 
MET HA   H N N 291 
MET HB2  H N N 292 
MET HB3  H N N 293 
MET HG2  H N N 294 
MET HG3  H N N 295 
MET HE1  H N N 296 
MET HE2  H N N 297 
MET HE3  H N N 298 
MET HXT  H N N 299 
NH2 N    N N N 300 
NH2 HN1  H N N 301 
NH2 HN2  H N N 302 
PHE N    N N N 303 
PHE CA   C N S 304 
PHE C    C N N 305 
PHE O    O N N 306 
PHE CB   C N N 307 
PHE CG   C Y N 308 
PHE CD1  C Y N 309 
PHE CD2  C Y N 310 
PHE CE1  C Y N 311 
PHE CE2  C Y N 312 
PHE CZ   C Y N 313 
PHE OXT  O N N 314 
PHE H    H N N 315 
PHE H2   H N N 316 
PHE HA   H N N 317 
PHE HB2  H N N 318 
PHE HB3  H N N 319 
PHE HD1  H N N 320 
PHE HD2  H N N 321 
PHE HE1  H N N 322 
PHE HE2  H N N 323 
PHE HZ   H N N 324 
PHE HXT  H N N 325 
PRO N    N N N 326 
PRO CA   C N S 327 
PRO C    C N N 328 
PRO O    O N N 329 
PRO CB   C N N 330 
PRO CG   C N N 331 
PRO CD   C N N 332 
PRO OXT  O N N 333 
PRO H    H N N 334 
PRO HA   H N N 335 
PRO HB2  H N N 336 
PRO HB3  H N N 337 
PRO HG2  H N N 338 
PRO HG3  H N N 339 
PRO HD2  H N N 340 
PRO HD3  H N N 341 
PRO HXT  H N N 342 
SER N    N N N 343 
SER CA   C N S 344 
SER C    C N N 345 
SER O    O N N 346 
SER CB   C N N 347 
SER OG   O N N 348 
SER OXT  O N N 349 
SER H    H N N 350 
SER H2   H N N 351 
SER HA   H N N 352 
SER HB2  H N N 353 
SER HB3  H N N 354 
SER HG   H N N 355 
SER HXT  H N N 356 
THR N    N N N 357 
THR CA   C N S 358 
THR C    C N N 359 
THR O    O N N 360 
THR CB   C N R 361 
THR OG1  O N N 362 
THR CG2  C N N 363 
THR OXT  O N N 364 
THR H    H N N 365 
THR H2   H N N 366 
THR HA   H N N 367 
THR HB   H N N 368 
THR HG1  H N N 369 
THR HG21 H N N 370 
THR HG22 H N N 371 
THR HG23 H N N 372 
THR HXT  H N N 373 
TRP N    N N N 374 
TRP CA   C N S 375 
TRP C    C N N 376 
TRP O    O N N 377 
TRP CB   C N N 378 
TRP CG   C Y N 379 
TRP CD1  C Y N 380 
TRP CD2  C Y N 381 
TRP NE1  N Y N 382 
TRP CE2  C Y N 383 
TRP CE3  C Y N 384 
TRP CZ2  C Y N 385 
TRP CZ3  C Y N 386 
TRP CH2  C Y N 387 
TRP OXT  O N N 388 
TRP H    H N N 389 
TRP H2   H N N 390 
TRP HA   H N N 391 
TRP HB2  H N N 392 
TRP HB3  H N N 393 
TRP HD1  H N N 394 
TRP HE1  H N N 395 
TRP HE3  H N N 396 
TRP HZ2  H N N 397 
TRP HZ3  H N N 398 
TRP HH2  H N N 399 
TRP HXT  H N N 400 
TYR N    N N N 401 
TYR CA   C N S 402 
TYR C    C N N 403 
TYR O    O N N 404 
TYR CB   C N N 405 
TYR CG   C Y N 406 
TYR CD1  C Y N 407 
TYR CD2  C Y N 408 
TYR CE1  C Y N 409 
TYR CE2  C Y N 410 
TYR CZ   C Y N 411 
TYR OH   O N N 412 
TYR OXT  O N N 413 
TYR H    H N N 414 
TYR H2   H N N 415 
TYR HA   H N N 416 
TYR HB2  H N N 417 
TYR HB3  H N N 418 
TYR HD1  H N N 419 
TYR HD2  H N N 420 
TYR HE1  H N N 421 
TYR HE2  H N N 422 
TYR HH   H N N 423 
TYR HXT  H N N 424 
VAL N    N N N 425 
VAL CA   C N S 426 
VAL C    C N N 427 
VAL O    O N N 428 
VAL CB   C N N 429 
VAL CG1  C N N 430 
VAL CG2  C N N 431 
VAL OXT  O N N 432 
VAL H    H N N 433 
VAL H2   H N N 434 
VAL HA   H N N 435 
VAL HB   H N N 436 
VAL HG11 H N N 437 
VAL HG12 H N N 438 
VAL HG13 H N N 439 
VAL HG21 H N N 440 
VAL HG22 H N N 441 
VAL HG23 H N N 442 
VAL HXT  H N N 443 
# 
loop_
_chem_comp_bond.comp_id 
_chem_comp_bond.atom_id_1 
_chem_comp_bond.atom_id_2 
_chem_comp_bond.value_order 
_chem_comp_bond.pdbx_aromatic_flag 
_chem_comp_bond.pdbx_stereo_config 
_chem_comp_bond.pdbx_ordinal 
ACE C   O    doub N N 1   
ACE C   CH3  sing N N 2   
ACE C   H    sing N N 3   
ACE CH3 H1   sing N N 4   
ACE CH3 H2   sing N N 5   
ACE CH3 H3   sing N N 6   
ALA N   CA   sing N N 7   
ALA N   H    sing N N 8   
ALA N   H2   sing N N 9   
ALA CA  C    sing N N 10  
ALA CA  CB   sing N N 11  
ALA CA  HA   sing N N 12  
ALA C   O    doub N N 13  
ALA C   OXT  sing N N 14  
ALA CB  HB1  sing N N 15  
ALA CB  HB2  sing N N 16  
ALA CB  HB3  sing N N 17  
ALA OXT HXT  sing N N 18  
ALY OH  CH   doub N N 19  
ALY CH  CH3  sing N N 20  
ALY CH  NZ   sing N N 21  
ALY CH3 HH31 sing N N 22  
ALY CH3 HH32 sing N N 23  
ALY CH3 HH33 sing N N 24  
ALY NZ  CE   sing N N 25  
ALY NZ  HZ   sing N N 26  
ALY CE  CD   sing N N 27  
ALY CE  HE3  sing N N 28  
ALY CE  HE2  sing N N 29  
ALY CD  CG   sing N N 30  
ALY CD  HD3  sing N N 31  
ALY CD  HD2  sing N N 32  
ALY CG  CB   sing N N 33  
ALY CG  HG3  sing N N 34  
ALY CG  HG2  sing N N 35  
ALY CB  CA   sing N N 36  
ALY CB  HB3  sing N N 37  
ALY CB  HB2  sing N N 38  
ALY CA  N    sing N N 39  
ALY CA  C    sing N N 40  
ALY CA  HA   sing N N 41  
ALY N   H    sing N N 42  
ALY N   H2   sing N N 43  
ALY C   O    doub N N 44  
ALY C   OXT  sing N N 45  
ALY OXT HXT  sing N N 46  
ARG N   CA   sing N N 47  
ARG N   H    sing N N 48  
ARG N   H2   sing N N 49  
ARG CA  C    sing N N 50  
ARG CA  CB   sing N N 51  
ARG CA  HA   sing N N 52  
ARG C   O    doub N N 53  
ARG C   OXT  sing N N 54  
ARG CB  CG   sing N N 55  
ARG CB  HB2  sing N N 56  
ARG CB  HB3  sing N N 57  
ARG CG  CD   sing N N 58  
ARG CG  HG2  sing N N 59  
ARG CG  HG3  sing N N 60  
ARG CD  NE   sing N N 61  
ARG CD  HD2  sing N N 62  
ARG CD  HD3  sing N N 63  
ARG NE  CZ   sing N N 64  
ARG NE  HE   sing N N 65  
ARG CZ  NH1  sing N N 66  
ARG CZ  NH2  doub N N 67  
ARG NH1 HH11 sing N N 68  
ARG NH1 HH12 sing N N 69  
ARG NH2 HH21 sing N N 70  
ARG NH2 HH22 sing N N 71  
ARG OXT HXT  sing N N 72  
ASN N   CA   sing N N 73  
ASN N   H    sing N N 74  
ASN N   H2   sing N N 75  
ASN CA  C    sing N N 76  
ASN CA  CB   sing N N 77  
ASN CA  HA   sing N N 78  
ASN C   O    doub N N 79  
ASN C   OXT  sing N N 80  
ASN CB  CG   sing N N 81  
ASN CB  HB2  sing N N 82  
ASN CB  HB3  sing N N 83  
ASN CG  OD1  doub N N 84  
ASN CG  ND2  sing N N 85  
ASN ND2 HD21 sing N N 86  
ASN ND2 HD22 sing N N 87  
ASN OXT HXT  sing N N 88  
ASP N   CA   sing N N 89  
ASP N   H    sing N N 90  
ASP N   H2   sing N N 91  
ASP CA  C    sing N N 92  
ASP CA  CB   sing N N 93  
ASP CA  HA   sing N N 94  
ASP C   O    doub N N 95  
ASP C   OXT  sing N N 96  
ASP CB  CG   sing N N 97  
ASP CB  HB2  sing N N 98  
ASP CB  HB3  sing N N 99  
ASP CG  OD1  doub N N 100 
ASP CG  OD2  sing N N 101 
ASP OD2 HD2  sing N N 102 
ASP OXT HXT  sing N N 103 
CYS N   CA   sing N N 104 
CYS N   H    sing N N 105 
CYS N   H2   sing N N 106 
CYS CA  C    sing N N 107 
CYS CA  CB   sing N N 108 
CYS CA  HA   sing N N 109 
CYS C   O    doub N N 110 
CYS C   OXT  sing N N 111 
CYS CB  SG   sing N N 112 
CYS CB  HB2  sing N N 113 
CYS CB  HB3  sing N N 114 
CYS SG  HG   sing N N 115 
CYS OXT HXT  sing N N 116 
GLN N   CA   sing N N 117 
GLN N   H    sing N N 118 
GLN N   H2   sing N N 119 
GLN CA  C    sing N N 120 
GLN CA  CB   sing N N 121 
GLN CA  HA   sing N N 122 
GLN C   O    doub N N 123 
GLN C   OXT  sing N N 124 
GLN CB  CG   sing N N 125 
GLN CB  HB2  sing N N 126 
GLN CB  HB3  sing N N 127 
GLN CG  CD   sing N N 128 
GLN CG  HG2  sing N N 129 
GLN CG  HG3  sing N N 130 
GLN CD  OE1  doub N N 131 
GLN CD  NE2  sing N N 132 
GLN NE2 HE21 sing N N 133 
GLN NE2 HE22 sing N N 134 
GLN OXT HXT  sing N N 135 
GLU N   CA   sing N N 136 
GLU N   H    sing N N 137 
GLU N   H2   sing N N 138 
GLU CA  C    sing N N 139 
GLU CA  CB   sing N N 140 
GLU CA  HA   sing N N 141 
GLU C   O    doub N N 142 
GLU C   OXT  sing N N 143 
GLU CB  CG   sing N N 144 
GLU CB  HB2  sing N N 145 
GLU CB  HB3  sing N N 146 
GLU CG  CD   sing N N 147 
GLU CG  HG2  sing N N 148 
GLU CG  HG3  sing N N 149 
GLU CD  OE1  doub N N 150 
GLU CD  OE2  sing N N 151 
GLU OE2 HE2  sing N N 152 
GLU OXT HXT  sing N N 153 
GLY N   CA   sing N N 154 
GLY N   H    sing N N 155 
GLY N   H2   sing N N 156 
GLY CA  C    sing N N 157 
GLY CA  HA2  sing N N 158 
GLY CA  HA3  sing N N 159 
GLY C   O    doub N N 160 
GLY C   OXT  sing N N 161 
GLY OXT HXT  sing N N 162 
GOL C1  O1   sing N N 163 
GOL C1  C2   sing N N 164 
GOL C1  H11  sing N N 165 
GOL C1  H12  sing N N 166 
GOL O1  HO1  sing N N 167 
GOL C2  O2   sing N N 168 
GOL C2  C3   sing N N 169 
GOL C2  H2   sing N N 170 
GOL O2  HO2  sing N N 171 
GOL C3  O3   sing N N 172 
GOL C3  H31  sing N N 173 
GOL C3  H32  sing N N 174 
GOL O3  HO3  sing N N 175 
HIS N   CA   sing N N 176 
HIS N   H    sing N N 177 
HIS N   H2   sing N N 178 
HIS CA  C    sing N N 179 
HIS CA  CB   sing N N 180 
HIS CA  HA   sing N N 181 
HIS C   O    doub N N 182 
HIS C   OXT  sing N N 183 
HIS CB  CG   sing N N 184 
HIS CB  HB2  sing N N 185 
HIS CB  HB3  sing N N 186 
HIS CG  ND1  sing Y N 187 
HIS CG  CD2  doub Y N 188 
HIS ND1 CE1  doub Y N 189 
HIS ND1 HD1  sing N N 190 
HIS CD2 NE2  sing Y N 191 
HIS CD2 HD2  sing N N 192 
HIS CE1 NE2  sing Y N 193 
HIS CE1 HE1  sing N N 194 
HIS NE2 HE2  sing N N 195 
HIS OXT HXT  sing N N 196 
HOH O   H1   sing N N 197 
HOH O   H2   sing N N 198 
ILE N   CA   sing N N 199 
ILE N   H    sing N N 200 
ILE N   H2   sing N N 201 
ILE CA  C    sing N N 202 
ILE CA  CB   sing N N 203 
ILE CA  HA   sing N N 204 
ILE C   O    doub N N 205 
ILE C   OXT  sing N N 206 
ILE CB  CG1  sing N N 207 
ILE CB  CG2  sing N N 208 
ILE CB  HB   sing N N 209 
ILE CG1 CD1  sing N N 210 
ILE CG1 HG12 sing N N 211 
ILE CG1 HG13 sing N N 212 
ILE CG2 HG21 sing N N 213 
ILE CG2 HG22 sing N N 214 
ILE CG2 HG23 sing N N 215 
ILE CD1 HD11 sing N N 216 
ILE CD1 HD12 sing N N 217 
ILE CD1 HD13 sing N N 218 
ILE OXT HXT  sing N N 219 
LEU N   CA   sing N N 220 
LEU N   H    sing N N 221 
LEU N   H2   sing N N 222 
LEU CA  C    sing N N 223 
LEU CA  CB   sing N N 224 
LEU CA  HA   sing N N 225 
LEU C   O    doub N N 226 
LEU C   OXT  sing N N 227 
LEU CB  CG   sing N N 228 
LEU CB  HB2  sing N N 229 
LEU CB  HB3  sing N N 230 
LEU CG  CD1  sing N N 231 
LEU CG  CD2  sing N N 232 
LEU CG  HG   sing N N 233 
LEU CD1 HD11 sing N N 234 
LEU CD1 HD12 sing N N 235 
LEU CD1 HD13 sing N N 236 
LEU CD2 HD21 sing N N 237 
LEU CD2 HD22 sing N N 238 
LEU CD2 HD23 sing N N 239 
LEU OXT HXT  sing N N 240 
LYS N   CA   sing N N 241 
LYS N   H    sing N N 242 
LYS N   H2   sing N N 243 
LYS CA  C    sing N N 244 
LYS CA  CB   sing N N 245 
LYS CA  HA   sing N N 246 
LYS C   O    doub N N 247 
LYS C   OXT  sing N N 248 
LYS CB  CG   sing N N 249 
LYS CB  HB2  sing N N 250 
LYS CB  HB3  sing N N 251 
LYS CG  CD   sing N N 252 
LYS CG  HG2  sing N N 253 
LYS CG  HG3  sing N N 254 
LYS CD  CE   sing N N 255 
LYS CD  HD2  sing N N 256 
LYS CD  HD3  sing N N 257 
LYS CE  NZ   sing N N 258 
LYS CE  HE2  sing N N 259 
LYS CE  HE3  sing N N 260 
LYS NZ  HZ1  sing N N 261 
LYS NZ  HZ2  sing N N 262 
LYS NZ  HZ3  sing N N 263 
LYS OXT HXT  sing N N 264 
MET N   CA   sing N N 265 
MET N   H    sing N N 266 
MET N   H2   sing N N 267 
MET CA  C    sing N N 268 
MET CA  CB   sing N N 269 
MET CA  HA   sing N N 270 
MET C   O    doub N N 271 
MET C   OXT  sing N N 272 
MET CB  CG   sing N N 273 
MET CB  HB2  sing N N 274 
MET CB  HB3  sing N N 275 
MET CG  SD   sing N N 276 
MET CG  HG2  sing N N 277 
MET CG  HG3  sing N N 278 
MET SD  CE   sing N N 279 
MET CE  HE1  sing N N 280 
MET CE  HE2  sing N N 281 
MET CE  HE3  sing N N 282 
MET OXT HXT  sing N N 283 
NH2 N   HN1  sing N N 284 
NH2 N   HN2  sing N N 285 
PHE N   CA   sing N N 286 
PHE N   H    sing N N 287 
PHE N   H2   sing N N 288 
PHE CA  C    sing N N 289 
PHE CA  CB   sing N N 290 
PHE CA  HA   sing N N 291 
PHE C   O    doub N N 292 
PHE C   OXT  sing N N 293 
PHE CB  CG   sing N N 294 
PHE CB  HB2  sing N N 295 
PHE CB  HB3  sing N N 296 
PHE CG  CD1  doub Y N 297 
PHE CG  CD2  sing Y N 298 
PHE CD1 CE1  sing Y N 299 
PHE CD1 HD1  sing N N 300 
PHE CD2 CE2  doub Y N 301 
PHE CD2 HD2  sing N N 302 
PHE CE1 CZ   doub Y N 303 
PHE CE1 HE1  sing N N 304 
PHE CE2 CZ   sing Y N 305 
PHE CE2 HE2  sing N N 306 
PHE CZ  HZ   sing N N 307 
PHE OXT HXT  sing N N 308 
PRO N   CA   sing N N 309 
PRO N   CD   sing N N 310 
PRO N   H    sing N N 311 
PRO CA  C    sing N N 312 
PRO CA  CB   sing N N 313 
PRO CA  HA   sing N N 314 
PRO C   O    doub N N 315 
PRO C   OXT  sing N N 316 
PRO CB  CG   sing N N 317 
PRO CB  HB2  sing N N 318 
PRO CB  HB3  sing N N 319 
PRO CG  CD   sing N N 320 
PRO CG  HG2  sing N N 321 
PRO CG  HG3  sing N N 322 
PRO CD  HD2  sing N N 323 
PRO CD  HD3  sing N N 324 
PRO OXT HXT  sing N N 325 
SER N   CA   sing N N 326 
SER N   H    sing N N 327 
SER N   H2   sing N N 328 
SER CA  C    sing N N 329 
SER CA  CB   sing N N 330 
SER CA  HA   sing N N 331 
SER C   O    doub N N 332 
SER C   OXT  sing N N 333 
SER CB  OG   sing N N 334 
SER CB  HB2  sing N N 335 
SER CB  HB3  sing N N 336 
SER OG  HG   sing N N 337 
SER OXT HXT  sing N N 338 
THR N   CA   sing N N 339 
THR N   H    sing N N 340 
THR N   H2   sing N N 341 
THR CA  C    sing N N 342 
THR CA  CB   sing N N 343 
THR CA  HA   sing N N 344 
THR C   O    doub N N 345 
THR C   OXT  sing N N 346 
THR CB  OG1  sing N N 347 
THR CB  CG2  sing N N 348 
THR CB  HB   sing N N 349 
THR OG1 HG1  sing N N 350 
THR CG2 HG21 sing N N 351 
THR CG2 HG22 sing N N 352 
THR CG2 HG23 sing N N 353 
THR OXT HXT  sing N N 354 
TRP N   CA   sing N N 355 
TRP N   H    sing N N 356 
TRP N   H2   sing N N 357 
TRP CA  C    sing N N 358 
TRP CA  CB   sing N N 359 
TRP CA  HA   sing N N 360 
TRP C   O    doub N N 361 
TRP C   OXT  sing N N 362 
TRP CB  CG   sing N N 363 
TRP CB  HB2  sing N N 364 
TRP CB  HB3  sing N N 365 
TRP CG  CD1  doub Y N 366 
TRP CG  CD2  sing Y N 367 
TRP CD1 NE1  sing Y N 368 
TRP CD1 HD1  sing N N 369 
TRP CD2 CE2  doub Y N 370 
TRP CD2 CE3  sing Y N 371 
TRP NE1 CE2  sing Y N 372 
TRP NE1 HE1  sing N N 373 
TRP CE2 CZ2  sing Y N 374 
TRP CE3 CZ3  doub Y N 375 
TRP CE3 HE3  sing N N 376 
TRP CZ2 CH2  doub Y N 377 
TRP CZ2 HZ2  sing N N 378 
TRP CZ3 CH2  sing Y N 379 
TRP CZ3 HZ3  sing N N 380 
TRP CH2 HH2  sing N N 381 
TRP OXT HXT  sing N N 382 
TYR N   CA   sing N N 383 
TYR N   H    sing N N 384 
TYR N   H2   sing N N 385 
TYR CA  C    sing N N 386 
TYR CA  CB   sing N N 387 
TYR CA  HA   sing N N 388 
TYR C   O    doub N N 389 
TYR C   OXT  sing N N 390 
TYR CB  CG   sing N N 391 
TYR CB  HB2  sing N N 392 
TYR CB  HB3  sing N N 393 
TYR CG  CD1  doub Y N 394 
TYR CG  CD2  sing Y N 395 
TYR CD1 CE1  sing Y N 396 
TYR CD1 HD1  sing N N 397 
TYR CD2 CE2  doub Y N 398 
TYR CD2 HD2  sing N N 399 
TYR CE1 CZ   doub Y N 400 
TYR CE1 HE1  sing N N 401 
TYR CE2 CZ   sing Y N 402 
TYR CE2 HE2  sing N N 403 
TYR CZ  OH   sing N N 404 
TYR OH  HH   sing N N 405 
TYR OXT HXT  sing N N 406 
VAL N   CA   sing N N 407 
VAL N   H    sing N N 408 
VAL N   H2   sing N N 409 
VAL CA  C    sing N N 410 
VAL CA  CB   sing N N 411 
VAL CA  HA   sing N N 412 
VAL C   O    doub N N 413 
VAL C   OXT  sing N N 414 
VAL CB  CG1  sing N N 415 
VAL CB  CG2  sing N N 416 
VAL CB  HB   sing N N 417 
VAL CG1 HG11 sing N N 418 
VAL CG1 HG12 sing N N 419 
VAL CG1 HG13 sing N N 420 
VAL CG2 HG21 sing N N 421 
VAL CG2 HG22 sing N N 422 
VAL CG2 HG23 sing N N 423 
VAL OXT HXT  sing N N 424 
# 
_pdbx_audit_support.funding_organization   'National Health and Medical Research Council (NHMRC, Australia)' 
_pdbx_audit_support.country                Australia 
_pdbx_audit_support.grant_number           APP1161623 
_pdbx_audit_support.ordinal                1 
# 
_pdbx_entity_instance_feature.ordinal        1 
_pdbx_entity_instance_feature.comp_id        ALY 
_pdbx_entity_instance_feature.asym_id        ? 
_pdbx_entity_instance_feature.seq_num        ? 
_pdbx_entity_instance_feature.auth_comp_id   ALY 
_pdbx_entity_instance_feature.auth_asym_id   ? 
_pdbx_entity_instance_feature.auth_seq_num   ? 
_pdbx_entity_instance_feature.feature_type   'SUBJECT OF INVESTIGATION' 
_pdbx_entity_instance_feature.details        ? 
# 
loop_
_pdbx_entity_nonpoly.entity_id 
_pdbx_entity_nonpoly.name 
_pdbx_entity_nonpoly.comp_id 
3 'AMINO GROUP' NH2 
4 GLYCEROL      GOL 
5 water         HOH 
# 
_pdbx_initial_refinement_model.id               1 
_pdbx_initial_refinement_model.entity_id_list   ? 
_pdbx_initial_refinement_model.type             'experimental model' 
_pdbx_initial_refinement_model.source_name      PDB 
_pdbx_initial_refinement_model.accession_code   5UVV 
_pdbx_initial_refinement_model.details          ? 
# 
_pdbx_struct_assembly_auth_evidence.id                     1 
_pdbx_struct_assembly_auth_evidence.assembly_id            1 
_pdbx_struct_assembly_auth_evidence.experimental_support   'surface plasmon resonance' 
_pdbx_struct_assembly_auth_evidence.details                ? 
# 
_space_group.name_H-M_alt     'P 2 21 21' 
_space_group.name_Hall        'P 2 2ab (z,x,y)' 
_space_group.IT_number        18 
_space_group.crystal_system   orthorhombic 
_space_group.id               1 
# 
